data_7X1J
#
_entry.id   7X1J
#
loop_
_entity.id
_entity.type
_entity.pdbx_description
1 polymer 'Isoform 1 of Solute carrier family 4 member 11'
2 non-polymer '[(2R)-1-octadecanoyloxy-3-[oxidanyl-[(1R,2R,3S,4R,5R,6S)-2,3,6-tris(oxidanyl)-4,5-diphosphonooxy-cyclohexyl]oxy-phospho ryl]oxy-propan-2-yl] (8Z)-icosa-5,8,11,14-tetraenoate'
#
_entity_poly.entity_id   1
_entity_poly.type   'polypeptide(L)'
_entity_poly.pdbx_seq_one_letter_code
;MSQVGGRGDRCTQEVQGLVHGAGDLSASLAENSPTMSQNGYFEDSSYYKCDTDDTFEAREEILGDEAFDTANSSIVSGES
IRFFVNVNLEMQATNTENEATSGGCVLLHTSRKYLKLKNFKEEIRAHRDLDGFLAQASIVLNETATSLDNVLRTMLRRFA
RDPDNNEPNCNLDLLMAMLFTDAGAPMRGKVHLLSDTIQGVTATVTGVRYQQSWLCIICTMKALQKRHVCISRLVRPQNW
GENSCEVRFVILVLAPPKMKSTKTAMEVARTFATMFSDIAFRQKLLETRTEEEFKEALVHQRQLLTMVSHGPVAPRTKER
STVSLPAHRHPEPPKCKDFVPFGKGIREDIARRFPLYPLDFTDGIIGKNKAVGKYITTTLFLYFACLLPTIAFGSLNDEN
TDGAIDVQKTIAGQSIGGLLYALFSGQPLVILLTTAPLALYIQVIRVICDDYDLDFNSFYAWTGLWNSFFLALYAFFNLS
LVMSLFKRSTEEIIALFISITFVLDAVKGTVKIFWKYYYGHYLDDYHTKRTSSLVSLSGLGASLNASLHTALNASFLASP
TELPSATHSGQATAVLSLLIMLGTLWLGYTLYQFKKSPYLHPCVREILSDCALPIAVLAFSLISSHGFREIEMSKFRYNP
SESPFAMAQIQSLSLRAVSGAMGLGFLLSMLFFIEQNLVAALVNAPENRLVKGTAYHWDLLLLAIINTGLSLFGLPWIHA
AYPHSPLHVRALALVEERVENGHIYDTIVNVKETRLTSLGASVLVGLSLLLLPVPLQWIPKPVLYGLFLYIALTSLDGNQ
LVQRVALLLKEQTAYPPTHYIRRVPQRKIHYFTGLQVLQLLLLCAFGMSSLPYMKMIFPLIMIAMIPIRYILLPRIIEAK
YLDVMDAEHRP
;
_entity_poly.pdbx_strand_id   B,A
#
loop_
_chem_comp.id
_chem_comp.type
_chem_comp.name
_chem_comp.formula
PT5 non-polymer '[(2R)-1-octadecanoyloxy-3-[oxidanyl-[(1R,2R,3S,4R,5R,6S)-2,3,6-tris(oxidanyl)-4,5-diphosphonooxy-cyclohexyl]oxy-phospho ryl]oxy-propan-2-yl] (8Z)-icosa-5,8,11,14-tetraenoate' 'C47 H85 O19 P3'
#
# COMPACT_ATOMS: atom_id res chain seq x y z
N GLY A 104 -10.17 40.91 -8.87
CA GLY A 104 -9.65 39.59 -8.60
C GLY A 104 -10.14 38.54 -9.57
N CYS A 105 -9.54 38.50 -10.75
CA CYS A 105 -9.93 37.52 -11.77
C CYS A 105 -9.52 36.12 -11.34
N VAL A 106 -10.40 35.16 -11.57
CA VAL A 106 -10.18 33.76 -11.24
C VAL A 106 -10.48 32.91 -12.47
N LEU A 107 -10.09 31.64 -12.40
CA LEU A 107 -10.28 30.70 -13.48
C LEU A 107 -11.31 29.65 -13.06
N LEU A 108 -12.34 29.47 -13.88
CA LEU A 108 -13.39 28.51 -13.61
C LEU A 108 -13.22 27.30 -14.52
N HIS A 109 -13.06 26.12 -13.91
CA HIS A 109 -12.89 24.87 -14.64
C HIS A 109 -14.21 24.11 -14.61
N THR A 110 -14.83 23.96 -15.77
CA THR A 110 -16.07 23.22 -15.91
C THR A 110 -15.81 21.93 -16.68
N SER A 111 -16.25 20.81 -16.10
CA SER A 111 -16.08 19.49 -16.70
C SER A 111 -17.44 18.85 -16.88
N ARG A 112 -17.71 18.36 -18.10
CA ARG A 112 -18.97 17.72 -18.44
C ARG A 112 -18.72 16.28 -18.81
N LYS A 113 -19.45 15.36 -18.18
CA LYS A 113 -19.30 13.94 -18.43
C LYS A 113 -20.67 13.29 -18.50
N TYR A 114 -20.83 12.34 -19.42
CA TYR A 114 -22.09 11.61 -19.55
C TYR A 114 -22.17 10.52 -18.50
N LEU A 115 -23.32 10.45 -17.83
CA LEU A 115 -23.57 9.45 -16.80
C LEU A 115 -24.69 8.52 -17.27
N LYS A 116 -24.45 7.21 -17.14
CA LYS A 116 -25.44 6.23 -17.56
C LYS A 116 -26.69 6.31 -16.68
N LEU A 117 -27.85 6.11 -17.29
CA LEU A 117 -29.10 6.12 -16.53
C LEU A 117 -29.12 4.98 -15.53
N LYS A 118 -29.62 5.28 -14.33
CA LYS A 118 -29.68 4.28 -13.28
C LYS A 118 -30.58 3.12 -13.67
N ASN A 119 -30.11 1.90 -13.45
CA ASN A 119 -30.84 0.69 -13.83
C ASN A 119 -31.65 0.22 -12.63
N PHE A 120 -32.94 0.58 -12.61
CA PHE A 120 -33.81 0.12 -11.53
C PHE A 120 -34.01 -1.39 -11.57
N LYS A 121 -34.01 -1.97 -12.77
CA LYS A 121 -34.23 -3.42 -12.89
C LYS A 121 -33.10 -4.19 -12.23
N GLU A 122 -31.85 -3.76 -12.40
CA GLU A 122 -30.70 -4.47 -11.88
C GLU A 122 -30.20 -3.90 -10.56
N GLU A 123 -29.93 -2.60 -10.50
CA GLU A 123 -29.36 -2.01 -9.29
C GLU A 123 -30.43 -1.84 -8.24
N ILE A 124 -30.18 -2.38 -7.05
CA ILE A 124 -31.11 -2.25 -5.93
C ILE A 124 -30.94 -0.93 -5.20
N ARG A 125 -29.80 -0.27 -5.37
CA ARG A 125 -29.56 0.96 -4.63
C ARG A 125 -30.57 2.03 -5.02
N ALA A 126 -30.98 2.05 -6.29
CA ALA A 126 -32.00 3.02 -6.69
C ALA A 126 -33.28 2.83 -5.88
N HIS A 127 -33.73 1.58 -5.73
CA HIS A 127 -34.92 1.31 -4.94
C HIS A 127 -34.70 1.67 -3.48
N ARG A 128 -33.51 1.36 -2.93
CA ARG A 128 -33.25 1.69 -1.54
C ARG A 128 -33.24 3.20 -1.32
N ASP A 129 -32.62 3.95 -2.23
CA ASP A 129 -32.60 5.41 -2.10
C ASP A 129 -34.00 6.00 -2.23
N LEU A 130 -34.81 5.46 -3.16
CA LEU A 130 -36.17 5.96 -3.30
C LEU A 130 -37.00 5.66 -2.05
N ASP A 131 -36.84 4.47 -1.48
CA ASP A 131 -37.54 4.15 -0.24
C ASP A 131 -37.10 5.04 0.91
N GLY A 132 -35.79 5.29 1.02
CA GLY A 132 -35.31 6.20 2.05
C GLY A 132 -35.84 7.61 1.89
N PHE A 133 -35.89 8.09 0.64
CA PHE A 133 -36.47 9.41 0.38
C PHE A 133 -37.94 9.44 0.75
N LEU A 134 -38.69 8.38 0.40
CA LEU A 134 -40.12 8.33 0.73
C LEU A 134 -40.32 8.31 2.25
N ALA A 135 -39.43 7.64 2.98
CA ALA A 135 -39.56 7.60 4.44
C ALA A 135 -39.43 9.00 5.05
N GLN A 136 -38.53 9.82 4.50
CA GLN A 136 -38.27 11.15 5.02
C GLN A 136 -38.47 12.20 3.93
N ALA A 137 -39.61 12.16 3.25
CA ALA A 137 -39.85 13.03 2.11
C ALA A 137 -39.77 14.50 2.49
N SER A 138 -39.07 15.28 1.67
CA SER A 138 -39.00 16.73 1.77
C SER A 138 -39.44 17.26 0.41
N ILE A 139 -40.75 17.38 0.22
CA ILE A 139 -41.33 17.76 -1.06
C ILE A 139 -41.94 19.15 -0.93
N VAL A 140 -41.52 20.07 -1.79
CA VAL A 140 -42.03 21.44 -1.82
C VAL A 140 -42.94 21.56 -3.02
N LEU A 141 -44.22 21.81 -2.77
CA LEU A 141 -45.23 21.92 -3.82
C LEU A 141 -45.63 23.38 -4.00
N ASN A 142 -45.72 23.80 -5.26
CA ASN A 142 -46.14 25.15 -5.63
C ASN A 142 -45.23 26.21 -5.00
N GLU A 143 -43.95 26.12 -5.35
CA GLU A 143 -42.97 27.09 -4.89
C GLU A 143 -43.10 28.37 -5.72
N THR A 144 -43.41 29.47 -5.06
CA THR A 144 -43.66 30.74 -5.75
C THR A 144 -42.38 31.53 -6.02
N ALA A 145 -41.24 31.09 -5.50
CA ALA A 145 -39.99 31.80 -5.74
C ALA A 145 -39.60 31.73 -7.20
N THR A 146 -39.20 32.87 -7.76
CA THR A 146 -38.84 32.97 -9.17
C THR A 146 -37.32 32.94 -9.39
N SER A 147 -36.53 32.80 -8.34
CA SER A 147 -35.09 32.79 -8.43
C SER A 147 -34.52 31.49 -7.86
N LEU A 148 -33.37 31.08 -8.38
CA LEU A 148 -32.73 29.87 -7.91
C LEU A 148 -32.31 30.00 -6.45
N ASP A 149 -31.80 31.17 -6.06
CA ASP A 149 -31.32 31.36 -4.70
C ASP A 149 -32.44 31.19 -3.69
N ASN A 150 -33.61 31.78 -3.96
CA ASN A 150 -34.72 31.68 -3.03
C ASN A 150 -35.23 30.24 -2.92
N VAL A 151 -35.30 29.53 -4.05
CA VAL A 151 -35.74 28.14 -4.03
C VAL A 151 -34.77 27.29 -3.22
N LEU A 152 -33.47 27.49 -3.43
CA LEU A 152 -32.47 26.72 -2.70
C LEU A 152 -32.54 27.03 -1.20
N ARG A 153 -32.70 28.30 -0.84
CA ARG A 153 -32.81 28.65 0.57
C ARG A 153 -34.06 28.06 1.20
N THR A 154 -35.17 28.04 0.45
CA THR A 154 -36.40 27.42 0.96
C THR A 154 -36.20 25.92 1.17
N MET A 155 -35.54 25.25 0.23
CA MET A 155 -35.29 23.82 0.38
C MET A 155 -34.38 23.54 1.57
N LEU A 156 -33.35 24.37 1.76
CA LEU A 156 -32.47 24.21 2.92
C LEU A 156 -33.22 24.43 4.22
N ARG A 157 -34.11 25.43 4.24
CA ARG A 157 -34.93 25.66 5.43
C ARG A 157 -35.85 24.48 5.70
N ARG A 158 -36.38 23.86 4.64
CA ARG A 158 -37.15 22.64 4.79
C ARG A 158 -36.30 21.52 5.40
N PHE A 159 -35.03 21.43 4.96
CA PHE A 159 -34.11 20.47 5.58
C PHE A 159 -33.92 20.76 7.06
N ALA A 160 -33.77 22.03 7.42
CA ALA A 160 -33.58 22.41 8.81
C ALA A 160 -34.92 22.64 9.50
N LEU A 172 -30.14 28.74 5.77
CA LEU A 172 -28.88 29.22 6.33
C LEU A 172 -27.92 29.62 5.23
N ASP A 173 -27.13 30.66 5.48
CA ASP A 173 -26.20 31.16 4.47
C ASP A 173 -24.97 30.26 4.33
N LEU A 174 -24.53 29.65 5.42
CA LEU A 174 -23.36 28.77 5.35
C LEU A 174 -23.61 27.59 4.43
N LEU A 175 -24.77 26.94 4.58
CA LEU A 175 -25.14 25.86 3.67
C LEU A 175 -25.36 26.39 2.26
N MET A 176 -25.98 27.58 2.14
CA MET A 176 -26.24 28.14 0.84
C MET A 176 -24.96 28.46 0.09
N ALA A 177 -23.96 28.99 0.79
CA ALA A 177 -22.70 29.38 0.13
C ALA A 177 -21.99 28.17 -0.46
N MET A 178 -21.97 27.06 0.27
CA MET A 178 -21.27 25.86 -0.20
C MET A 178 -21.93 25.24 -1.42
N LEU A 179 -23.20 25.58 -1.70
CA LEU A 179 -23.86 25.07 -2.89
C LEU A 179 -23.18 25.57 -4.15
N PHE A 180 -22.80 26.85 -4.16
CA PHE A 180 -22.16 27.46 -5.32
C PHE A 180 -20.64 27.40 -5.19
N THR A 181 -19.95 27.88 -6.21
CA THR A 181 -18.49 27.91 -6.21
C THR A 181 -17.97 29.21 -5.60
N VAL A 191 -27.48 29.20 -11.97
CA VAL A 191 -27.29 27.80 -12.33
C VAL A 191 -25.86 27.58 -12.82
N HIS A 192 -25.37 28.50 -13.66
CA HIS A 192 -24.03 28.37 -14.22
C HIS A 192 -22.94 28.52 -13.16
N LEU A 193 -23.27 29.03 -11.99
CA LEU A 193 -22.32 29.14 -10.89
C LEU A 193 -22.41 27.96 -9.92
N LEU A 194 -23.32 27.02 -10.14
CA LEU A 194 -23.45 25.87 -9.26
C LEU A 194 -22.25 24.95 -9.42
N SER A 195 -21.81 24.36 -8.30
CA SER A 195 -20.62 23.52 -8.33
C SER A 195 -20.87 22.22 -9.08
N ASP A 196 -21.97 21.54 -8.78
CA ASP A 196 -22.26 20.24 -9.36
C ASP A 196 -23.73 20.19 -9.77
N THR A 197 -23.99 19.76 -11.01
CA THR A 197 -25.35 19.65 -11.51
C THR A 197 -25.43 18.47 -12.46
N ILE A 198 -26.64 17.92 -12.58
CA ILE A 198 -26.94 16.84 -13.51
C ILE A 198 -28.16 17.25 -14.33
N GLN A 199 -28.05 17.14 -15.65
CA GLN A 199 -29.13 17.49 -16.55
C GLN A 199 -29.29 16.40 -17.60
N GLY A 200 -30.51 16.25 -18.10
CA GLY A 200 -30.81 15.24 -19.10
C GLY A 200 -30.53 15.76 -20.50
N VAL A 201 -30.02 14.87 -21.35
CA VAL A 201 -29.70 15.18 -22.73
C VAL A 201 -30.39 14.18 -23.65
N THR A 202 -31.00 14.69 -24.71
CA THR A 202 -31.72 13.86 -25.67
C THR A 202 -30.88 13.72 -26.93
N ALA A 203 -30.70 12.48 -27.39
CA ALA A 203 -29.92 12.21 -28.58
C ALA A 203 -30.63 12.70 -29.84
N VAL A 208 -27.86 16.51 -29.73
CA VAL A 208 -27.79 16.61 -28.28
C VAL A 208 -28.58 17.82 -27.80
N ARG A 209 -29.80 17.58 -27.30
CA ARG A 209 -30.67 18.63 -26.80
C ARG A 209 -30.81 18.47 -25.29
N TYR A 210 -30.55 19.55 -24.56
CA TYR A 210 -30.66 19.53 -23.11
C TYR A 210 -32.11 19.56 -22.67
N GLN A 211 -32.39 18.99 -21.50
CA GLN A 211 -33.72 18.98 -20.90
C GLN A 211 -33.79 20.12 -19.90
N GLN A 212 -34.41 21.23 -20.31
CA GLN A 212 -34.55 22.40 -19.46
C GLN A 212 -35.68 22.26 -18.45
N SER A 213 -36.49 21.21 -18.56
CA SER A 213 -37.67 21.08 -17.69
C SER A 213 -37.28 20.93 -16.23
N TRP A 214 -36.23 20.15 -15.95
CA TRP A 214 -35.85 19.85 -14.58
C TRP A 214 -34.37 20.12 -14.39
N LEU A 215 -33.96 20.19 -13.11
CA LEU A 215 -32.57 20.44 -12.75
C LEU A 215 -32.27 19.69 -11.45
N CYS A 216 -31.07 19.12 -11.37
CA CYS A 216 -30.63 18.35 -10.21
C CYS A 216 -29.36 19.00 -9.67
N ILE A 217 -29.44 19.52 -8.44
CA ILE A 217 -28.32 20.20 -7.80
C ILE A 217 -27.70 19.27 -6.76
N ILE A 218 -26.38 19.18 -6.77
CA ILE A 218 -25.64 18.25 -5.91
C ILE A 218 -24.61 19.04 -5.11
N CYS A 219 -24.44 18.66 -3.84
CA CYS A 219 -23.43 19.28 -2.99
C CYS A 219 -22.97 18.27 -1.96
N THR A 220 -21.78 18.52 -1.42
CA THR A 220 -21.18 17.66 -0.40
C THR A 220 -20.83 18.52 0.81
N MET A 221 -21.27 18.07 1.99
CA MET A 221 -21.05 18.80 3.24
C MET A 221 -20.47 17.84 4.27
N LYS A 222 -19.39 18.28 4.94
CA LYS A 222 -18.76 17.46 5.96
C LYS A 222 -19.52 17.46 7.28
N ALA A 223 -20.45 18.39 7.46
CA ALA A 223 -21.20 18.50 8.71
C ALA A 223 -22.47 17.65 8.73
N LEU A 224 -22.75 16.92 7.66
CA LEU A 224 -23.95 16.11 7.56
C LEU A 224 -23.65 14.66 7.92
N GLN A 225 -24.63 13.99 8.52
CA GLN A 225 -24.52 12.60 8.91
C GLN A 225 -25.32 11.65 8.03
N LYS A 226 -26.38 12.14 7.39
CA LYS A 226 -27.23 11.34 6.51
C LYS A 226 -27.29 11.99 5.13
N ARG A 227 -28.04 11.35 4.23
CA ARG A 227 -28.26 11.85 2.89
C ARG A 227 -29.64 12.50 2.83
N HIS A 228 -29.68 13.77 2.43
CA HIS A 228 -30.91 14.54 2.37
C HIS A 228 -31.22 14.89 0.92
N VAL A 229 -32.42 14.53 0.47
CA VAL A 229 -32.89 14.79 -0.89
C VAL A 229 -34.18 15.58 -0.82
N CYS A 230 -34.24 16.70 -1.52
CA CYS A 230 -35.43 17.53 -1.58
C CYS A 230 -35.85 17.73 -3.03
N ILE A 231 -37.15 17.65 -3.28
CA ILE A 231 -37.73 17.88 -4.60
C ILE A 231 -38.71 19.03 -4.49
N SER A 232 -38.47 20.10 -5.25
CA SER A 232 -39.30 21.28 -5.24
C SER A 232 -39.88 21.53 -6.62
N ARG A 233 -41.19 21.77 -6.68
CA ARG A 233 -41.87 22.03 -7.94
C ARG A 233 -42.26 23.51 -7.99
N LEU A 234 -41.95 24.16 -9.12
CA LEU A 234 -42.20 25.57 -9.30
C LEU A 234 -43.58 25.79 -9.91
N VAL A 235 -44.23 26.88 -9.50
CA VAL A 235 -45.56 27.20 -10.03
C VAL A 235 -45.48 27.49 -11.53
N ARG A 236 -44.48 28.26 -11.95
CA ARG A 236 -44.30 28.66 -13.33
C ARG A 236 -42.88 28.40 -13.78
N PRO A 237 -42.67 28.17 -15.07
CA PRO A 237 -41.30 27.97 -15.57
C PRO A 237 -40.45 29.21 -15.38
N GLN A 238 -39.17 28.99 -15.11
CA GLN A 238 -38.22 30.06 -14.86
C GLN A 238 -37.05 29.94 -15.82
N ASN A 239 -36.57 31.10 -16.29
CA ASN A 239 -35.45 31.16 -17.23
C ASN A 239 -34.18 31.44 -16.42
N TRP A 240 -33.53 30.37 -15.97
CA TRP A 240 -32.33 30.47 -15.14
C TRP A 240 -31.04 30.34 -15.92
N GLY A 241 -31.09 30.18 -17.24
CA GLY A 241 -29.89 30.06 -18.02
C GLY A 241 -30.19 29.52 -19.41
N GLU A 242 -29.10 29.27 -20.15
CA GLU A 242 -29.22 28.75 -21.50
C GLU A 242 -29.88 27.38 -21.51
N ASN A 243 -29.46 26.49 -20.61
CA ASN A 243 -29.99 25.14 -20.52
C ASN A 243 -30.99 24.99 -19.37
N SER A 244 -31.45 26.10 -18.80
CA SER A 244 -32.40 26.06 -17.68
C SER A 244 -33.48 27.11 -17.88
N CYS A 245 -34.01 27.22 -19.10
CA CYS A 245 -35.00 28.24 -19.42
C CYS A 245 -36.42 27.83 -19.05
N GLU A 246 -36.66 26.56 -18.73
CA GLU A 246 -38.00 26.07 -18.43
C GLU A 246 -37.99 25.19 -17.19
N VAL A 247 -37.29 25.64 -16.14
CA VAL A 247 -37.16 24.84 -14.93
C VAL A 247 -38.49 24.75 -14.22
N ARG A 248 -38.89 23.52 -13.87
CA ARG A 248 -40.12 23.30 -13.12
C ARG A 248 -39.83 22.46 -11.88
N PHE A 249 -38.77 21.66 -11.93
CA PHE A 249 -38.39 20.78 -10.84
C PHE A 249 -36.94 21.04 -10.45
N VAL A 250 -36.69 21.18 -9.15
CA VAL A 250 -35.35 21.35 -8.61
C VAL A 250 -35.09 20.23 -7.62
N ILE A 251 -34.00 19.49 -7.83
CA ILE A 251 -33.64 18.35 -7.00
C ILE A 251 -32.31 18.68 -6.32
N LEU A 252 -32.34 18.79 -4.99
CA LEU A 252 -31.15 19.04 -4.19
C LEU A 252 -30.79 17.77 -3.44
N VAL A 253 -29.57 17.30 -3.63
CA VAL A 253 -29.07 16.10 -2.97
C VAL A 253 -27.85 16.49 -2.15
N LEU A 254 -27.93 16.27 -0.83
CA LEU A 254 -26.84 16.58 0.08
C LEU A 254 -26.41 15.29 0.77
N ALA A 255 -25.12 14.99 0.71
CA ALA A 255 -24.56 13.78 1.31
C ALA A 255 -23.20 14.09 1.90
N PRO A 256 -22.80 13.36 2.94
CA PRO A 256 -21.45 13.54 3.49
C PRO A 256 -20.41 12.96 2.56
N PRO A 257 -19.17 13.49 2.60
CA PRO A 257 -18.14 12.95 1.71
C PRO A 257 -17.81 11.48 1.97
N LYS A 258 -17.88 11.04 3.22
CA LYS A 258 -17.51 9.67 3.58
C LYS A 258 -18.75 8.78 3.47
N MET A 259 -18.91 8.15 2.32
CA MET A 259 -20.02 7.23 2.08
C MET A 259 -19.58 6.18 1.08
N LYS A 260 -20.36 5.10 1.01
CA LYS A 260 -20.06 4.02 0.08
C LYS A 260 -20.15 4.50 -1.35
N SER A 261 -19.33 3.88 -2.22
CA SER A 261 -19.27 4.28 -3.62
C SER A 261 -20.60 4.09 -4.35
N THR A 262 -21.48 3.23 -3.83
CA THR A 262 -22.78 3.02 -4.45
C THR A 262 -23.84 4.00 -3.95
N LYS A 263 -23.58 4.68 -2.85
CA LYS A 263 -24.53 5.66 -2.32
C LYS A 263 -23.91 7.03 -2.10
N THR A 264 -23.01 7.42 -2.98
CA THR A 264 -22.41 8.75 -2.91
C THR A 264 -23.42 9.80 -3.36
N ALA A 265 -22.98 11.06 -3.36
CA ALA A 265 -23.86 12.15 -3.80
C ALA A 265 -24.24 12.00 -5.27
N MET A 266 -23.28 11.59 -6.10
CA MET A 266 -23.56 11.39 -7.52
C MET A 266 -24.54 10.24 -7.72
N GLU A 267 -24.35 9.13 -7.00
CA GLU A 267 -25.19 7.95 -7.20
C GLU A 267 -26.63 8.23 -6.81
N VAL A 268 -26.85 8.89 -5.67
CA VAL A 268 -28.21 9.16 -5.21
C VAL A 268 -28.90 10.10 -6.19
N ALA A 269 -28.17 11.09 -6.71
CA ALA A 269 -28.75 12.02 -7.68
C ALA A 269 -29.11 11.30 -8.97
N ARG A 270 -28.31 10.31 -9.37
CA ARG A 270 -28.60 9.56 -10.60
C ARG A 270 -29.92 8.80 -10.49
N THR A 271 -30.28 8.34 -9.29
CA THR A 271 -31.55 7.67 -9.11
C THR A 271 -32.72 8.60 -9.42
N PHE A 272 -32.67 9.83 -8.90
CA PHE A 272 -33.72 10.79 -9.19
C PHE A 272 -33.62 11.38 -10.58
N ALA A 273 -32.39 11.55 -11.09
CA ALA A 273 -32.23 12.06 -12.45
C ALA A 273 -32.81 11.12 -13.48
N THR A 274 -32.62 9.81 -13.28
CA THR A 274 -33.17 8.83 -14.23
C THR A 274 -34.69 8.87 -14.25
N MET A 275 -35.31 8.97 -13.07
CA MET A 275 -36.77 9.04 -13.01
C MET A 275 -37.30 10.31 -13.67
N PHE A 276 -36.65 11.44 -13.40
CA PHE A 276 -37.07 12.71 -13.98
C PHE A 276 -36.67 12.86 -15.43
N SER A 277 -35.82 11.97 -15.97
CA SER A 277 -35.45 12.01 -17.37
C SER A 277 -36.61 11.65 -18.30
N ASP A 278 -37.69 11.08 -17.77
CA ASP A 278 -38.84 10.71 -18.57
C ASP A 278 -39.79 11.91 -18.63
N ILE A 279 -40.10 12.36 -19.85
CA ILE A 279 -41.00 13.50 -20.02
C ILE A 279 -42.40 13.15 -19.54
N ALA A 280 -42.83 11.91 -19.76
CA ALA A 280 -44.17 11.50 -19.32
C ALA A 280 -44.30 11.56 -17.81
N PHE A 281 -43.25 11.14 -17.09
CA PHE A 281 -43.30 11.18 -15.63
C PHE A 281 -43.39 12.61 -15.12
N ARG A 282 -42.66 13.54 -15.74
CA ARG A 282 -42.72 14.94 -15.33
C ARG A 282 -44.12 15.51 -15.55
N GLN A 283 -44.76 15.14 -16.65
CA GLN A 283 -46.13 15.59 -16.90
C GLN A 283 -47.08 15.07 -15.84
N LYS A 284 -46.92 13.82 -15.43
CA LYS A 284 -47.76 13.26 -14.37
C LYS A 284 -47.54 14.00 -13.05
N LEU A 285 -46.29 14.37 -12.75
CA LEU A 285 -46.02 15.13 -11.54
C LEU A 285 -46.72 16.48 -11.57
N LEU A 286 -46.73 17.15 -12.72
CA LEU A 286 -47.42 18.43 -12.84
C LEU A 286 -48.92 18.28 -12.60
N GLU A 287 -49.48 17.12 -12.94
CA GLU A 287 -50.91 16.89 -12.74
C GLU A 287 -51.24 16.65 -11.27
N THR A 288 -50.27 16.19 -10.48
CA THR A 288 -50.52 15.95 -9.06
C THR A 288 -50.81 17.24 -8.33
N ARG A 289 -51.70 17.15 -7.33
CA ARG A 289 -52.13 18.30 -6.55
C ARG A 289 -51.68 18.27 -5.10
N THR A 290 -51.51 17.08 -4.52
CA THR A 290 -51.15 16.94 -3.12
C THR A 290 -49.84 16.17 -2.98
N GLU A 291 -49.22 16.31 -1.81
CA GLU A 291 -47.94 15.65 -1.57
C GLU A 291 -48.08 14.14 -1.59
N GLU A 292 -49.18 13.60 -1.05
CA GLU A 292 -49.39 12.16 -1.07
C GLU A 292 -49.48 11.62 -2.48
N GLU A 293 -50.20 12.32 -3.36
CA GLU A 293 -50.26 11.89 -4.76
C GLU A 293 -48.91 12.04 -5.45
N PHE A 294 -48.11 13.03 -5.04
CA PHE A 294 -46.76 13.17 -5.59
C PHE A 294 -45.91 11.96 -5.25
N LYS A 295 -46.03 11.46 -4.01
CA LYS A 295 -45.31 10.26 -3.62
C LYS A 295 -45.80 9.05 -4.42
N GLU A 296 -47.11 8.96 -4.65
CA GLU A 296 -47.66 7.84 -5.41
C GLU A 296 -47.11 7.82 -6.83
N ALA A 297 -46.97 8.99 -7.46
CA ALA A 297 -46.37 9.05 -8.78
C ALA A 297 -44.93 8.56 -8.76
N LEU A 298 -44.17 8.92 -7.71
CA LEU A 298 -42.81 8.41 -7.57
C LEU A 298 -42.80 6.90 -7.44
N VAL A 299 -43.71 6.35 -6.63
CA VAL A 299 -43.80 4.90 -6.50
C VAL A 299 -44.24 4.26 -7.80
N HIS A 300 -45.24 4.86 -8.47
CA HIS A 300 -45.72 4.30 -9.73
C HIS A 300 -44.64 4.32 -10.81
N GLN A 301 -43.86 5.40 -10.86
CA GLN A 301 -42.78 5.48 -11.84
C GLN A 301 -41.74 4.40 -11.60
N ARG A 302 -41.44 4.10 -10.33
CA ARG A 302 -40.49 3.05 -10.01
C ARG A 302 -40.96 1.70 -10.54
N GLN A 303 -42.26 1.42 -10.43
CA GLN A 303 -42.79 0.15 -10.93
C GLN A 303 -42.60 0.04 -12.44
N LEU A 304 -42.84 1.13 -13.17
CA LEU A 304 -42.63 1.11 -14.62
C LEU A 304 -41.15 0.88 -14.95
N LEU A 305 -40.25 1.55 -14.23
CA LEU A 305 -38.82 1.33 -14.45
C LEU A 305 -38.40 -0.08 -14.04
N THR A 306 -38.97 -0.59 -12.94
CA THR A 306 -38.60 -1.92 -12.48
C THR A 306 -39.04 -3.00 -13.46
N MET A 307 -40.24 -2.86 -14.03
CA MET A 307 -40.77 -3.86 -14.96
C MET A 307 -40.15 -3.69 -16.34
N CYS A 336 -29.21 -35.34 -24.27
CA CYS A 336 -29.29 -33.99 -24.81
C CYS A 336 -28.88 -33.96 -26.28
N LYS A 337 -29.04 -32.80 -26.92
CA LYS A 337 -28.63 -32.66 -28.31
C LYS A 337 -27.13 -32.84 -28.46
N ASP A 338 -26.34 -32.31 -27.52
CA ASP A 338 -24.90 -32.48 -27.56
C ASP A 338 -24.53 -33.94 -27.31
N PHE A 339 -23.24 -34.25 -27.52
CA PHE A 339 -22.61 -35.54 -27.34
C PHE A 339 -22.99 -36.56 -28.41
N VAL A 340 -23.94 -36.24 -29.29
CA VAL A 340 -24.34 -37.17 -30.35
C VAL A 340 -23.17 -37.39 -31.32
N PRO A 341 -22.48 -36.33 -31.82
CA PRO A 341 -21.23 -36.57 -32.54
C PRO A 341 -20.09 -36.78 -31.56
N PHE A 342 -19.63 -38.03 -31.45
CA PHE A 342 -18.59 -38.35 -30.48
C PHE A 342 -17.28 -37.64 -30.79
N GLY A 343 -16.83 -37.74 -32.05
CA GLY A 343 -15.51 -37.23 -32.41
C GLY A 343 -15.43 -35.75 -32.68
N LYS A 344 -16.56 -35.05 -32.78
CA LYS A 344 -16.54 -33.64 -33.16
C LYS A 344 -15.74 -32.80 -32.18
N GLY A 345 -15.76 -33.16 -30.89
CA GLY A 345 -15.03 -32.39 -29.90
C GLY A 345 -13.54 -32.39 -30.15
N ILE A 346 -12.97 -33.57 -30.43
CA ILE A 346 -11.54 -33.65 -30.71
C ILE A 346 -11.20 -33.01 -32.05
N ARG A 347 -12.03 -33.27 -33.07
CA ARG A 347 -11.75 -32.74 -34.40
C ARG A 347 -11.83 -31.21 -34.42
N GLU A 348 -12.86 -30.65 -33.78
CA GLU A 348 -13.05 -29.19 -33.83
C GLU A 348 -11.94 -28.45 -33.11
N ASP A 349 -11.48 -28.98 -31.97
CA ASP A 349 -10.41 -28.33 -31.23
C ASP A 349 -9.12 -28.27 -32.04
N ILE A 350 -8.79 -29.35 -32.74
CA ILE A 350 -7.62 -29.34 -33.62
C ILE A 350 -7.81 -28.32 -34.74
N ALA A 351 -9.01 -28.29 -35.33
CA ALA A 351 -9.28 -27.33 -36.39
C ALA A 351 -9.20 -25.90 -35.90
N ARG A 352 -9.54 -25.65 -34.63
CA ARG A 352 -9.45 -24.31 -34.07
C ARG A 352 -8.02 -23.90 -33.74
N ARG A 353 -7.13 -24.85 -33.49
CA ARG A 353 -5.78 -24.57 -33.05
C ARG A 353 -4.71 -24.76 -34.11
N PHE A 354 -4.93 -25.65 -35.08
CA PHE A 354 -3.90 -25.90 -36.09
C PHE A 354 -3.54 -24.68 -36.91
N PRO A 355 -4.49 -23.89 -37.45
CA PRO A 355 -4.07 -22.70 -38.20
C PRO A 355 -3.31 -21.68 -37.37
N LEU A 356 -3.53 -21.64 -36.06
CA LEU A 356 -2.89 -20.68 -35.18
C LEU A 356 -1.58 -21.20 -34.59
N TYR A 357 -1.14 -22.39 -34.99
CA TYR A 357 0.09 -22.95 -34.43
C TYR A 357 1.31 -22.09 -34.70
N PRO A 358 1.59 -21.63 -35.92
CA PRO A 358 2.78 -20.78 -36.13
C PRO A 358 2.76 -19.49 -35.32
N LEU A 359 1.58 -18.92 -35.06
CA LEU A 359 1.50 -17.69 -34.29
C LEU A 359 1.98 -17.90 -32.86
N ASP A 360 1.88 -19.12 -32.34
CA ASP A 360 2.30 -19.39 -30.96
C ASP A 360 3.79 -19.15 -30.77
N PHE A 361 4.60 -19.46 -31.78
CA PHE A 361 6.05 -19.29 -31.70
C PHE A 361 6.53 -17.94 -32.19
N THR A 362 5.63 -17.10 -32.71
CA THR A 362 6.02 -15.78 -33.20
C THR A 362 5.09 -14.68 -32.73
N ASP A 363 4.34 -14.92 -31.64
CA ASP A 363 3.40 -13.91 -31.16
C ASP A 363 4.13 -12.68 -30.64
N GLY A 364 5.23 -12.87 -29.93
CA GLY A 364 5.96 -11.74 -29.36
C GLY A 364 7.44 -11.73 -29.73
N ILE A 365 7.80 -12.46 -30.78
CA ILE A 365 9.19 -12.53 -31.25
C ILE A 365 9.36 -11.80 -32.57
N ILE A 366 8.46 -12.02 -33.52
CA ILE A 366 8.53 -11.43 -34.84
C ILE A 366 7.53 -10.29 -34.93
N GLY A 367 7.98 -9.14 -35.43
CA GLY A 367 7.12 -7.99 -35.56
C GLY A 367 7.29 -6.98 -34.44
N LYS A 368 6.24 -6.21 -34.16
CA LYS A 368 6.29 -5.20 -33.12
C LYS A 368 5.90 -5.81 -31.77
N ASN A 369 6.00 -5.00 -30.72
CA ASN A 369 5.65 -5.41 -29.36
C ASN A 369 6.41 -6.66 -28.95
N LYS A 370 7.71 -6.68 -29.22
CA LYS A 370 8.56 -7.82 -28.90
C LYS A 370 8.68 -7.95 -27.39
N ALA A 371 8.01 -8.94 -26.81
CA ALA A 371 8.07 -9.20 -25.37
C ALA A 371 9.10 -10.28 -25.09
N VAL A 372 10.36 -9.91 -25.26
CA VAL A 372 11.46 -10.85 -25.03
C VAL A 372 11.77 -10.96 -23.54
N GLY A 373 11.79 -9.83 -22.83
CA GLY A 373 12.02 -9.86 -21.40
C GLY A 373 10.93 -10.60 -20.65
N LYS A 374 9.68 -10.43 -21.08
CA LYS A 374 8.57 -11.14 -20.45
C LYS A 374 8.71 -12.64 -20.62
N TYR A 375 9.09 -13.10 -21.81
CA TYR A 375 9.22 -14.53 -22.06
C TYR A 375 10.35 -15.13 -21.25
N ILE A 376 11.50 -14.45 -21.17
CA ILE A 376 12.63 -14.97 -20.42
C ILE A 376 12.30 -15.04 -18.94
N THR A 377 11.69 -13.99 -18.40
CA THR A 377 11.32 -13.98 -16.99
C THR A 377 10.28 -15.05 -16.68
N THR A 378 9.27 -15.18 -17.54
CA THR A 378 8.24 -16.19 -17.31
C THR A 378 8.81 -17.60 -17.34
N THR A 379 9.71 -17.86 -18.29
CA THR A 379 10.37 -19.16 -18.33
C THR A 379 11.19 -19.41 -17.06
N LEU A 380 11.91 -18.38 -16.61
CA LEU A 380 12.65 -18.51 -15.35
C LEU A 380 11.71 -18.72 -14.17
N PHE A 381 10.60 -18.00 -14.14
CA PHE A 381 9.61 -18.18 -13.07
C PHE A 381 9.03 -19.59 -13.11
N LEU A 382 8.66 -20.06 -14.31
CA LEU A 382 8.11 -21.40 -14.42
C LEU A 382 9.14 -22.46 -14.06
N TYR A 383 10.41 -22.24 -14.42
CA TYR A 383 11.45 -23.21 -14.12
C TYR A 383 11.60 -23.43 -12.63
N PHE A 384 11.65 -22.35 -11.85
CA PHE A 384 11.77 -22.48 -10.40
C PHE A 384 10.47 -22.97 -9.78
N ALA A 385 9.32 -22.46 -10.24
CA ALA A 385 8.05 -22.84 -9.66
C ALA A 385 7.66 -24.28 -9.95
N CYS A 386 8.31 -24.92 -10.93
CA CYS A 386 8.01 -26.30 -11.28
C CYS A 386 9.07 -27.29 -10.81
N LEU A 387 10.35 -26.93 -10.92
CA LEU A 387 11.41 -27.86 -10.56
C LEU A 387 11.39 -28.19 -9.07
N LEU A 388 11.21 -27.18 -8.23
CA LEU A 388 11.23 -27.42 -6.79
C LEU A 388 10.07 -28.28 -6.29
N PRO A 389 8.80 -28.04 -6.66
CA PRO A 389 7.73 -28.96 -6.20
C PRO A 389 7.91 -30.38 -6.69
N THR A 390 8.38 -30.57 -7.92
CA THR A 390 8.67 -31.91 -8.40
C THR A 390 9.77 -32.56 -7.57
N ILE A 391 10.75 -31.78 -7.14
CA ILE A 391 11.79 -32.30 -6.26
C ILE A 391 11.19 -32.80 -4.96
N ALA A 392 10.30 -32.01 -4.35
CA ALA A 392 9.65 -32.44 -3.11
C ALA A 392 8.77 -33.66 -3.35
N PHE A 393 8.00 -33.64 -4.44
CA PHE A 393 7.12 -34.77 -4.75
C PHE A 393 7.93 -36.01 -5.11
N GLY A 394 9.05 -35.83 -5.81
CA GLY A 394 9.92 -36.97 -6.10
C GLY A 394 10.49 -37.60 -4.85
N SER A 395 10.92 -36.77 -3.90
CA SER A 395 11.39 -37.28 -2.61
C SER A 395 10.24 -37.94 -1.84
N LEU A 396 9.05 -37.34 -1.91
CA LEU A 396 7.88 -37.94 -1.26
C LEU A 396 7.57 -39.32 -1.82
N ASN A 397 7.66 -39.46 -3.15
CA ASN A 397 7.49 -40.78 -3.76
C ASN A 397 8.62 -41.72 -3.34
N ASP A 398 9.83 -41.19 -3.19
CA ASP A 398 10.97 -42.03 -2.81
C ASP A 398 10.77 -42.65 -1.43
N GLU A 399 10.28 -41.86 -0.47
CA GLU A 399 10.08 -42.37 0.88
C GLU A 399 8.81 -43.19 1.03
N ASN A 400 7.89 -43.11 0.05
CA ASN A 400 6.69 -43.92 0.09
C ASN A 400 6.84 -45.24 -0.66
N THR A 401 7.50 -45.22 -1.82
CA THR A 401 7.67 -46.40 -2.64
C THR A 401 8.98 -47.12 -2.39
N ASP A 402 9.80 -46.64 -1.44
CA ASP A 402 11.07 -47.25 -1.09
C ASP A 402 11.98 -47.39 -2.31
N GLY A 403 12.14 -46.30 -3.05
CA GLY A 403 13.05 -46.24 -4.16
C GLY A 403 12.47 -46.63 -5.50
N ALA A 404 11.22 -47.11 -5.55
CA ALA A 404 10.61 -47.47 -6.82
C ALA A 404 10.47 -46.26 -7.73
N ILE A 405 10.03 -45.13 -7.18
CA ILE A 405 9.94 -43.86 -7.89
C ILE A 405 10.76 -42.83 -7.13
N ASP A 406 11.69 -42.18 -7.83
CA ASP A 406 12.61 -41.26 -7.17
C ASP A 406 12.58 -39.88 -7.79
N VAL A 407 13.51 -39.02 -7.37
CA VAL A 407 13.57 -37.64 -7.88
C VAL A 407 13.88 -37.64 -9.38
N GLN A 408 14.78 -38.53 -9.80
CA GLN A 408 15.18 -38.57 -11.20
C GLN A 408 13.99 -38.87 -12.11
N LYS A 409 13.19 -39.87 -11.75
CA LYS A 409 12.03 -40.23 -12.57
C LYS A 409 10.97 -39.13 -12.55
N THR A 410 10.74 -38.53 -11.37
CA THR A 410 9.71 -37.49 -11.27
C THR A 410 10.07 -36.28 -12.12
N ILE A 411 11.33 -35.86 -12.09
CA ILE A 411 11.75 -34.73 -12.91
C ILE A 411 11.74 -35.09 -14.38
N ALA A 412 12.19 -36.30 -14.72
CA ALA A 412 12.17 -36.75 -16.11
C ALA A 412 10.75 -36.82 -16.65
N GLY A 413 9.81 -37.34 -15.84
CA GLY A 413 8.42 -37.36 -16.26
C GLY A 413 7.84 -35.97 -16.45
N GLN A 414 8.19 -35.04 -15.55
CA GLN A 414 7.71 -33.67 -15.68
C GLN A 414 8.27 -33.02 -16.95
N SER A 415 9.55 -33.23 -17.24
CA SER A 415 10.16 -32.61 -18.41
C SER A 415 9.57 -33.18 -19.70
N ILE A 416 9.48 -34.50 -19.80
CA ILE A 416 8.95 -35.12 -21.01
C ILE A 416 7.47 -34.76 -21.19
N GLY A 417 6.70 -34.85 -20.10
CA GLY A 417 5.29 -34.50 -20.20
C GLY A 417 5.06 -33.03 -20.51
N GLY A 418 5.84 -32.16 -19.87
CA GLY A 418 5.72 -30.74 -20.15
C GLY A 418 6.13 -30.38 -21.57
N LEU A 419 7.21 -30.99 -22.06
CA LEU A 419 7.68 -30.71 -23.41
C LEU A 419 6.65 -31.16 -24.45
N LEU A 420 6.09 -32.36 -24.27
CA LEU A 420 5.09 -32.85 -25.20
C LEU A 420 3.82 -32.00 -25.15
N TYR A 421 3.38 -31.63 -23.95
CA TYR A 421 2.17 -30.82 -23.82
C TYR A 421 2.37 -29.43 -24.41
N ALA A 422 3.55 -28.85 -24.23
CA ALA A 422 3.83 -27.53 -24.78
C ALA A 422 3.85 -27.53 -26.30
N LEU A 423 4.02 -28.69 -26.93
CA LEU A 423 4.13 -28.76 -28.38
C LEU A 423 2.80 -29.10 -29.06
N PHE A 424 2.16 -30.18 -28.62
CA PHE A 424 1.01 -30.75 -29.35
C PHE A 424 -0.30 -30.59 -28.58
N SER A 425 -0.48 -29.48 -27.89
CA SER A 425 -1.72 -29.20 -27.17
C SER A 425 -2.18 -27.77 -27.44
N GLY A 426 -3.47 -27.60 -27.65
CA GLY A 426 -4.04 -26.28 -27.69
C GLY A 426 -4.10 -25.64 -26.32
N GLN A 427 -4.13 -24.31 -26.30
CA GLN A 427 -4.09 -23.52 -25.07
C GLN A 427 -2.84 -23.92 -24.29
N PRO A 428 -1.64 -23.54 -24.75
CA PRO A 428 -0.42 -24.03 -24.11
C PRO A 428 -0.11 -23.41 -22.77
N LEU A 429 -0.89 -22.43 -22.33
CA LEU A 429 -0.64 -21.78 -21.04
C LEU A 429 -0.86 -22.71 -19.86
N VAL A 430 -1.50 -23.87 -20.07
CA VAL A 430 -1.70 -24.83 -19.00
C VAL A 430 -0.37 -25.53 -18.71
N ILE A 431 -0.02 -25.59 -17.43
CA ILE A 431 1.24 -26.20 -16.98
C ILE A 431 0.91 -27.52 -16.31
N LEU A 432 1.58 -28.58 -16.76
CA LEU A 432 1.41 -29.90 -16.17
C LEU A 432 2.41 -30.11 -15.05
N LEU A 433 1.92 -30.62 -13.91
CA LEU A 433 2.80 -30.90 -12.78
C LEU A 433 2.14 -31.98 -11.92
N THR A 434 2.96 -32.79 -11.29
CA THR A 434 2.47 -33.77 -10.33
C THR A 434 1.98 -33.05 -9.08
N THR A 435 1.01 -33.67 -8.40
CA THR A 435 0.38 -33.08 -7.23
C THR A 435 0.40 -34.07 -6.07
N ALA A 436 0.17 -33.54 -4.87
CA ALA A 436 0.12 -34.38 -3.69
C ALA A 436 -0.96 -35.45 -3.74
N PRO A 437 -2.20 -35.18 -4.19
CA PRO A 437 -3.16 -36.29 -4.34
C PRO A 437 -2.68 -37.41 -5.25
N LEU A 438 -1.96 -37.07 -6.33
CA LEU A 438 -1.39 -38.11 -7.18
C LEU A 438 -0.35 -38.94 -6.43
N ALA A 439 0.45 -38.28 -5.58
CA ALA A 439 1.40 -39.01 -4.74
C ALA A 439 0.67 -39.92 -3.77
N LEU A 440 -0.49 -39.49 -3.29
CA LEU A 440 -1.29 -40.34 -2.41
C LEU A 440 -1.71 -41.63 -3.10
N TYR A 441 -2.13 -41.53 -4.36
CA TYR A 441 -2.49 -42.73 -5.12
C TYR A 441 -1.29 -43.65 -5.28
N ILE A 442 -0.11 -43.08 -5.55
CA ILE A 442 1.10 -43.89 -5.66
C ILE A 442 1.41 -44.57 -4.33
N GLN A 443 1.24 -43.85 -3.22
CA GLN A 443 1.43 -44.45 -1.91
C GLN A 443 0.42 -45.57 -1.66
N VAL A 444 -0.84 -45.36 -2.04
CA VAL A 444 -1.86 -46.39 -1.87
C VAL A 444 -1.54 -47.61 -2.73
N ILE A 445 -1.06 -47.37 -3.97
CA ILE A 445 -0.68 -48.48 -4.84
C ILE A 445 0.43 -49.30 -4.20
N ARG A 446 1.43 -48.63 -3.60
CA ARG A 446 2.50 -49.34 -2.92
C ARG A 446 1.97 -50.16 -1.75
N VAL A 447 1.03 -49.59 -0.99
CA VAL A 447 0.44 -50.32 0.13
C VAL A 447 -0.33 -51.54 -0.37
N ILE A 448 -1.09 -51.37 -1.45
CA ILE A 448 -1.82 -52.50 -2.04
C ILE A 448 -0.83 -53.56 -2.53
N CYS A 449 0.23 -53.12 -3.20
CA CYS A 449 1.24 -54.06 -3.68
C CYS A 449 1.99 -54.71 -2.52
N ASP A 450 2.08 -54.04 -1.37
CA ASP A 450 2.73 -54.65 -0.22
C ASP A 450 1.83 -55.70 0.44
N ASP A 451 0.52 -55.44 0.50
CA ASP A 451 -0.39 -56.37 1.14
C ASP A 451 -0.44 -57.70 0.40
N TYR A 452 -0.50 -57.66 -0.93
CA TYR A 452 -0.54 -58.85 -1.76
C TYR A 452 0.83 -59.11 -2.37
N ASP A 453 0.90 -60.13 -3.23
CA ASP A 453 2.12 -60.45 -3.96
C ASP A 453 1.97 -59.88 -5.37
N LEU A 454 2.10 -58.55 -5.47
CA LEU A 454 1.95 -57.84 -6.73
C LEU A 454 3.15 -56.92 -6.94
N ASP A 455 3.62 -56.85 -8.18
CA ASP A 455 4.71 -55.95 -8.52
C ASP A 455 4.20 -54.51 -8.56
N PHE A 456 4.96 -53.59 -7.95
CA PHE A 456 4.55 -52.19 -7.91
C PHE A 456 4.48 -51.60 -9.31
N ASN A 457 5.50 -51.84 -10.13
CA ASN A 457 5.53 -51.26 -11.48
C ASN A 457 4.41 -51.82 -12.35
N SER A 458 4.15 -53.13 -12.25
CA SER A 458 3.10 -53.74 -13.06
C SER A 458 1.73 -53.17 -12.69
N PHE A 459 1.42 -53.10 -11.40
CA PHE A 459 0.14 -52.55 -10.96
C PHE A 459 0.05 -51.06 -11.27
N TYR A 460 1.15 -50.32 -11.06
CA TYR A 460 1.15 -48.89 -11.35
C TYR A 460 0.89 -48.62 -12.83
N ALA A 461 1.49 -49.42 -13.70
CA ALA A 461 1.29 -49.24 -15.14
C ALA A 461 -0.16 -49.52 -15.53
N TRP A 462 -0.74 -50.59 -14.99
CA TRP A 462 -2.09 -50.99 -15.40
C TRP A 462 -3.13 -49.94 -15.01
N THR A 463 -3.05 -49.41 -13.79
CA THR A 463 -4.01 -48.39 -13.38
C THR A 463 -3.83 -47.11 -14.20
N GLY A 464 -2.59 -46.83 -14.61
CA GLY A 464 -2.37 -45.72 -15.52
C GLY A 464 -2.96 -45.99 -16.89
N LEU A 465 -2.87 -47.23 -17.37
CA LEU A 465 -3.49 -47.58 -18.65
C LEU A 465 -5.00 -47.40 -18.60
N TRP A 466 -5.64 -47.86 -17.53
CA TRP A 466 -7.08 -47.66 -17.39
C TRP A 466 -7.42 -46.19 -17.21
N ASN A 467 -6.57 -45.45 -16.49
CA ASN A 467 -6.79 -44.01 -16.33
C ASN A 467 -6.75 -43.31 -17.68
N SER A 468 -5.76 -43.64 -18.51
CA SER A 468 -5.69 -43.06 -19.85
C SER A 468 -6.85 -43.53 -20.71
N PHE A 469 -7.24 -44.81 -20.59
CA PHE A 469 -8.33 -45.34 -21.39
C PHE A 469 -9.64 -44.61 -21.08
N PHE A 470 -9.93 -44.40 -19.79
CA PHE A 470 -11.15 -43.68 -19.42
C PHE A 470 -11.06 -42.22 -19.82
N LEU A 471 -9.89 -41.60 -19.67
CA LEU A 471 -9.72 -40.22 -20.11
C LEU A 471 -9.90 -40.10 -21.62
N ALA A 472 -9.40 -41.09 -22.38
CA ALA A 472 -9.61 -41.08 -23.82
C ALA A 472 -11.09 -41.16 -24.16
N LEU A 473 -11.84 -41.99 -23.45
CA LEU A 473 -13.28 -42.06 -23.66
C LEU A 473 -13.96 -40.73 -23.33
N TYR A 474 -13.54 -40.10 -22.23
CA TYR A 474 -14.13 -38.83 -21.83
C TYR A 474 -13.93 -37.76 -22.91
N ALA A 475 -12.73 -37.68 -23.48
CA ALA A 475 -12.50 -36.77 -24.58
C ALA A 475 -13.27 -37.20 -25.83
N PHE A 476 -13.37 -38.52 -26.06
CA PHE A 476 -14.07 -39.03 -27.23
C PHE A 476 -15.59 -38.94 -27.11
N PHE A 477 -16.11 -38.81 -25.89
CA PHE A 477 -17.55 -38.65 -25.68
C PHE A 477 -17.93 -37.20 -25.40
N ASN A 478 -17.00 -36.26 -25.55
CA ASN A 478 -17.25 -34.82 -25.38
C ASN A 478 -17.81 -34.49 -24.00
N LEU A 479 -17.40 -35.26 -22.99
CA LEU A 479 -17.90 -35.05 -21.64
C LEU A 479 -17.39 -33.77 -21.00
N SER A 480 -16.39 -33.11 -21.61
CA SER A 480 -15.88 -31.86 -21.06
C SER A 480 -16.91 -30.74 -21.05
N LEU A 481 -17.98 -30.88 -21.85
CA LEU A 481 -19.00 -29.84 -21.92
C LEU A 481 -19.72 -29.67 -20.59
N VAL A 482 -19.99 -30.77 -19.89
CA VAL A 482 -20.71 -30.70 -18.62
C VAL A 482 -19.90 -29.96 -17.56
N MET A 483 -18.58 -29.85 -17.74
CA MET A 483 -17.75 -29.11 -16.80
C MET A 483 -18.03 -27.61 -16.82
N SER A 484 -18.75 -27.11 -17.83
CA SER A 484 -19.15 -25.71 -17.85
C SER A 484 -20.10 -25.37 -16.70
N LEU A 485 -20.73 -26.37 -16.10
CA LEU A 485 -21.57 -26.13 -14.92
C LEU A 485 -20.76 -25.63 -13.73
N PHE A 486 -19.45 -25.83 -13.74
CA PHE A 486 -18.57 -25.31 -12.68
C PHE A 486 -18.35 -23.82 -12.96
N LYS A 487 -19.27 -23.01 -12.45
CA LYS A 487 -19.21 -21.56 -12.63
C LYS A 487 -18.20 -20.97 -11.64
N ARG A 488 -18.16 -19.64 -11.56
CA ARG A 488 -17.24 -18.99 -10.64
C ARG A 488 -17.53 -19.35 -9.19
N SER A 489 -18.79 -19.70 -8.88
CA SER A 489 -19.16 -20.03 -7.51
C SER A 489 -18.39 -21.24 -7.00
N THR A 490 -18.26 -22.28 -7.82
CA THR A 490 -17.59 -23.50 -7.41
C THR A 490 -16.09 -23.49 -7.69
N GLU A 491 -15.67 -22.86 -8.79
CA GLU A 491 -14.25 -22.85 -9.15
C GLU A 491 -13.41 -22.16 -8.09
N GLU A 492 -13.89 -21.01 -7.58
CA GLU A 492 -13.10 -20.26 -6.60
C GLU A 492 -12.95 -21.03 -5.30
N ILE A 493 -14.00 -21.74 -4.87
CA ILE A 493 -13.92 -22.54 -3.65
C ILE A 493 -12.86 -23.63 -3.82
N ILE A 494 -12.88 -24.33 -4.95
CA ILE A 494 -11.85 -25.32 -5.24
C ILE A 494 -10.49 -24.64 -5.42
N ALA A 495 -10.49 -23.46 -6.05
CA ALA A 495 -9.25 -22.70 -6.20
C ALA A 495 -8.66 -22.33 -4.84
N LEU A 496 -9.51 -21.86 -3.91
CA LEU A 496 -9.02 -21.50 -2.58
C LEU A 496 -8.54 -22.72 -1.82
N PHE A 497 -9.23 -23.86 -1.96
CA PHE A 497 -8.86 -25.06 -1.22
C PHE A 497 -7.45 -25.54 -1.59
N ILE A 498 -7.13 -25.53 -2.88
CA ILE A 498 -5.80 -25.97 -3.31
C ILE A 498 -4.72 -25.03 -2.78
N SER A 499 -5.01 -23.73 -2.76
CA SER A 499 -4.07 -22.78 -2.17
C SER A 499 -3.85 -23.07 -0.68
N ILE A 500 -4.92 -23.47 0.03
CA ILE A 500 -4.79 -23.80 1.45
C ILE A 500 -3.92 -25.04 1.62
N THR A 501 -4.03 -26.00 0.69
CA THR A 501 -3.22 -27.22 0.79
C THR A 501 -1.73 -26.89 0.71
N PHE A 502 -1.34 -25.99 -0.20
CA PHE A 502 0.06 -25.58 -0.27
C PHE A 502 0.49 -24.86 1.00
N VAL A 503 -0.39 -24.09 1.60
CA VAL A 503 -0.08 -23.46 2.90
C VAL A 503 0.09 -24.52 3.97
N LEU A 504 -0.81 -25.51 4.00
CA LEU A 504 -0.73 -26.56 5.01
C LEU A 504 0.53 -27.41 4.82
N ASP A 505 0.91 -27.66 3.56
CA ASP A 505 2.12 -28.44 3.30
C ASP A 505 3.35 -27.75 3.85
N ALA A 506 3.45 -26.43 3.68
CA ALA A 506 4.55 -25.68 4.29
C ALA A 506 4.49 -25.74 5.80
N VAL A 507 3.29 -25.60 6.37
CA VAL A 507 3.15 -25.66 7.83
C VAL A 507 3.48 -27.05 8.35
N LYS A 508 2.97 -28.09 7.68
CA LYS A 508 3.26 -29.45 8.11
C LYS A 508 4.74 -29.77 7.99
N GLY A 509 5.38 -29.30 6.91
CA GLY A 509 6.81 -29.50 6.77
C GLY A 509 7.60 -28.80 7.87
N THR A 510 7.20 -27.58 8.23
CA THR A 510 7.86 -26.87 9.30
C THR A 510 7.73 -27.62 10.64
N VAL A 511 6.54 -28.14 10.91
CA VAL A 511 6.34 -28.93 12.13
C VAL A 511 7.20 -30.18 12.09
N LYS A 512 7.32 -30.81 10.91
CA LYS A 512 8.16 -32.01 10.78
C LYS A 512 9.62 -31.70 11.09
N ILE A 513 10.12 -30.55 10.62
CA ILE A 513 11.50 -30.17 10.91
C ILE A 513 11.67 -29.91 12.40
N PHE A 514 10.72 -29.18 13.00
CA PHE A 514 10.79 -28.91 14.44
C PHE A 514 10.72 -30.21 15.25
N TRP A 515 9.83 -31.11 14.87
CA TRP A 515 9.72 -32.38 15.59
C TRP A 515 11.01 -33.19 15.49
N LYS A 516 11.60 -33.25 14.31
CA LYS A 516 12.81 -34.06 14.12
C LYS A 516 14.04 -33.41 14.75
N TYR A 517 14.19 -32.09 14.58
CA TYR A 517 15.41 -31.40 14.97
C TYR A 517 15.30 -30.69 16.31
N TYR A 518 14.29 -29.81 16.45
CA TYR A 518 14.18 -29.01 17.67
C TYR A 518 13.94 -29.89 18.90
N TYR A 519 13.07 -30.88 18.77
CA TYR A 519 12.76 -31.79 19.87
C TYR A 519 13.58 -33.07 19.84
N GLY A 520 14.47 -33.22 18.85
CA GLY A 520 15.36 -34.37 18.81
C GLY A 520 14.67 -35.70 18.58
N HIS A 521 13.62 -35.71 17.75
CA HIS A 521 12.97 -36.97 17.40
C HIS A 521 13.34 -37.40 15.99
N GLY A 570 20.61 -29.16 15.57
CA GLY A 570 19.35 -29.49 16.22
C GLY A 570 18.37 -28.33 16.31
N GLN A 571 18.41 -27.62 17.44
CA GLN A 571 17.49 -26.49 17.63
C GLN A 571 17.80 -25.36 16.65
N ALA A 572 19.08 -25.15 16.35
CA ALA A 572 19.44 -24.10 15.39
C ALA A 572 18.86 -24.38 14.01
N THR A 573 18.86 -25.65 13.60
CA THR A 573 18.30 -26.01 12.30
C THR A 573 16.82 -25.65 12.21
N ALA A 574 16.04 -26.01 13.24
CA ALA A 574 14.62 -25.71 13.21
C ALA A 574 14.35 -24.21 13.24
N VAL A 575 15.07 -23.47 14.09
CA VAL A 575 14.88 -22.03 14.17
C VAL A 575 15.26 -21.37 12.85
N LEU A 576 16.38 -21.78 12.27
CA LEU A 576 16.78 -21.24 10.97
C LEU A 576 15.79 -21.63 9.89
N SER A 577 15.24 -22.85 9.97
CA SER A 577 14.23 -23.28 9.00
C SER A 577 13.02 -22.35 9.01
N LEU A 578 12.56 -21.96 10.20
CA LEU A 578 11.46 -21.01 10.28
C LEU A 578 11.86 -19.65 9.73
N LEU A 579 13.08 -19.20 10.05
CA LEU A 579 13.56 -17.92 9.56
C LEU A 579 13.67 -17.91 8.04
N ILE A 580 14.22 -18.97 7.46
CA ILE A 580 14.38 -19.03 6.01
C ILE A 580 13.03 -19.07 5.32
N MET A 581 12.09 -19.88 5.83
CA MET A 581 10.77 -19.98 5.22
C MET A 581 10.04 -18.63 5.25
N LEU A 582 10.03 -17.99 6.43
CA LEU A 582 9.38 -16.69 6.53
C LEU A 582 10.11 -15.64 5.70
N GLY A 583 11.44 -15.67 5.71
CA GLY A 583 12.20 -14.70 4.94
C GLY A 583 11.99 -14.82 3.45
N THR A 584 11.95 -16.07 2.95
CA THR A 584 11.72 -16.29 1.52
C THR A 584 10.35 -15.78 1.10
N LEU A 585 9.32 -16.03 1.92
CA LEU A 585 7.99 -15.51 1.63
C LEU A 585 7.97 -14.00 1.63
N TRP A 586 8.65 -13.37 2.60
CA TRP A 586 8.66 -11.92 2.69
C TRP A 586 9.36 -11.29 1.49
N LEU A 587 10.55 -11.80 1.14
CA LEU A 587 11.30 -11.22 0.03
C LEU A 587 10.57 -11.40 -1.29
N GLY A 588 10.01 -12.59 -1.53
CA GLY A 588 9.28 -12.82 -2.76
C GLY A 588 8.04 -11.95 -2.87
N TYR A 589 7.28 -11.85 -1.78
CA TYR A 589 6.05 -11.05 -1.81
C TYR A 589 6.35 -9.57 -1.93
N THR A 590 7.43 -9.10 -1.28
CA THR A 590 7.82 -7.70 -1.39
C THR A 590 8.20 -7.36 -2.82
N LEU A 591 8.96 -8.23 -3.48
CA LEU A 591 9.29 -8.02 -4.88
C LEU A 591 8.06 -8.16 -5.76
N TYR A 592 7.14 -9.05 -5.39
CA TYR A 592 5.90 -9.21 -6.16
C TYR A 592 5.09 -7.92 -6.15
N GLN A 593 4.98 -7.26 -5.00
CA GLN A 593 4.26 -6.00 -4.90
C GLN A 593 5.06 -4.81 -5.37
N PHE A 594 6.35 -5.00 -5.70
CA PHE A 594 7.18 -3.89 -6.15
C PHE A 594 6.73 -3.35 -7.51
N LYS A 595 5.94 -4.12 -8.27
CA LYS A 595 5.50 -3.68 -9.58
C LYS A 595 4.57 -2.49 -9.51
N LYS A 596 3.87 -2.32 -8.39
CA LYS A 596 2.92 -1.22 -8.26
C LYS A 596 3.61 0.00 -7.71
N SER A 597 4.86 -0.16 -7.32
CA SER A 597 5.59 0.95 -6.72
C SER A 597 5.96 2.04 -7.71
N PRO A 598 6.05 3.31 -7.24
CA PRO A 598 6.49 4.30 -8.22
C PRO A 598 7.99 4.26 -8.43
N TYR A 599 8.69 3.45 -7.66
CA TYR A 599 10.14 3.43 -7.72
C TYR A 599 10.76 2.78 -8.94
N LEU A 600 11.87 3.34 -9.45
CA LEU A 600 12.62 2.77 -10.58
C LEU A 600 12.06 3.02 -11.98
N HIS A 601 12.76 2.52 -12.99
CA HIS A 601 12.29 2.68 -14.36
C HIS A 601 11.16 1.68 -14.58
N PRO A 602 10.09 2.06 -15.33
CA PRO A 602 9.01 1.07 -15.42
C PRO A 602 9.48 -0.27 -15.94
N CYS A 603 10.35 -0.28 -16.95
CA CYS A 603 10.86 -1.52 -17.51
C CYS A 603 11.69 -2.28 -16.50
N VAL A 604 12.65 -1.61 -15.88
CA VAL A 604 13.48 -2.27 -14.88
C VAL A 604 12.64 -2.78 -13.71
N ARG A 605 11.66 -1.98 -13.28
CA ARG A 605 10.81 -2.40 -12.17
C ARG A 605 9.98 -3.63 -12.53
N GLU A 606 9.42 -3.66 -13.74
CA GLU A 606 8.61 -4.80 -14.14
C GLU A 606 9.44 -6.08 -14.20
N ILE A 607 10.66 -5.99 -14.75
CA ILE A 607 11.53 -7.16 -14.80
C ILE A 607 11.92 -7.60 -13.40
N LEU A 608 12.28 -6.65 -12.53
CA LEU A 608 12.68 -6.99 -11.17
C LEU A 608 11.51 -7.59 -10.39
N SER A 609 10.31 -7.03 -10.55
CA SER A 609 9.15 -7.53 -9.81
C SER A 609 8.72 -8.89 -10.32
N ASP A 610 8.69 -9.09 -11.64
CA ASP A 610 8.28 -10.37 -12.19
C ASP A 610 9.28 -11.48 -11.88
N CYS A 611 10.50 -11.13 -11.47
CA CYS A 611 11.49 -12.11 -11.02
C CYS A 611 11.45 -12.30 -9.51
N ALA A 612 10.28 -12.12 -8.89
CA ALA A 612 10.18 -12.20 -7.44
C ALA A 612 10.52 -13.59 -6.94
N LEU A 613 9.89 -14.62 -7.50
CA LEU A 613 10.15 -15.98 -7.06
C LEU A 613 11.58 -16.43 -7.35
N PRO A 614 12.12 -16.28 -8.56
CA PRO A 614 13.52 -16.73 -8.78
C PRO A 614 14.53 -16.03 -7.88
N ILE A 615 14.37 -14.73 -7.64
CA ILE A 615 15.32 -14.01 -6.80
C ILE A 615 15.21 -14.44 -5.35
N ALA A 616 13.99 -14.58 -4.85
CA ALA A 616 13.80 -14.96 -3.45
C ALA A 616 14.38 -16.36 -3.18
N VAL A 617 14.16 -17.29 -4.10
CA VAL A 617 14.71 -18.63 -3.93
C VAL A 617 16.23 -18.60 -3.95
N LEU A 618 16.81 -17.92 -4.94
CA LEU A 618 18.26 -17.90 -5.08
C LEU A 618 18.92 -17.14 -3.94
N ALA A 619 18.33 -16.02 -3.51
CA ALA A 619 18.95 -15.20 -2.47
C ALA A 619 19.03 -15.95 -1.15
N PHE A 620 17.92 -16.57 -0.73
CA PHE A 620 17.91 -17.29 0.55
C PHE A 620 18.55 -18.66 0.45
N SER A 621 18.68 -19.23 -0.75
CA SER A 621 19.48 -20.43 -0.90
C SER A 621 20.95 -20.14 -0.58
N LEU A 622 21.45 -19.00 -1.03
CA LEU A 622 22.81 -18.59 -0.68
C LEU A 622 22.93 -18.31 0.81
N ILE A 623 21.91 -17.68 1.40
CA ILE A 623 21.95 -17.36 2.83
C ILE A 623 22.01 -18.64 3.66
N SER A 624 21.14 -19.61 3.35
CA SER A 624 21.10 -20.82 4.15
C SER A 624 22.31 -21.71 3.89
N SER A 625 22.67 -21.91 2.61
CA SER A 625 23.75 -22.83 2.28
C SER A 625 25.13 -22.25 2.56
N HIS A 626 25.33 -20.96 2.28
CA HIS A 626 26.64 -20.33 2.39
C HIS A 626 26.76 -19.41 3.59
N GLY A 627 25.75 -18.61 3.89
CA GLY A 627 25.80 -17.75 5.06
C GLY A 627 25.66 -18.49 6.37
N PHE A 628 25.11 -19.71 6.35
CA PHE A 628 24.90 -20.52 7.53
C PHE A 628 25.46 -21.93 7.31
N ARG A 629 26.71 -22.00 6.86
CA ARG A 629 27.36 -23.29 6.63
C ARG A 629 27.44 -24.11 7.91
N GLU A 630 27.71 -23.45 9.04
CA GLU A 630 27.87 -24.15 10.30
C GLU A 630 26.59 -24.81 10.79
N ILE A 631 25.43 -24.40 10.27
CA ILE A 631 24.15 -24.95 10.68
C ILE A 631 23.65 -25.87 9.58
N GLU A 632 23.60 -27.16 9.87
CA GLU A 632 23.09 -28.13 8.91
C GLU A 632 21.57 -27.95 8.73
N MET A 633 21.12 -28.09 7.48
CA MET A 633 19.73 -27.86 7.13
C MET A 633 19.15 -29.11 6.49
N SER A 634 17.87 -29.36 6.74
CA SER A 634 17.19 -30.49 6.13
C SER A 634 17.14 -30.33 4.62
N LYS A 635 17.52 -31.39 3.90
CA LYS A 635 17.55 -31.37 2.44
C LYS A 635 16.93 -32.65 1.91
N PHE A 636 16.40 -32.58 0.70
CA PHE A 636 15.78 -33.73 0.07
C PHE A 636 16.82 -34.78 -0.30
N ARG A 637 16.46 -36.05 -0.12
CA ARG A 637 17.39 -37.14 -0.36
C ARG A 637 17.73 -37.26 -1.85
N TYR A 638 18.98 -37.60 -2.13
CA TYR A 638 19.44 -37.85 -3.48
C TYR A 638 20.16 -39.19 -3.53
N ASN A 639 19.79 -40.02 -4.50
CA ASN A 639 20.40 -41.33 -4.69
C ASN A 639 20.73 -41.54 -6.16
N PRO A 640 21.75 -42.34 -6.46
CA PRO A 640 22.07 -42.63 -7.87
C PRO A 640 20.93 -43.38 -8.54
N SER A 641 21.05 -43.52 -9.86
CA SER A 641 20.03 -44.21 -10.64
C SER A 641 19.86 -45.65 -10.17
N GLU A 642 18.61 -46.05 -10.00
CA GLU A 642 18.27 -47.40 -9.52
C GLU A 642 17.42 -48.18 -10.51
N SER A 643 16.43 -47.53 -11.13
CA SER A 643 15.57 -48.19 -12.11
C SER A 643 15.90 -47.65 -13.50
N PRO A 644 16.37 -48.50 -14.43
CA PRO A 644 16.77 -48.03 -15.76
C PRO A 644 15.62 -47.85 -16.75
N PHE A 645 14.53 -47.23 -16.28
CA PHE A 645 13.38 -46.90 -17.11
C PHE A 645 12.83 -48.13 -17.84
N ALA A 646 12.36 -49.09 -17.04
CA ALA A 646 11.82 -50.32 -17.58
C ALA A 646 10.40 -50.10 -18.12
N MET A 647 9.88 -51.12 -18.78
CA MET A 647 8.53 -51.09 -19.34
C MET A 647 7.47 -51.55 -18.35
N ALA A 648 7.86 -51.96 -17.15
CA ALA A 648 7.04 -52.38 -16.02
C ALA A 648 6.39 -53.74 -16.22
N GLN A 649 6.54 -54.38 -17.38
CA GLN A 649 6.02 -55.72 -17.64
C GLN A 649 4.52 -55.79 -17.35
N ILE A 650 3.75 -55.09 -18.17
CA ILE A 650 2.30 -55.01 -17.98
C ILE A 650 1.67 -56.39 -18.08
N GLN A 651 2.17 -57.23 -18.99
CA GLN A 651 1.60 -58.56 -19.18
C GLN A 651 1.88 -59.49 -18.02
N SER A 652 2.83 -59.14 -17.13
CA SER A 652 3.11 -59.98 -15.97
C SER A 652 1.91 -60.06 -15.04
N LEU A 653 1.23 -58.94 -14.82
CA LEU A 653 0.07 -58.93 -13.94
C LEU A 653 -1.06 -59.76 -14.54
N SER A 654 -1.73 -60.53 -13.69
CA SER A 654 -2.80 -61.43 -14.10
C SER A 654 -4.16 -60.83 -13.72
N LEU A 655 -5.20 -61.63 -13.92
CA LEU A 655 -6.56 -61.22 -13.57
C LEU A 655 -6.70 -61.10 -12.05
N ARG A 656 -7.80 -60.50 -11.62
CA ARG A 656 -8.17 -60.16 -10.24
C ARG A 656 -7.35 -58.98 -9.74
N ALA A 657 -6.33 -58.53 -10.46
CA ALA A 657 -5.54 -57.36 -10.10
C ALA A 657 -5.70 -56.22 -11.10
N VAL A 658 -5.84 -56.54 -12.39
CA VAL A 658 -6.14 -55.50 -13.37
C VAL A 658 -7.52 -54.90 -13.12
N SER A 659 -8.47 -55.70 -12.65
CA SER A 659 -9.78 -55.16 -12.29
C SER A 659 -9.66 -54.16 -11.15
N GLY A 660 -8.83 -54.46 -10.16
CA GLY A 660 -8.56 -53.49 -9.10
C GLY A 660 -7.88 -52.25 -9.63
N ALA A 661 -6.96 -52.42 -10.59
CA ALA A 661 -6.34 -51.27 -11.23
C ALA A 661 -7.37 -50.48 -12.03
N MET A 662 -8.34 -51.16 -12.64
CA MET A 662 -9.41 -50.48 -13.35
C MET A 662 -10.22 -49.60 -12.42
N GLY A 663 -10.50 -50.10 -11.21
CA GLY A 663 -11.20 -49.27 -10.23
C GLY A 663 -10.41 -48.04 -9.85
N LEU A 664 -9.10 -48.21 -9.60
CA LEU A 664 -8.25 -47.06 -9.35
C LEU A 664 -8.13 -46.18 -10.59
N GLY A 665 -8.05 -46.79 -11.76
CA GLY A 665 -7.99 -46.01 -12.99
C GLY A 665 -9.24 -45.18 -13.22
N PHE A 666 -10.41 -45.77 -12.93
CA PHE A 666 -11.65 -45.00 -13.02
C PHE A 666 -11.67 -43.87 -12.00
N LEU A 667 -11.22 -44.14 -10.77
CA LEU A 667 -11.13 -43.08 -9.76
C LEU A 667 -10.10 -42.03 -10.17
N LEU A 668 -8.96 -42.46 -10.73
CA LEU A 668 -7.98 -41.51 -11.23
C LEU A 668 -8.54 -40.68 -12.37
N SER A 669 -9.31 -41.30 -13.26
CA SER A 669 -9.90 -40.57 -14.39
C SER A 669 -10.84 -39.47 -13.90
N MET A 670 -11.60 -39.75 -12.84
CA MET A 670 -12.47 -38.73 -12.27
C MET A 670 -11.64 -37.56 -11.74
N LEU A 671 -10.55 -37.85 -11.06
CA LEU A 671 -9.67 -36.79 -10.56
C LEU A 671 -9.03 -36.02 -11.72
N PHE A 672 -8.54 -36.75 -12.73
CA PHE A 672 -7.89 -36.09 -13.87
C PHE A 672 -8.90 -35.26 -14.67
N PHE A 673 -10.10 -35.80 -14.91
CA PHE A 673 -11.08 -35.10 -15.72
C PHE A 673 -11.50 -33.78 -15.07
N ILE A 674 -11.77 -33.81 -13.77
CA ILE A 674 -12.23 -32.61 -13.08
C ILE A 674 -11.10 -31.58 -13.00
N GLU A 675 -9.90 -32.01 -12.57
CA GLU A 675 -8.81 -31.07 -12.37
C GLU A 675 -8.36 -30.44 -13.68
N GLN A 676 -8.27 -31.23 -14.76
CA GLN A 676 -7.82 -30.70 -16.04
C GLN A 676 -8.77 -29.62 -16.55
N ASN A 677 -10.08 -29.87 -16.45
CA ASN A 677 -11.05 -28.91 -16.95
C ASN A 677 -11.13 -27.67 -16.06
N LEU A 678 -11.02 -27.85 -14.74
CA LEU A 678 -11.10 -26.72 -13.82
C LEU A 678 -9.97 -25.72 -14.07
N VAL A 679 -8.73 -26.22 -14.19
CA VAL A 679 -7.60 -25.33 -14.40
C VAL A 679 -7.68 -24.71 -15.80
N ALA A 680 -8.08 -25.50 -16.80
CA ALA A 680 -8.25 -24.96 -18.15
C ALA A 680 -9.34 -23.89 -18.18
N ALA A 681 -10.44 -24.11 -17.46
CA ALA A 681 -11.49 -23.09 -17.39
C ALA A 681 -10.98 -21.84 -16.70
N LEU A 682 -10.18 -21.98 -15.64
CA LEU A 682 -9.59 -20.82 -15.00
C LEU A 682 -8.66 -20.08 -15.94
N VAL A 683 -7.86 -20.81 -16.71
CA VAL A 683 -7.02 -20.16 -17.73
C VAL A 683 -7.89 -19.49 -18.77
N ASN A 684 -8.95 -20.17 -19.22
CA ASN A 684 -9.83 -19.65 -20.25
C ASN A 684 -10.97 -18.79 -19.68
N ALA A 685 -10.77 -18.20 -18.50
CA ALA A 685 -11.79 -17.34 -17.92
C ALA A 685 -12.02 -16.11 -18.78
N PRO A 686 -13.24 -15.56 -18.78
CA PRO A 686 -13.52 -14.39 -19.62
C PRO A 686 -12.65 -13.18 -19.30
N GLU A 687 -12.15 -13.06 -18.06
CA GLU A 687 -11.27 -11.95 -17.73
C GLU A 687 -10.00 -11.98 -18.57
N ASN A 688 -9.41 -13.15 -18.75
CA ASN A 688 -8.31 -13.31 -19.68
C ASN A 688 -8.85 -13.34 -21.10
N ARG A 689 -8.27 -12.52 -21.99
CA ARG A 689 -8.79 -12.39 -23.35
C ARG A 689 -8.71 -13.72 -24.09
N LEU A 690 -7.49 -14.18 -24.37
CA LEU A 690 -7.24 -15.45 -25.05
C LEU A 690 -8.11 -15.59 -26.30
N VAL A 691 -7.89 -14.69 -27.27
CA VAL A 691 -8.70 -14.65 -28.47
C VAL A 691 -8.47 -15.83 -29.40
N LYS A 692 -7.51 -16.70 -29.09
CA LYS A 692 -7.21 -17.82 -29.99
C LYS A 692 -8.27 -18.92 -29.91
N GLY A 693 -8.75 -19.23 -28.71
CA GLY A 693 -9.79 -20.21 -28.52
C GLY A 693 -9.44 -21.19 -27.43
N THR A 694 -10.24 -22.24 -27.33
CA THR A 694 -10.08 -23.26 -26.30
C THR A 694 -10.01 -24.63 -26.95
N ALA A 695 -9.29 -25.54 -26.29
CA ALA A 695 -9.06 -26.90 -26.81
C ALA A 695 -9.28 -27.92 -25.69
N TYR A 696 -10.42 -27.81 -25.01
CA TYR A 696 -10.70 -28.68 -23.87
C TYR A 696 -10.63 -30.16 -24.24
N HIS A 697 -11.31 -30.55 -25.32
CA HIS A 697 -11.38 -31.96 -25.70
C HIS A 697 -10.02 -32.49 -26.13
N TRP A 698 -9.29 -31.72 -26.94
CA TRP A 698 -7.99 -32.17 -27.42
C TRP A 698 -6.98 -32.30 -26.29
N ASP A 699 -7.00 -31.35 -25.34
CA ASP A 699 -6.07 -31.42 -24.22
C ASP A 699 -6.30 -32.67 -23.37
N LEU A 700 -7.57 -33.03 -23.15
CA LEU A 700 -7.87 -34.23 -22.37
C LEU A 700 -7.34 -35.49 -23.05
N LEU A 701 -7.52 -35.58 -24.36
CA LEU A 701 -7.02 -36.74 -25.10
C LEU A 701 -5.49 -36.82 -25.04
N LEU A 702 -4.82 -35.69 -25.24
CA LEU A 702 -3.36 -35.69 -25.16
C LEU A 702 -2.87 -36.02 -23.76
N LEU A 703 -3.59 -35.52 -22.74
CA LEU A 703 -3.21 -35.82 -21.36
C LEU A 703 -3.22 -37.32 -21.10
N ALA A 704 -4.20 -38.03 -21.64
CA ALA A 704 -4.22 -39.48 -21.54
C ALA A 704 -3.03 -40.09 -22.28
N ILE A 705 -2.71 -39.56 -23.46
CA ILE A 705 -1.57 -40.06 -24.23
C ILE A 705 -0.27 -39.83 -23.48
N ILE A 706 -0.12 -38.65 -22.86
CA ILE A 706 1.06 -38.39 -22.04
C ILE A 706 1.09 -39.31 -20.82
N ASN A 707 -0.05 -39.47 -20.15
CA ASN A 707 -0.08 -40.24 -18.92
C ASN A 707 0.23 -41.72 -19.17
N THR A 708 -0.30 -42.30 -20.24
CA THR A 708 -0.06 -43.72 -20.49
C THR A 708 1.42 -43.98 -20.76
N GLY A 709 2.10 -43.04 -21.41
CA GLY A 709 3.54 -43.17 -21.57
C GLY A 709 4.29 -43.13 -20.25
N LEU A 710 3.89 -42.22 -19.36
CA LEU A 710 4.51 -42.14 -18.05
C LEU A 710 4.25 -43.40 -17.24
N SER A 711 3.03 -43.92 -17.29
CA SER A 711 2.67 -45.10 -16.52
C SER A 711 3.45 -46.33 -16.99
N LEU A 712 3.63 -46.49 -18.30
CA LEU A 712 4.37 -47.63 -18.82
C LEU A 712 5.82 -47.63 -18.36
N PHE A 713 6.42 -46.45 -18.24
CA PHE A 713 7.81 -46.32 -17.80
C PHE A 713 7.91 -46.07 -16.29
N GLY A 714 6.79 -46.10 -15.57
CA GLY A 714 6.83 -45.89 -14.13
C GLY A 714 7.05 -44.47 -13.71
N LEU A 715 6.81 -43.50 -14.60
CA LEU A 715 6.99 -42.11 -14.23
C LEU A 715 5.72 -41.58 -13.53
N PRO A 716 5.88 -40.62 -12.62
CA PRO A 716 4.70 -40.07 -11.94
C PRO A 716 3.75 -39.40 -12.90
N TRP A 717 2.46 -39.52 -12.60
CA TRP A 717 1.44 -38.87 -13.41
C TRP A 717 1.48 -37.36 -13.20
N ILE A 718 1.07 -36.63 -14.24
CA ILE A 718 1.01 -35.17 -14.19
C ILE A 718 -0.27 -34.71 -14.87
N HIS A 719 -0.90 -33.69 -14.30
CA HIS A 719 -2.09 -33.08 -14.88
C HIS A 719 -2.00 -31.57 -14.67
N ALA A 720 -3.06 -30.87 -15.03
CA ALA A 720 -3.08 -29.41 -14.91
C ALA A 720 -2.98 -29.00 -13.44
N ALA A 721 -1.91 -28.28 -13.12
CA ALA A 721 -1.69 -27.81 -11.75
C ALA A 721 -2.35 -26.45 -11.57
N TYR A 722 -3.17 -26.33 -10.52
CA TYR A 722 -3.94 -25.10 -10.31
C TYR A 722 -3.08 -23.86 -10.07
N PRO A 723 -2.09 -23.87 -9.16
CA PRO A 723 -1.41 -22.59 -8.85
C PRO A 723 -0.60 -22.03 -10.01
N HIS A 724 0.11 -22.88 -10.75
CA HIS A 724 1.09 -22.39 -11.71
C HIS A 724 0.45 -21.80 -12.95
N SER A 725 -0.64 -22.41 -13.45
CA SER A 725 -1.12 -22.05 -14.78
C SER A 725 -1.69 -20.64 -14.84
N PRO A 726 -2.64 -20.24 -13.97
CA PRO A 726 -3.06 -18.83 -13.99
C PRO A 726 -1.93 -17.86 -13.73
N LEU A 727 -0.99 -18.22 -12.83
CA LEU A 727 0.19 -17.40 -12.63
C LEU A 727 1.01 -17.30 -13.91
N HIS A 728 1.09 -18.40 -14.66
CA HIS A 728 1.71 -18.34 -15.99
C HIS A 728 0.96 -17.40 -16.90
N VAL A 729 -0.38 -17.47 -16.88
CA VAL A 729 -1.19 -16.53 -17.64
C VAL A 729 -1.03 -15.11 -17.09
N ARG A 730 -1.03 -14.98 -15.76
CA ARG A 730 -0.89 -13.66 -15.14
C ARG A 730 0.46 -13.04 -15.46
N ALA A 731 1.52 -13.85 -15.47
CA ALA A 731 2.84 -13.33 -15.82
C ALA A 731 2.89 -12.82 -17.25
N LEU A 732 2.23 -13.52 -18.17
CA LEU A 732 2.22 -13.13 -19.58
C LEU A 732 1.14 -12.10 -19.90
N ALA A 733 0.32 -11.73 -18.93
CA ALA A 733 -0.75 -10.77 -19.16
C ALA A 733 -0.25 -9.34 -18.98
N LEU A 734 -0.98 -8.40 -19.58
CA LEU A 734 -0.70 -6.98 -19.47
C LEU A 734 -1.82 -6.32 -18.68
N VAL A 735 -1.47 -5.68 -17.58
CA VAL A 735 -2.45 -5.11 -16.64
C VAL A 735 -2.29 -3.59 -16.63
N GLU A 736 -3.42 -2.88 -16.72
CA GLU A 736 -3.47 -1.43 -16.67
C GLU A 736 -4.37 -1.00 -15.52
N GLU A 737 -3.91 -0.03 -14.74
CA GLU A 737 -4.71 0.51 -13.65
C GLU A 737 -5.89 1.32 -14.19
N ARG A 738 -7.04 1.18 -13.55
CA ARG A 738 -8.22 1.95 -13.89
C ARG A 738 -8.89 2.47 -12.63
N TYR A 745 -10.90 -1.89 -11.55
CA TYR A 745 -9.56 -1.57 -11.08
C TYR A 745 -8.52 -2.10 -12.07
N ASP A 746 -7.82 -3.16 -11.67
CA ASP A 746 -6.86 -3.80 -12.58
C ASP A 746 -7.61 -4.50 -13.71
N THR A 747 -7.18 -4.26 -14.94
CA THR A 747 -7.79 -4.86 -16.11
C THR A 747 -6.71 -5.43 -17.02
N ILE A 748 -6.93 -6.66 -17.48
CA ILE A 748 -5.97 -7.34 -18.35
C ILE A 748 -6.29 -6.98 -19.79
N VAL A 749 -5.39 -6.23 -20.42
CA VAL A 749 -5.60 -5.81 -21.80
C VAL A 749 -5.47 -7.00 -22.75
N ASN A 750 -4.41 -7.78 -22.60
CA ASN A 750 -4.18 -8.94 -23.45
C ASN A 750 -3.18 -9.87 -22.79
N VAL A 751 -3.15 -11.11 -23.26
CA VAL A 751 -2.24 -12.12 -22.77
C VAL A 751 -1.38 -12.61 -23.94
N LYS A 752 -0.08 -12.62 -23.76
CA LYS A 752 0.86 -13.09 -24.78
C LYS A 752 0.82 -14.61 -24.82
N GLU A 753 -0.04 -15.15 -25.68
CA GLU A 753 -0.18 -16.60 -25.83
C GLU A 753 1.00 -17.14 -26.63
N THR A 754 1.82 -17.98 -26.00
CA THR A 754 2.99 -18.53 -26.67
C THR A 754 3.35 -19.86 -26.02
N ARG A 755 3.96 -20.73 -26.82
CA ARG A 755 4.46 -22.01 -26.33
C ARG A 755 5.91 -21.94 -25.88
N LEU A 756 6.59 -20.81 -26.10
CA LEU A 756 8.00 -20.72 -25.76
C LEU A 756 8.24 -20.82 -24.26
N THR A 757 7.41 -20.17 -23.47
CA THR A 757 7.59 -20.21 -22.01
C THR A 757 7.41 -21.61 -21.46
N SER A 758 6.34 -22.30 -21.89
CA SER A 758 6.12 -23.67 -21.42
C SER A 758 7.20 -24.62 -21.95
N LEU A 759 7.52 -24.51 -23.23
CA LEU A 759 8.55 -25.37 -23.82
C LEU A 759 9.92 -25.07 -23.22
N GLY A 760 10.25 -23.79 -23.04
CA GLY A 760 11.54 -23.43 -22.49
C GLY A 760 11.70 -23.91 -21.05
N ALA A 761 10.66 -23.78 -20.24
CA ALA A 761 10.72 -24.25 -18.86
C ALA A 761 10.91 -25.76 -18.80
N SER A 762 10.22 -26.50 -19.68
CA SER A 762 10.36 -27.96 -19.69
C SER A 762 11.78 -28.38 -20.04
N VAL A 763 12.40 -27.70 -21.01
CA VAL A 763 13.77 -28.03 -21.38
C VAL A 763 14.72 -27.75 -20.22
N LEU A 764 14.54 -26.62 -19.54
CA LEU A 764 15.40 -26.28 -18.41
C LEU A 764 15.26 -27.29 -17.28
N VAL A 765 14.04 -27.75 -17.00
CA VAL A 765 13.84 -28.78 -16.00
C VAL A 765 14.54 -30.08 -16.41
N GLY A 766 14.43 -30.44 -17.69
CA GLY A 766 15.11 -31.64 -18.17
C GLY A 766 16.63 -31.53 -18.07
N LEU A 767 17.17 -30.36 -18.42
CA LEU A 767 18.61 -30.15 -18.30
C LEU A 767 19.07 -30.13 -16.85
N SER A 768 18.19 -29.83 -15.91
CA SER A 768 18.55 -29.85 -14.50
C SER A 768 18.86 -31.26 -14.02
N LEU A 769 18.41 -32.29 -14.74
CA LEU A 769 18.70 -33.66 -14.34
C LEU A 769 20.19 -33.98 -14.44
N LEU A 770 20.90 -33.35 -15.38
CA LEU A 770 22.33 -33.56 -15.49
C LEU A 770 23.06 -33.06 -14.24
N LEU A 771 22.67 -31.89 -13.73
CA LEU A 771 23.26 -31.32 -12.52
C LEU A 771 22.31 -31.45 -11.33
N LEU A 772 21.62 -32.58 -11.24
CA LEU A 772 20.59 -32.78 -10.21
C LEU A 772 21.07 -32.57 -8.78
N PRO A 773 22.24 -33.05 -8.35
CA PRO A 773 22.63 -32.85 -6.94
C PRO A 773 22.71 -31.39 -6.51
N VAL A 774 23.04 -30.47 -7.43
CA VAL A 774 23.23 -29.08 -7.03
C VAL A 774 21.95 -28.46 -6.48
N PRO A 775 20.79 -28.53 -7.16
CA PRO A 775 19.56 -28.05 -6.50
C PRO A 775 19.20 -28.82 -5.24
N LEU A 776 19.50 -30.12 -5.20
CA LEU A 776 19.18 -30.93 -4.03
C LEU A 776 20.09 -30.66 -2.84
N GLN A 777 21.15 -29.88 -3.03
CA GLN A 777 22.07 -29.53 -1.95
C GLN A 777 22.00 -28.05 -1.57
N TRP A 778 22.05 -27.15 -2.56
CA TRP A 778 22.04 -25.72 -2.27
C TRP A 778 20.64 -25.19 -1.97
N ILE A 779 19.59 -25.94 -2.31
CA ILE A 779 18.22 -25.50 -2.03
C ILE A 779 17.63 -26.38 -0.95
N PRO A 780 17.51 -25.90 0.29
CA PRO A 780 16.92 -26.72 1.35
C PRO A 780 15.40 -26.68 1.32
N LYS A 781 14.80 -27.52 2.16
CA LYS A 781 13.34 -27.58 2.25
C LYS A 781 12.69 -26.26 2.64
N PRO A 782 13.20 -25.48 3.62
CA PRO A 782 12.51 -24.23 3.96
C PRO A 782 12.38 -23.25 2.81
N VAL A 783 13.34 -23.22 1.89
CA VAL A 783 13.20 -22.38 0.69
C VAL A 783 12.01 -22.83 -0.13
N LEU A 784 11.83 -24.14 -0.28
CA LEU A 784 10.66 -24.67 -0.96
C LEU A 784 9.38 -24.30 -0.22
N TYR A 785 9.39 -24.39 1.11
CA TYR A 785 8.22 -24.05 1.90
C TYR A 785 7.83 -22.59 1.73
N GLY A 786 8.83 -21.71 1.66
CA GLY A 786 8.55 -20.32 1.33
C GLY A 786 7.98 -20.16 -0.06
N LEU A 787 8.44 -20.99 -1.01
CA LEU A 787 7.88 -20.97 -2.35
C LEU A 787 6.40 -21.38 -2.33
N PHE A 788 6.07 -22.41 -1.55
CA PHE A 788 4.67 -22.83 -1.44
C PHE A 788 3.80 -21.71 -0.86
N LEU A 789 4.29 -21.02 0.17
CA LEU A 789 3.55 -19.89 0.73
C LEU A 789 3.42 -18.77 -0.30
N TYR A 790 4.47 -18.51 -1.07
CA TYR A 790 4.44 -17.42 -2.04
C TYR A 790 3.40 -17.70 -3.12
N ILE A 791 3.42 -18.91 -3.70
CA ILE A 791 2.52 -19.20 -4.81
C ILE A 791 1.07 -19.26 -4.32
N ALA A 792 0.84 -19.78 -3.11
CA ALA A 792 -0.52 -19.86 -2.58
C ALA A 792 -1.11 -18.48 -2.36
N LEU A 793 -0.32 -17.55 -1.81
CA LEU A 793 -0.83 -16.21 -1.54
C LEU A 793 -1.00 -15.42 -2.83
N THR A 794 -0.04 -15.50 -3.74
CA THR A 794 -0.13 -14.77 -4.99
C THR A 794 -1.23 -15.31 -5.90
N SER A 795 -1.64 -16.56 -5.72
CA SER A 795 -2.72 -17.14 -6.52
C SER A 795 -4.10 -16.66 -6.07
N LEU A 796 -4.19 -16.04 -4.90
CA LEU A 796 -5.46 -15.51 -4.40
C LEU A 796 -5.71 -14.07 -4.81
N ASP A 797 -4.78 -13.46 -5.53
CA ASP A 797 -4.97 -12.10 -6.05
C ASP A 797 -5.95 -12.15 -7.20
N GLY A 798 -7.22 -11.86 -6.91
CA GLY A 798 -8.29 -11.99 -7.89
C GLY A 798 -9.33 -13.04 -7.54
N ASN A 799 -9.16 -13.78 -6.45
CA ASN A 799 -10.14 -14.77 -6.05
C ASN A 799 -11.42 -14.08 -5.59
N GLN A 800 -12.56 -14.50 -6.15
CA GLN A 800 -13.83 -13.88 -5.79
C GLN A 800 -14.19 -14.15 -4.33
N LEU A 801 -13.99 -15.39 -3.87
CA LEU A 801 -14.32 -15.73 -2.49
C LEU A 801 -13.42 -14.99 -1.50
N VAL A 802 -12.12 -14.89 -1.80
CA VAL A 802 -11.20 -14.24 -0.88
C VAL A 802 -11.54 -12.76 -0.73
N GLN A 803 -11.87 -12.09 -1.84
CA GLN A 803 -12.24 -10.69 -1.76
C GLN A 803 -13.50 -10.47 -0.92
N ARG A 804 -14.49 -11.34 -1.08
CA ARG A 804 -15.71 -11.22 -0.28
C ARG A 804 -15.45 -11.56 1.18
N VAL A 805 -14.55 -12.50 1.45
CA VAL A 805 -14.16 -12.78 2.83
C VAL A 805 -13.50 -11.56 3.45
N ALA A 806 -12.59 -10.91 2.72
CA ALA A 806 -12.00 -9.67 3.20
C ALA A 806 -13.04 -8.56 3.29
N LEU A 807 -14.06 -8.60 2.43
CA LEU A 807 -15.13 -7.61 2.50
C LEU A 807 -15.88 -7.69 3.82
N LEU A 808 -16.11 -8.90 4.33
CA LEU A 808 -16.88 -9.07 5.56
C LEU A 808 -16.23 -8.19 6.56
N LEU A 809 -14.93 -8.36 6.70
CA LEU A 809 -14.19 -7.51 7.59
C LEU A 809 -13.78 -6.30 6.81
N LYS A 810 -14.69 -5.37 6.54
CA LYS A 810 -14.33 -4.11 5.89
C LYS A 810 -15.33 -3.06 6.36
N GLU A 811 -14.89 -1.82 6.50
CA GLU A 811 -15.80 -0.75 6.88
C GLU A 811 -16.71 -0.46 5.71
N GLN A 812 -17.96 -0.11 5.98
CA GLN A 812 -18.91 0.10 4.89
C GLN A 812 -18.42 1.09 3.88
N THR A 813 -17.81 2.17 4.34
CA THR A 813 -17.37 3.21 3.42
C THR A 813 -16.28 2.75 2.46
N ALA A 814 -15.60 1.65 2.77
CA ALA A 814 -14.53 1.13 1.94
C ALA A 814 -15.00 0.09 0.94
N TYR A 815 -16.29 -0.16 0.85
CA TYR A 815 -16.82 -1.16 -0.09
C TYR A 815 -16.62 -0.69 -1.52
N PRO A 816 -15.93 -1.46 -2.36
CA PRO A 816 -15.75 -1.06 -3.75
C PRO A 816 -17.04 -1.15 -4.53
N PRO A 817 -17.21 -0.37 -5.60
CA PRO A 817 -18.41 -0.43 -6.44
C PRO A 817 -18.40 -1.58 -7.44
N THR A 818 -18.21 -2.79 -6.93
CA THR A 818 -18.19 -3.98 -7.78
C THR A 818 -19.59 -4.29 -8.30
N HIS A 819 -19.65 -5.11 -9.35
CA HIS A 819 -20.92 -5.41 -9.99
C HIS A 819 -21.84 -6.20 -9.06
N TYR A 820 -21.29 -7.15 -8.31
CA TYR A 820 -22.13 -7.99 -7.45
C TYR A 820 -22.70 -7.20 -6.28
N ILE A 821 -21.97 -6.22 -5.76
CA ILE A 821 -22.49 -5.37 -4.70
C ILE A 821 -23.66 -4.54 -5.21
N ARG A 822 -23.54 -3.98 -6.42
CA ARG A 822 -24.61 -3.15 -6.98
C ARG A 822 -25.88 -3.95 -7.22
N ARG A 823 -25.75 -5.18 -7.72
CA ARG A 823 -26.92 -5.97 -8.11
C ARG A 823 -27.46 -6.83 -6.97
N VAL A 824 -26.60 -7.36 -6.12
CA VAL A 824 -27.03 -8.29 -5.07
C VAL A 824 -26.97 -7.60 -3.71
N PRO A 825 -27.99 -7.77 -2.86
CA PRO A 825 -27.95 -7.16 -1.53
C PRO A 825 -26.77 -7.66 -0.72
N GLN A 826 -26.25 -6.78 0.13
CA GLN A 826 -25.10 -7.11 0.96
C GLN A 826 -25.40 -8.28 1.85
N ARG A 827 -26.59 -8.29 2.41
CA ARG A 827 -26.99 -9.40 3.28
C ARG A 827 -26.94 -10.72 2.52
N LYS A 828 -27.41 -10.74 1.28
CA LYS A 828 -27.36 -11.96 0.49
C LYS A 828 -25.93 -12.31 0.08
N ILE A 829 -25.10 -11.30 -0.17
CA ILE A 829 -23.70 -11.54 -0.53
C ILE A 829 -22.97 -12.21 0.62
N HIS A 830 -23.17 -11.70 1.84
CA HIS A 830 -22.50 -12.28 3.01
C HIS A 830 -23.03 -13.68 3.29
N TYR A 831 -24.32 -13.92 3.08
CA TYR A 831 -24.85 -15.28 3.19
C TYR A 831 -24.20 -16.19 2.17
N PHE A 832 -24.05 -15.71 0.94
CA PHE A 832 -23.38 -16.51 -0.10
C PHE A 832 -21.93 -16.76 0.26
N THR A 833 -21.25 -15.76 0.80
CA THR A 833 -19.86 -15.95 1.25
C THR A 833 -19.80 -16.98 2.37
N GLY A 834 -20.71 -16.91 3.33
CA GLY A 834 -20.71 -17.87 4.42
C GLY A 834 -20.98 -19.28 3.95
N LEU A 835 -21.91 -19.45 3.01
CA LEU A 835 -22.18 -20.78 2.47
C LEU A 835 -20.99 -21.33 1.73
N GLN A 836 -20.28 -20.48 0.97
CA GLN A 836 -19.08 -20.93 0.28
C GLN A 836 -18.00 -21.38 1.24
N VAL A 837 -17.84 -20.65 2.35
CA VAL A 837 -16.89 -21.07 3.38
C VAL A 837 -17.31 -22.41 3.98
N LEU A 838 -18.61 -22.61 4.16
CA LEU A 838 -19.09 -23.90 4.63
C LEU A 838 -18.76 -25.02 3.64
N GLN A 839 -18.91 -24.74 2.34
CA GLN A 839 -18.48 -25.70 1.32
C GLN A 839 -16.98 -25.91 1.36
N LEU A 840 -16.22 -24.83 1.61
CA LEU A 840 -14.77 -24.95 1.72
C LEU A 840 -14.38 -25.85 2.88
N LEU A 841 -15.07 -25.71 4.02
CA LEU A 841 -14.78 -26.59 5.16
C LEU A 841 -15.07 -28.05 4.83
N LEU A 842 -16.10 -28.30 4.02
CA LEU A 842 -16.37 -29.66 3.58
C LEU A 842 -15.21 -30.21 2.76
N LEU A 843 -14.65 -29.39 1.86
CA LEU A 843 -13.48 -29.81 1.11
C LEU A 843 -12.29 -30.06 2.01
N CYS A 844 -12.08 -29.19 3.00
CA CYS A 844 -10.96 -29.35 3.93
C CYS A 844 -11.09 -30.63 4.74
N ALA A 845 -12.31 -30.95 5.18
CA ALA A 845 -12.52 -32.15 5.98
C ALA A 845 -12.22 -33.41 5.19
N PHE A 846 -12.62 -33.46 3.92
CA PHE A 846 -12.40 -34.63 3.10
C PHE A 846 -11.06 -34.62 2.38
N GLY A 847 -10.59 -33.45 1.95
CA GLY A 847 -9.39 -33.36 1.15
C GLY A 847 -8.09 -33.31 1.95
N MET A 848 -8.17 -32.94 3.21
CA MET A 848 -6.98 -32.79 4.06
C MET A 848 -7.16 -33.54 5.38
N SER A 849 -7.65 -34.78 5.28
CA SER A 849 -7.85 -35.62 6.45
C SER A 849 -6.72 -36.62 6.58
N SER A 850 -6.63 -37.24 7.76
CA SER A 850 -5.61 -38.25 7.99
C SER A 850 -5.95 -39.56 7.29
N LEU A 851 -7.23 -39.84 7.11
CA LEU A 851 -7.65 -41.08 6.46
C LEU A 851 -7.42 -41.00 4.96
N PRO A 852 -6.62 -41.90 4.38
CA PRO A 852 -6.39 -41.83 2.93
C PRO A 852 -7.65 -42.03 2.09
N TYR A 853 -8.60 -42.83 2.56
CA TYR A 853 -9.77 -43.14 1.75
C TYR A 853 -10.61 -41.89 1.49
N MET A 854 -10.81 -41.05 2.50
CA MET A 854 -11.60 -39.85 2.31
C MET A 854 -10.91 -38.87 1.35
N LYS A 855 -9.58 -38.81 1.40
CA LYS A 855 -8.86 -37.97 0.44
C LYS A 855 -8.94 -38.53 -0.98
N MET A 856 -9.03 -39.86 -1.11
CA MET A 856 -9.15 -40.45 -2.44
C MET A 856 -10.50 -40.17 -3.06
N ILE A 857 -11.56 -40.11 -2.26
CA ILE A 857 -12.91 -39.89 -2.76
C ILE A 857 -13.19 -38.39 -2.85
N PHE A 858 -12.15 -37.58 -2.70
CA PHE A 858 -12.29 -36.14 -2.82
C PHE A 858 -12.91 -35.68 -4.14
N PRO A 859 -12.60 -36.24 -5.31
CA PRO A 859 -13.31 -35.83 -6.52
C PRO A 859 -14.83 -35.98 -6.42
N LEU A 860 -15.32 -36.99 -5.69
CA LEU A 860 -16.75 -37.13 -5.49
C LEU A 860 -17.31 -35.91 -4.74
N ILE A 861 -16.56 -35.39 -3.77
CA ILE A 861 -17.00 -34.20 -3.05
C ILE A 861 -17.07 -33.01 -4.00
N MET A 862 -16.08 -32.86 -4.88
CA MET A 862 -16.12 -31.79 -5.88
C MET A 862 -17.32 -31.96 -6.81
N ILE A 863 -17.62 -33.20 -7.20
CA ILE A 863 -18.82 -33.46 -8.00
C ILE A 863 -20.07 -33.09 -7.22
N ALA A 864 -20.10 -33.42 -5.93
CA ALA A 864 -21.26 -33.13 -5.10
C ALA A 864 -21.51 -31.64 -4.94
N MET A 865 -20.53 -30.79 -5.25
CA MET A 865 -20.71 -29.35 -5.13
C MET A 865 -21.68 -28.81 -6.17
N ILE A 866 -21.80 -29.45 -7.33
CA ILE A 866 -22.69 -28.99 -8.39
C ILE A 866 -24.15 -29.11 -7.95
N PRO A 867 -24.61 -30.25 -7.41
CA PRO A 867 -25.98 -30.29 -6.88
C PRO A 867 -26.25 -29.25 -5.80
N ILE A 868 -25.26 -28.99 -4.93
CA ILE A 868 -25.43 -27.98 -3.90
C ILE A 868 -25.62 -26.60 -4.52
N ARG A 869 -24.82 -26.28 -5.54
CA ARG A 869 -24.91 -24.97 -6.18
C ARG A 869 -26.25 -24.78 -6.87
N TYR A 870 -26.76 -25.80 -7.56
CA TYR A 870 -27.91 -25.62 -8.43
C TYR A 870 -29.22 -26.11 -7.82
N ILE A 871 -29.19 -26.77 -6.66
CA ILE A 871 -30.39 -27.28 -6.01
C ILE A 871 -30.54 -26.73 -4.60
N LEU A 872 -29.47 -26.79 -3.80
CA LEU A 872 -29.54 -26.39 -2.41
C LEU A 872 -29.40 -24.87 -2.25
N LEU A 873 -28.42 -24.27 -2.90
CA LEU A 873 -28.24 -22.82 -2.82
C LEU A 873 -29.46 -22.03 -3.26
N PRO A 874 -30.16 -22.35 -4.37
CA PRO A 874 -31.36 -21.59 -4.70
C PRO A 874 -32.43 -21.62 -3.63
N ARG A 875 -32.51 -22.70 -2.83
CA ARG A 875 -33.48 -22.77 -1.76
C ARG A 875 -33.24 -21.74 -0.67
N ILE A 876 -32.00 -21.30 -0.50
CA ILE A 876 -31.64 -20.33 0.54
C ILE A 876 -31.55 -18.91 -0.01
N ILE A 877 -30.84 -18.74 -1.12
CA ILE A 877 -30.66 -17.44 -1.76
C ILE A 877 -31.33 -17.47 -3.12
N GLU A 878 -31.96 -16.36 -3.50
CA GLU A 878 -32.67 -16.29 -4.77
C GLU A 878 -31.74 -16.60 -5.94
N ALA A 879 -32.26 -17.35 -6.91
CA ALA A 879 -31.44 -17.79 -8.04
C ALA A 879 -30.92 -16.62 -8.85
N LYS A 880 -31.68 -15.52 -8.92
CA LYS A 880 -31.21 -14.35 -9.66
C LYS A 880 -29.94 -13.78 -9.05
N TYR A 881 -29.87 -13.72 -7.71
CA TYR A 881 -28.66 -13.23 -7.05
C TYR A 881 -27.49 -14.17 -7.30
N LEU A 882 -27.72 -15.48 -7.28
CA LEU A 882 -26.66 -16.44 -7.51
C LEU A 882 -26.08 -16.31 -8.91
N ASP A 883 -26.93 -16.09 -9.91
CA ASP A 883 -26.45 -15.94 -11.27
C ASP A 883 -25.55 -14.72 -11.42
N VAL A 884 -25.86 -13.64 -10.70
CA VAL A 884 -25.02 -12.44 -10.76
C VAL A 884 -23.63 -12.74 -10.22
N MET A 885 -23.56 -13.53 -9.14
CA MET A 885 -22.26 -13.88 -8.57
C MET A 885 -21.41 -14.65 -9.56
N ASP A 886 -22.00 -15.60 -10.29
CA ASP A 886 -21.26 -16.34 -11.30
C ASP A 886 -20.79 -15.42 -12.43
N ALA A 887 -21.66 -14.51 -12.86
CA ALA A 887 -21.31 -13.58 -13.92
C ALA A 887 -20.29 -12.54 -13.44
N GLY B 104 -32.65 7.99 -26.96
CA GLY B 104 -31.67 7.58 -25.97
C GLY B 104 -31.24 8.72 -25.05
N CYS B 105 -32.07 9.03 -24.06
CA CYS B 105 -31.77 10.10 -23.12
C CYS B 105 -30.60 9.70 -22.23
N VAL B 106 -29.70 10.65 -21.98
CA VAL B 106 -28.53 10.43 -21.15
C VAL B 106 -28.47 11.56 -20.12
N LEU B 107 -27.59 11.38 -19.13
CA LEU B 107 -27.41 12.34 -18.05
C LEU B 107 -26.04 12.99 -18.19
N LEU B 108 -26.01 14.32 -18.20
CA LEU B 108 -24.79 15.09 -18.33
C LEU B 108 -24.42 15.69 -16.97
N HIS B 109 -23.26 15.34 -16.46
CA HIS B 109 -22.75 15.84 -15.18
C HIS B 109 -21.72 16.92 -15.44
N THR B 110 -22.05 18.15 -15.08
CA THR B 110 -21.15 19.29 -15.22
C THR B 110 -20.68 19.74 -13.85
N SER B 111 -19.36 19.85 -13.69
CA SER B 111 -18.75 20.28 -12.43
C SER B 111 -17.91 21.53 -12.69
N ARG B 112 -18.12 22.56 -11.89
CA ARG B 112 -17.41 23.82 -12.00
C ARG B 112 -16.59 24.05 -10.73
N LYS B 113 -15.31 24.33 -10.90
CA LYS B 113 -14.41 24.56 -9.77
C LYS B 113 -13.50 25.74 -10.09
N TYR B 114 -13.24 26.56 -9.08
CA TYR B 114 -12.35 27.70 -9.24
C TYR B 114 -10.90 27.24 -9.17
N LEU B 115 -10.08 27.70 -10.11
CA LEU B 115 -8.66 27.37 -10.16
C LEU B 115 -7.84 28.64 -9.94
N LYS B 116 -6.86 28.55 -9.06
CA LYS B 116 -6.02 29.70 -8.77
C LYS B 116 -5.16 30.07 -9.97
N LEU B 117 -4.97 31.37 -10.17
CA LEU B 117 -4.14 31.85 -11.27
C LEU B 117 -2.70 31.37 -11.10
N LYS B 118 -2.09 30.94 -12.20
CA LYS B 118 -0.73 30.44 -12.17
C LYS B 118 0.23 31.55 -11.72
N ASN B 119 1.12 31.20 -10.79
CA ASN B 119 2.07 32.15 -10.24
C ASN B 119 3.37 32.07 -11.03
N PHE B 120 3.54 32.99 -11.98
CA PHE B 120 4.79 33.02 -12.76
C PHE B 120 5.97 33.41 -11.88
N LYS B 121 5.76 34.25 -10.87
CA LYS B 121 6.85 34.67 -10.01
C LYS B 121 7.44 33.51 -9.24
N GLU B 122 6.60 32.61 -8.73
CA GLU B 122 7.04 31.49 -7.91
C GLU B 122 7.17 30.20 -8.70
N GLU B 123 6.12 29.77 -9.41
CA GLU B 123 6.16 28.50 -10.12
C GLU B 123 6.99 28.62 -11.39
N ILE B 124 7.98 27.75 -11.53
CA ILE B 124 8.80 27.72 -12.73
C ILE B 124 8.14 26.95 -13.87
N ARG B 125 7.17 26.11 -13.56
CA ARG B 125 6.56 25.29 -14.60
C ARG B 125 5.87 26.18 -15.63
N ALA B 126 5.29 27.29 -15.21
CA ALA B 126 4.67 28.19 -16.17
C ALA B 126 5.69 28.66 -17.20
N HIS B 127 6.86 29.09 -16.73
CA HIS B 127 7.92 29.52 -17.65
C HIS B 127 8.39 28.38 -18.54
N ARG B 128 8.53 27.17 -17.96
CA ARG B 128 8.96 26.04 -18.77
C ARG B 128 7.94 25.69 -19.85
N ASP B 129 6.66 25.70 -19.49
CA ASP B 129 5.61 25.42 -20.48
C ASP B 129 5.56 26.49 -21.56
N LEU B 130 5.72 27.76 -21.18
CA LEU B 130 5.72 28.82 -22.18
C LEU B 130 6.91 28.69 -23.12
N ASP B 131 8.08 28.36 -22.57
CA ASP B 131 9.26 28.16 -23.42
C ASP B 131 9.06 26.97 -24.36
N GLY B 132 8.49 25.87 -23.85
CA GLY B 132 8.23 24.73 -24.71
C GLY B 132 7.24 25.05 -25.81
N PHE B 133 6.20 25.81 -25.49
CA PHE B 133 5.24 26.26 -26.50
C PHE B 133 5.92 27.14 -27.54
N LEU B 134 6.78 28.06 -27.10
CA LEU B 134 7.48 28.94 -28.04
C LEU B 134 8.40 28.14 -28.96
N ALA B 135 9.03 27.08 -28.43
CA ALA B 135 9.91 26.26 -29.24
C ALA B 135 9.14 25.57 -30.38
N GLN B 136 7.91 25.14 -30.11
CA GLN B 136 7.11 24.44 -31.10
C GLN B 136 5.76 25.15 -31.29
N ALA B 137 5.80 26.45 -31.55
CA ALA B 137 4.58 27.24 -31.62
C ALA B 137 3.65 26.75 -32.71
N SER B 138 2.37 26.62 -32.37
CA SER B 138 1.30 26.32 -33.32
C SER B 138 0.28 27.46 -33.17
N ILE B 139 0.51 28.55 -33.87
CA ILE B 139 -0.29 29.76 -33.75
C ILE B 139 -1.06 29.95 -35.05
N VAL B 140 -2.38 30.06 -34.94
CA VAL B 140 -3.26 30.28 -36.07
C VAL B 140 -3.73 31.73 -36.02
N LEU B 141 -3.34 32.51 -37.03
CA LEU B 141 -3.68 33.93 -37.10
C LEU B 141 -4.76 34.16 -38.15
N ASN B 142 -5.75 34.97 -37.80
CA ASN B 142 -6.84 35.35 -38.70
C ASN B 142 -7.60 34.12 -39.19
N GLU B 143 -8.16 33.38 -38.24
CA GLU B 143 -8.97 32.21 -38.56
C GLU B 143 -10.35 32.68 -38.99
N THR B 144 -10.72 32.34 -40.23
CA THR B 144 -11.99 32.80 -40.81
C THR B 144 -13.16 31.90 -40.45
N ALA B 145 -12.92 30.76 -39.81
CA ALA B 145 -14.02 29.87 -39.44
C ALA B 145 -14.91 30.53 -38.39
N THR B 146 -16.21 30.42 -38.60
CA THR B 146 -17.20 31.02 -37.71
C THR B 146 -17.80 30.02 -36.74
N SER B 147 -17.37 28.76 -36.76
CA SER B 147 -17.91 27.72 -35.90
C SER B 147 -16.79 27.10 -35.07
N LEU B 148 -17.15 26.63 -33.88
CA LEU B 148 -16.18 25.98 -33.01
C LEU B 148 -15.60 24.72 -33.63
N ASP B 149 -16.45 23.93 -34.30
CA ASP B 149 -16.00 22.67 -34.88
C ASP B 149 -14.93 22.90 -35.94
N ASN B 150 -15.14 23.88 -36.82
CA ASN B 150 -14.17 24.16 -37.87
C ASN B 150 -12.85 24.66 -37.30
N VAL B 151 -12.91 25.53 -36.29
CA VAL B 151 -11.69 26.04 -35.66
C VAL B 151 -10.92 24.90 -35.01
N LEU B 152 -11.63 24.01 -34.30
CA LEU B 152 -10.97 22.88 -33.65
C LEU B 152 -10.35 21.94 -34.67
N ARG B 153 -11.06 21.67 -35.77
CA ARG B 153 -10.50 20.81 -36.81
C ARG B 153 -9.28 21.44 -37.46
N THR B 154 -9.31 22.76 -37.68
CA THR B 154 -8.15 23.45 -38.23
C THR B 154 -6.96 23.37 -37.28
N MET B 155 -7.19 23.55 -35.98
CA MET B 155 -6.10 23.45 -35.02
C MET B 155 -5.54 22.04 -34.97
N LEU B 156 -6.40 21.03 -35.02
CA LEU B 156 -5.93 19.65 -35.04
C LEU B 156 -5.12 19.36 -36.30
N ARG B 157 -5.57 19.89 -37.44
CA ARG B 157 -4.81 19.73 -38.68
C ARG B 157 -3.46 20.41 -38.58
N ARG B 158 -3.40 21.56 -37.93
CA ARG B 158 -2.13 22.22 -37.66
C ARG B 158 -1.23 21.33 -36.80
N PHE B 159 -1.83 20.66 -35.80
CA PHE B 159 -1.06 19.70 -35.01
C PHE B 159 -0.51 18.57 -35.87
N ALA B 160 -1.34 18.05 -36.79
CA ALA B 160 -0.91 16.98 -37.67
C ALA B 160 -0.26 17.53 -38.93
N LEU B 172 -8.57 15.46 -38.16
CA LEU B 172 -9.04 14.08 -38.06
C LEU B 172 -10.28 14.00 -37.19
N ASP B 173 -11.20 13.11 -37.55
CA ASP B 173 -12.45 12.97 -36.81
C ASP B 173 -12.25 12.25 -35.48
N LEU B 174 -11.32 11.30 -35.42
CA LEU B 174 -11.10 10.56 -34.17
C LEU B 174 -10.62 11.50 -33.07
N LEU B 175 -9.66 12.37 -33.38
CA LEU B 175 -9.22 13.37 -32.42
C LEU B 175 -10.33 14.37 -32.13
N MET B 176 -11.09 14.76 -33.15
CA MET B 176 -12.17 15.72 -32.97
C MET B 176 -13.26 15.18 -32.06
N ALA B 177 -13.60 13.90 -32.21
CA ALA B 177 -14.68 13.31 -31.41
C ALA B 177 -14.33 13.30 -29.93
N MET B 178 -13.08 12.96 -29.60
CA MET B 178 -12.67 12.89 -28.20
C MET B 178 -12.65 14.26 -27.51
N LEU B 179 -12.64 15.35 -28.29
CA LEU B 179 -12.70 16.68 -27.70
C LEU B 179 -14.02 16.90 -26.97
N PHE B 180 -15.12 16.45 -27.56
CA PHE B 180 -16.44 16.62 -26.97
C PHE B 180 -16.82 15.38 -26.15
N THR B 181 -17.99 15.45 -25.53
CA THR B 181 -18.50 14.33 -24.73
C THR B 181 -19.32 13.37 -25.60
N VAL B 191 -19.68 24.66 -27.49
CA VAL B 191 -18.89 24.93 -26.30
C VAL B 191 -19.47 24.20 -25.10
N HIS B 192 -20.80 24.24 -24.96
CA HIS B 192 -21.46 23.58 -23.84
C HIS B 192 -21.35 22.06 -23.89
N LEU B 193 -20.97 21.49 -25.03
CA LEU B 193 -20.75 20.06 -25.16
C LEU B 193 -19.30 19.66 -24.98
N LEU B 194 -18.41 20.62 -24.77
CA LEU B 194 -17.00 20.31 -24.57
C LEU B 194 -16.78 19.63 -23.22
N SER B 195 -15.86 18.66 -23.20
CA SER B 195 -15.63 17.87 -21.99
C SER B 195 -14.98 18.71 -20.90
N ASP B 196 -13.92 19.45 -21.25
CA ASP B 196 -13.17 20.23 -20.28
C ASP B 196 -12.87 21.60 -20.85
N THR B 197 -13.14 22.64 -20.06
CA THR B 197 -12.89 24.01 -20.48
C THR B 197 -12.49 24.83 -19.26
N ILE B 198 -11.73 25.90 -19.53
CA ILE B 198 -11.34 26.86 -18.51
C ILE B 198 -11.69 28.25 -19.01
N GLN B 199 -12.38 29.03 -18.17
CA GLN B 199 -12.79 30.38 -18.51
C GLN B 199 -12.48 31.31 -17.35
N GLY B 200 -12.24 32.57 -17.67
CA GLY B 200 -11.94 33.57 -16.66
C GLY B 200 -13.21 34.18 -16.08
N VAL B 201 -13.17 34.46 -14.78
CA VAL B 201 -14.28 35.04 -14.06
C VAL B 201 -13.80 36.28 -13.32
N THR B 202 -14.58 37.36 -13.42
CA THR B 202 -14.24 38.62 -12.78
C THR B 202 -15.12 38.82 -11.55
N ALA B 203 -14.49 39.13 -10.42
CA ALA B 203 -15.21 39.33 -9.17
C ALA B 203 -16.05 40.60 -9.21
N VAL B 208 -19.81 37.92 -10.15
CA VAL B 208 -19.10 36.93 -10.95
C VAL B 208 -19.48 37.06 -12.41
N ARG B 209 -18.62 37.70 -13.20
CA ARG B 209 -18.84 37.91 -14.62
C ARG B 209 -17.84 37.08 -15.41
N TYR B 210 -18.33 36.27 -16.33
CA TYR B 210 -17.47 35.44 -17.16
C TYR B 210 -16.77 36.27 -18.24
N GLN B 211 -15.59 35.80 -18.64
CA GLN B 211 -14.80 36.44 -19.69
C GLN B 211 -15.08 35.70 -21.00
N GLN B 212 -15.96 36.29 -21.82
CA GLN B 212 -16.32 35.69 -23.10
C GLN B 212 -15.28 35.93 -24.18
N SER B 213 -14.27 36.76 -23.91
CA SER B 213 -13.29 37.12 -24.94
C SER B 213 -12.50 35.91 -25.42
N TRP B 214 -12.11 35.04 -24.49
CA TRP B 214 -11.24 33.91 -24.81
C TRP B 214 -11.83 32.63 -24.26
N LEU B 215 -11.31 31.51 -24.75
CA LEU B 215 -11.75 30.19 -24.33
C LEU B 215 -10.56 29.23 -24.38
N CYS B 216 -10.49 28.34 -23.40
CA CYS B 216 -9.40 27.36 -23.28
C CYS B 216 -10.01 25.97 -23.28
N ILE B 217 -9.70 25.19 -24.31
CA ILE B 217 -10.24 23.83 -24.46
C ILE B 217 -9.16 22.83 -24.07
N ILE B 218 -9.53 21.83 -23.28
CA ILE B 218 -8.61 20.85 -22.74
C ILE B 218 -9.10 19.46 -23.10
N CYS B 219 -8.17 18.57 -23.42
CA CYS B 219 -8.50 17.19 -23.73
C CYS B 219 -7.31 16.30 -23.38
N THR B 220 -7.59 15.02 -23.15
CA THR B 220 -6.57 14.03 -22.83
C THR B 220 -6.66 12.89 -23.82
N MET B 221 -5.52 12.53 -24.41
CA MET B 221 -5.46 11.47 -25.41
C MET B 221 -4.36 10.50 -25.04
N LYS B 222 -4.67 9.20 -25.07
CA LYS B 222 -3.70 8.17 -24.74
C LYS B 222 -2.70 7.91 -25.86
N ALA B 223 -2.99 8.38 -27.08
CA ALA B 223 -2.12 8.15 -28.22
C ALA B 223 -1.06 9.21 -28.40
N LEU B 224 -1.00 10.21 -27.53
CA LEU B 224 -0.03 11.28 -27.62
C LEU B 224 1.16 11.01 -26.72
N GLN B 225 2.34 11.47 -27.17
CA GLN B 225 3.57 11.33 -26.42
C GLN B 225 4.08 12.61 -25.81
N LYS B 226 3.70 13.76 -26.35
CA LYS B 226 4.11 15.07 -25.86
C LYS B 226 2.87 15.92 -25.57
N ARG B 227 3.10 17.13 -25.10
CA ARG B 227 2.05 18.09 -24.83
C ARG B 227 1.97 19.09 -25.97
N HIS B 228 0.80 19.21 -26.59
CA HIS B 228 0.59 20.08 -27.73
C HIS B 228 -0.37 21.20 -27.35
N VAL B 229 0.05 22.44 -27.55
CA VAL B 229 -0.75 23.62 -27.26
C VAL B 229 -0.87 24.47 -28.51
N CYS B 230 -2.10 24.81 -28.87
CA CYS B 230 -2.38 25.64 -30.05
C CYS B 230 -3.19 26.85 -29.64
N ILE B 231 -2.83 28.01 -30.18
CA ILE B 231 -3.55 29.26 -29.93
C ILE B 231 -4.04 29.78 -31.28
N SER B 232 -5.35 29.95 -31.40
CA SER B 232 -5.97 30.41 -32.64
C SER B 232 -6.73 31.70 -32.37
N ARG B 233 -6.51 32.70 -33.22
CA ARG B 233 -7.18 33.99 -33.11
C ARG B 233 -8.21 34.12 -34.23
N LEU B 234 -9.43 34.51 -33.86
CA LEU B 234 -10.52 34.64 -34.82
C LEU B 234 -10.57 36.04 -35.39
N VAL B 235 -10.95 36.14 -36.66
CA VAL B 235 -11.05 37.44 -37.32
C VAL B 235 -12.13 38.29 -36.66
N ARG B 236 -13.29 37.69 -36.37
CA ARG B 236 -14.42 38.39 -35.79
C ARG B 236 -14.93 37.62 -34.59
N PRO B 237 -15.55 38.32 -33.63
CA PRO B 237 -16.14 37.62 -32.47
C PRO B 237 -17.26 36.69 -32.90
N GLN B 238 -17.36 35.57 -32.19
CA GLN B 238 -18.37 34.55 -32.48
C GLN B 238 -19.21 34.29 -31.24
N ASN B 239 -20.50 34.08 -31.45
CA ASN B 239 -21.45 33.81 -30.36
C ASN B 239 -21.63 32.30 -30.28
N TRP B 240 -20.79 31.65 -29.46
CA TRP B 240 -20.80 30.21 -29.31
C TRP B 240 -21.56 29.72 -28.09
N GLY B 241 -22.15 30.63 -27.32
CA GLY B 241 -22.91 30.22 -26.15
C GLY B 241 -23.17 31.41 -25.23
N GLU B 242 -23.75 31.09 -24.08
CA GLU B 242 -24.08 32.12 -23.08
C GLU B 242 -22.81 32.79 -22.57
N ASN B 243 -21.78 32.02 -22.25
CA ASN B 243 -20.52 32.54 -21.74
C ASN B 243 -19.43 32.59 -22.81
N SER B 244 -19.81 32.44 -24.08
CA SER B 244 -18.84 32.44 -25.18
C SER B 244 -19.38 33.26 -26.35
N CYS B 245 -19.97 34.41 -26.06
CA CYS B 245 -20.59 35.24 -27.09
C CYS B 245 -19.60 36.15 -27.81
N GLU B 246 -18.37 36.29 -27.31
CA GLU B 246 -17.39 37.18 -27.91
C GLU B 246 -16.04 36.50 -28.00
N VAL B 247 -16.02 35.24 -28.46
CA VAL B 247 -14.79 34.48 -28.52
C VAL B 247 -13.87 35.05 -29.60
N ARG B 248 -12.61 35.29 -29.22
CA ARG B 248 -11.62 35.78 -30.16
C ARG B 248 -10.38 34.89 -30.12
N PHE B 249 -10.16 34.21 -29.00
CA PHE B 249 -9.01 33.34 -28.81
C PHE B 249 -9.47 31.96 -28.38
N VAL B 250 -8.94 30.93 -29.02
CA VAL B 250 -9.22 29.54 -28.68
C VAL B 250 -7.89 28.87 -28.34
N ILE B 251 -7.82 28.27 -27.15
CA ILE B 251 -6.62 27.61 -26.68
C ILE B 251 -6.93 26.13 -26.52
N LEU B 252 -6.26 25.29 -27.30
CA LEU B 252 -6.41 23.85 -27.23
C LEU B 252 -5.14 23.25 -26.62
N VAL B 253 -5.30 22.51 -25.54
CA VAL B 253 -4.18 21.87 -24.85
C VAL B 253 -4.43 20.37 -24.85
N LEU B 254 -3.51 19.62 -25.46
CA LEU B 254 -3.59 18.17 -25.54
C LEU B 254 -2.37 17.58 -24.85
N ALA B 255 -2.61 16.68 -23.91
CA ALA B 255 -1.54 16.04 -23.14
C ALA B 255 -1.90 14.58 -22.90
N PRO B 256 -0.90 13.71 -22.77
CA PRO B 256 -1.17 12.31 -22.43
C PRO B 256 -1.62 12.19 -20.99
N PRO B 257 -2.39 11.15 -20.65
CA PRO B 257 -2.83 11.01 -19.25
C PRO B 257 -1.69 10.78 -18.27
N LYS B 258 -0.63 10.10 -18.70
CA LYS B 258 0.49 9.77 -17.82
C LYS B 258 1.52 10.89 -17.89
N MET B 259 1.42 11.83 -16.96
CA MET B 259 2.35 12.95 -16.86
C MET B 259 2.45 13.39 -15.41
N LYS B 260 3.49 14.17 -15.12
CA LYS B 260 3.70 14.67 -13.78
C LYS B 260 2.56 15.59 -13.36
N SER B 261 2.27 15.61 -12.06
CA SER B 261 1.16 16.39 -11.53
C SER B 261 1.35 17.89 -11.75
N THR B 262 2.58 18.34 -11.97
CA THR B 262 2.84 19.75 -12.24
C THR B 262 2.72 20.12 -13.71
N LYS B 263 2.73 19.12 -14.59
CA LYS B 263 2.60 19.38 -16.03
C LYS B 263 1.48 18.59 -16.67
N THR B 264 0.37 18.42 -15.94
CA THR B 264 -0.78 17.75 -16.49
C THR B 264 -1.50 18.66 -17.49
N ALA B 265 -2.60 18.15 -18.05
CA ALA B 265 -3.38 18.96 -18.99
C ALA B 265 -3.96 20.20 -18.32
N MET B 266 -4.44 20.06 -17.09
CA MET B 266 -4.97 21.20 -16.35
C MET B 266 -3.89 22.23 -16.06
N GLU B 267 -2.70 21.76 -15.63
CA GLU B 267 -1.64 22.69 -15.25
C GLU B 267 -1.14 23.50 -16.43
N VAL B 268 -0.94 22.85 -17.58
CA VAL B 268 -0.44 23.56 -18.76
C VAL B 268 -1.48 24.59 -19.23
N ALA B 269 -2.76 24.22 -19.17
CA ALA B 269 -3.81 25.16 -19.55
C ALA B 269 -3.86 26.37 -18.62
N ARG B 270 -3.61 26.14 -17.32
CA ARG B 270 -3.62 27.24 -16.36
C ARG B 270 -2.55 28.26 -16.66
N THR B 271 -1.40 27.84 -17.21
CA THR B 271 -0.35 28.78 -17.58
C THR B 271 -0.85 29.74 -18.66
N PHE B 272 -1.52 29.21 -19.69
CA PHE B 272 -2.05 30.06 -20.75
C PHE B 272 -3.31 30.80 -20.31
N ALA B 273 -4.13 30.16 -19.47
CA ALA B 273 -5.34 30.83 -18.98
C ALA B 273 -5.00 32.07 -18.15
N THR B 274 -3.96 31.97 -17.31
CA THR B 274 -3.56 33.10 -16.49
C THR B 274 -3.09 34.27 -17.36
N MET B 275 -2.30 33.99 -18.40
CA MET B 275 -1.83 35.05 -19.28
C MET B 275 -2.99 35.70 -20.03
N PHE B 276 -3.92 34.89 -20.55
CA PHE B 276 -5.07 35.41 -21.28
C PHE B 276 -6.13 36.00 -20.36
N SER B 277 -6.02 35.82 -19.04
CA SER B 277 -6.97 36.42 -18.12
C SER B 277 -6.82 37.93 -18.03
N ASP B 278 -5.73 38.49 -18.55
CA ASP B 278 -5.52 39.94 -18.54
C ASP B 278 -6.14 40.54 -19.79
N ILE B 279 -7.05 41.49 -19.59
CA ILE B 279 -7.72 42.12 -20.73
C ILE B 279 -6.72 42.93 -21.55
N ALA B 280 -5.75 43.57 -20.88
CA ALA B 280 -4.75 44.37 -21.60
C ALA B 280 -3.91 43.49 -22.52
N PHE B 281 -3.53 42.29 -22.05
CA PHE B 281 -2.74 41.39 -22.88
C PHE B 281 -3.51 40.95 -24.12
N ARG B 282 -4.81 40.66 -23.97
CA ARG B 282 -5.62 40.27 -25.11
C ARG B 282 -5.71 41.39 -26.14
N GLN B 283 -5.83 42.63 -25.67
CA GLN B 283 -5.86 43.77 -26.59
C GLN B 283 -4.55 43.89 -27.36
N LYS B 284 -3.42 43.66 -26.68
CA LYS B 284 -2.13 43.71 -27.37
C LYS B 284 -2.03 42.60 -28.42
N LEU B 285 -2.56 41.42 -28.12
CA LEU B 285 -2.56 40.33 -29.10
C LEU B 285 -3.37 40.71 -30.33
N LEU B 286 -4.51 41.36 -30.15
CA LEU B 286 -5.32 41.79 -31.29
C LEU B 286 -4.57 42.81 -32.14
N GLU B 287 -3.69 43.60 -31.54
CA GLU B 287 -2.93 44.59 -32.30
C GLU B 287 -1.82 43.93 -33.11
N THR B 288 -1.35 42.75 -32.71
CA THR B 288 -0.30 42.07 -33.45
C THR B 288 -0.76 41.66 -34.83
N ARG B 289 0.15 41.72 -35.79
CA ARG B 289 -0.15 41.39 -37.18
C ARG B 289 0.54 40.13 -37.68
N THR B 290 1.71 39.79 -37.15
CA THR B 290 2.47 38.64 -37.60
C THR B 290 2.70 37.67 -36.45
N GLU B 291 3.03 36.43 -36.82
CA GLU B 291 3.24 35.39 -35.83
C GLU B 291 4.43 35.71 -34.92
N GLU B 292 5.50 36.27 -35.49
CA GLU B 292 6.67 36.63 -34.68
C GLU B 292 6.31 37.67 -33.63
N GLU B 293 5.54 38.69 -34.00
CA GLU B 293 5.10 39.67 -33.02
C GLU B 293 4.15 39.07 -31.99
N PHE B 294 3.36 38.08 -32.39
CA PHE B 294 2.50 37.38 -31.44
C PHE B 294 3.32 36.67 -30.38
N LYS B 295 4.43 36.04 -30.79
CA LYS B 295 5.32 35.41 -29.83
C LYS B 295 5.96 36.44 -28.91
N GLU B 296 6.34 37.60 -29.46
CA GLU B 296 6.95 38.65 -28.65
C GLU B 296 6.00 39.14 -27.57
N ALA B 297 4.70 39.27 -27.90
CA ALA B 297 3.71 39.65 -26.90
C ALA B 297 3.62 38.60 -25.80
N LEU B 298 3.68 37.32 -26.16
CA LEU B 298 3.69 36.26 -25.16
C LEU B 298 4.91 36.37 -24.26
N VAL B 299 6.09 36.62 -24.84
CA VAL B 299 7.30 36.79 -24.05
C VAL B 299 7.20 38.05 -23.18
N HIS B 300 6.70 39.15 -23.76
CA HIS B 300 6.59 40.39 -23.01
C HIS B 300 5.61 40.25 -21.85
N GLN B 301 4.50 39.55 -22.07
CA GLN B 301 3.53 39.33 -21.00
C GLN B 301 4.14 38.54 -19.85
N ARG B 302 4.98 37.55 -20.18
CA ARG B 302 5.64 36.76 -19.14
C ARG B 302 6.52 37.63 -18.27
N GLN B 303 7.24 38.58 -18.88
CA GLN B 303 8.09 39.47 -18.10
C GLN B 303 7.27 40.30 -17.11
N LEU B 304 6.12 40.80 -17.55
CA LEU B 304 5.26 41.56 -16.64
C LEU B 304 4.76 40.69 -15.50
N LEU B 305 4.35 39.46 -15.80
CA LEU B 305 3.91 38.55 -14.75
C LEU B 305 5.06 38.14 -13.85
N THR B 306 6.25 37.94 -14.42
CA THR B 306 7.41 37.54 -13.62
C THR B 306 7.83 38.65 -12.65
N MET B 307 7.80 39.90 -13.11
CA MET B 307 8.23 41.03 -12.27
C MET B 307 7.12 41.41 -11.29
N CYS B 336 23.11 42.31 19.17
CA CYS B 336 21.81 42.53 18.55
C CYS B 336 20.83 43.15 19.55
N LYS B 337 19.65 43.52 19.06
CA LYS B 337 18.63 44.07 19.95
C LYS B 337 18.17 43.05 20.99
N ASP B 338 18.04 41.80 20.57
CA ASP B 338 17.66 40.74 21.51
C ASP B 338 18.79 40.50 22.52
N PHE B 339 18.47 39.70 23.53
CA PHE B 339 19.35 39.27 24.62
C PHE B 339 19.65 40.38 25.62
N VAL B 340 19.23 41.62 25.36
CA VAL B 340 19.48 42.71 26.29
C VAL B 340 18.72 42.46 27.59
N PRO B 341 17.41 42.13 27.58
CA PRO B 341 16.77 41.67 28.81
C PRO B 341 17.09 40.20 29.05
N PHE B 342 17.94 39.95 30.06
CA PHE B 342 18.39 38.59 30.31
C PHE B 342 17.23 37.69 30.77
N GLY B 343 16.47 38.15 31.75
CA GLY B 343 15.43 37.32 32.34
C GLY B 343 14.13 37.23 31.59
N LYS B 344 13.92 38.06 30.57
CA LYS B 344 12.63 38.11 29.89
C LYS B 344 12.27 36.75 29.28
N GLY B 345 13.27 36.00 28.81
CA GLY B 345 13.00 34.71 28.19
C GLY B 345 12.35 33.74 29.16
N ILE B 346 12.90 33.64 30.37
CA ILE B 346 12.33 32.74 31.37
C ILE B 346 10.99 33.25 31.86
N ARG B 347 10.89 34.57 32.12
CA ARG B 347 9.65 35.13 32.64
C ARG B 347 8.51 35.01 31.64
N GLU B 348 8.78 35.30 30.36
CA GLU B 348 7.71 35.30 29.36
C GLU B 348 7.17 33.88 29.13
N ASP B 349 8.06 32.89 29.12
CA ASP B 349 7.62 31.51 28.89
C ASP B 349 6.69 31.05 30.01
N ILE B 350 7.01 31.38 31.26
CA ILE B 350 6.12 31.04 32.37
C ILE B 350 4.79 31.78 32.22
N ALA B 351 4.83 33.05 31.84
CA ALA B 351 3.60 33.81 31.65
C ALA B 351 2.76 33.24 30.51
N ARG B 352 3.40 32.66 29.49
CA ARG B 352 2.66 32.06 28.39
C ARG B 352 2.06 30.71 28.75
N ARG B 353 2.62 30.01 29.72
CA ARG B 353 2.20 28.65 30.05
C ARG B 353 1.39 28.54 31.33
N PHE B 354 1.60 29.44 32.30
CA PHE B 354 0.90 29.34 33.58
C PHE B 354 -0.62 29.42 33.44
N PRO B 355 -1.20 30.38 32.69
CA PRO B 355 -2.67 30.38 32.56
C PRO B 355 -3.23 29.14 31.89
N LEU B 356 -2.45 28.47 31.05
CA LEU B 356 -2.91 27.30 30.32
C LEU B 356 -2.63 26.00 31.07
N TYR B 357 -2.08 26.08 32.28
CA TYR B 357 -1.76 24.87 33.04
C TYR B 357 -2.98 23.99 33.31
N PRO B 358 -4.10 24.49 33.82
CA PRO B 358 -5.26 23.61 34.06
C PRO B 358 -5.78 22.94 32.79
N LEU B 359 -5.67 23.60 31.64
CA LEU B 359 -6.15 23.00 30.40
C LEU B 359 -5.36 21.75 30.03
N ASP B 360 -4.11 21.66 30.48
CA ASP B 360 -3.29 20.50 30.15
C ASP B 360 -3.85 19.22 30.73
N PHE B 361 -4.45 19.28 31.91
CA PHE B 361 -5.01 18.11 32.57
C PHE B 361 -6.48 17.87 32.25
N THR B 362 -7.11 18.78 31.47
CA THR B 362 -8.51 18.62 31.13
C THR B 362 -8.77 18.88 29.65
N ASP B 363 -7.74 18.79 28.80
CA ASP B 363 -7.92 19.07 27.38
C ASP B 363 -8.81 18.02 26.72
N GLY B 364 -8.64 16.76 27.07
CA GLY B 364 -9.42 15.69 26.47
C GLY B 364 -10.13 14.81 27.48
N ILE B 365 -10.28 15.29 28.70
CA ILE B 365 -10.94 14.55 29.77
C ILE B 365 -12.30 15.16 30.11
N ILE B 366 -12.36 16.47 30.25
CA ILE B 366 -13.57 17.19 30.63
C ILE B 366 -14.14 17.85 29.39
N GLY B 367 -15.45 17.68 29.18
CA GLY B 367 -16.12 18.26 28.03
C GLY B 367 -16.32 17.29 26.89
N LYS B 368 -16.39 17.80 25.67
CA LYS B 368 -16.60 16.97 24.49
C LYS B 368 -15.26 16.50 23.94
N ASN B 369 -15.33 15.64 22.92
CA ASN B 369 -14.13 15.10 22.26
C ASN B 369 -13.21 14.42 23.26
N LYS B 370 -13.78 13.61 24.15
CA LYS B 370 -13.02 12.91 25.17
C LYS B 370 -12.12 11.87 24.51
N ALA B 371 -10.82 12.15 24.46
CA ALA B 371 -9.85 11.22 23.88
C ALA B 371 -9.20 10.39 25.00
N VAL B 372 -10.00 9.49 25.56
CA VAL B 372 -9.53 8.64 26.65
C VAL B 372 -8.72 7.48 26.10
N GLY B 373 -9.19 6.86 25.01
CA GLY B 373 -8.44 5.78 24.40
C GLY B 373 -7.10 6.23 23.86
N LYS B 374 -7.05 7.43 23.29
CA LYS B 374 -5.79 7.96 22.78
C LYS B 374 -4.79 8.16 23.90
N TYR B 375 -5.23 8.70 25.04
CA TYR B 375 -4.33 8.94 26.16
C TYR B 375 -3.79 7.63 26.73
N ILE B 376 -4.66 6.64 26.90
CA ILE B 376 -4.22 5.36 27.47
C ILE B 376 -3.23 4.68 26.53
N THR B 377 -3.53 4.66 25.23
CA THR B 377 -2.62 4.04 24.27
C THR B 377 -1.29 4.78 24.21
N THR B 378 -1.32 6.12 24.19
CA THR B 378 -0.09 6.88 24.12
C THR B 378 0.77 6.65 25.36
N THR B 379 0.15 6.61 26.54
CA THR B 379 0.88 6.31 27.76
C THR B 379 1.50 4.91 27.69
N LEU B 380 0.74 3.93 27.18
CA LEU B 380 1.29 2.59 27.02
C LEU B 380 2.42 2.57 26.00
N PHE B 381 2.26 3.31 24.89
CA PHE B 381 3.32 3.40 23.90
C PHE B 381 4.57 4.06 24.48
N LEU B 382 4.38 5.16 25.21
CA LEU B 382 5.53 5.83 25.83
C LEU B 382 6.20 4.95 26.88
N TYR B 383 5.39 4.19 27.64
CA TYR B 383 5.95 3.33 28.69
C TYR B 383 6.90 2.30 28.10
N PHE B 384 6.49 1.63 27.03
CA PHE B 384 7.37 0.64 26.41
C PHE B 384 8.52 1.29 25.66
N ALA B 385 8.25 2.38 24.95
CA ALA B 385 9.29 3.04 24.16
C ALA B 385 10.35 3.70 25.04
N CYS B 386 10.08 3.92 26.31
CA CYS B 386 11.04 4.56 27.21
C CYS B 386 11.70 3.58 28.17
N LEU B 387 10.93 2.63 28.73
CA LEU B 387 11.48 1.72 29.72
C LEU B 387 12.58 0.84 29.11
N LEU B 388 12.34 0.30 27.92
CA LEU B 388 13.31 -0.60 27.31
C LEU B 388 14.64 0.09 26.95
N PRO B 389 14.66 1.24 26.28
CA PRO B 389 15.97 1.88 26.03
C PRO B 389 16.73 2.26 27.29
N THR B 390 16.02 2.69 28.34
CA THR B 390 16.69 2.96 29.61
C THR B 390 17.27 1.69 30.20
N ILE B 391 16.58 0.55 30.01
CA ILE B 391 17.13 -0.72 30.46
C ILE B 391 18.44 -1.04 29.74
N ALA B 392 18.47 -0.85 28.42
CA ALA B 392 19.70 -1.08 27.68
C ALA B 392 20.79 -0.09 28.07
N PHE B 393 20.43 1.19 28.22
CA PHE B 393 21.41 2.18 28.62
C PHE B 393 21.88 1.96 30.05
N GLY B 394 20.97 1.54 30.94
CA GLY B 394 21.39 1.21 32.30
C GLY B 394 22.37 0.07 32.35
N SER B 395 22.13 -0.98 31.55
CA SER B 395 23.09 -2.08 31.45
C SER B 395 24.39 -1.61 30.82
N LEU B 396 24.31 -0.74 29.81
CA LEU B 396 25.51 -0.20 29.19
C LEU B 396 26.34 0.59 30.20
N ASN B 397 25.69 1.38 31.04
CA ASN B 397 26.40 2.07 32.11
C ASN B 397 26.97 1.08 33.12
N ASP B 398 26.26 -0.01 33.37
CA ASP B 398 26.73 -1.00 34.34
C ASP B 398 28.03 -1.65 33.89
N GLU B 399 28.12 -2.00 32.60
CA GLU B 399 29.33 -2.65 32.09
C GLU B 399 30.46 -1.66 31.83
N ASN B 400 30.17 -0.36 31.79
CA ASN B 400 31.21 0.65 31.61
C ASN B 400 31.74 1.18 32.94
N THR B 401 30.85 1.42 33.90
CA THR B 401 31.24 1.97 35.20
C THR B 401 31.49 0.90 36.25
N ASP B 402 31.38 -0.38 35.89
CA ASP B 402 31.62 -1.50 36.81
C ASP B 402 30.74 -1.40 38.05
N GLY B 403 29.44 -1.19 37.83
CA GLY B 403 28.47 -1.18 38.90
C GLY B 403 28.22 0.17 39.55
N ALA B 404 28.97 1.21 39.18
CA ALA B 404 28.74 2.53 39.75
C ALA B 404 27.36 3.05 39.38
N ILE B 405 26.95 2.88 38.12
CA ILE B 405 25.62 3.25 37.65
C ILE B 405 24.99 2.00 37.04
N ASP B 406 23.80 1.64 37.52
CA ASP B 406 23.16 0.41 37.10
C ASP B 406 21.77 0.64 36.53
N VAL B 407 21.03 -0.44 36.28
CA VAL B 407 19.70 -0.33 35.70
C VAL B 407 18.76 0.36 36.68
N GLN B 408 18.89 0.07 37.97
CA GLN B 408 18.01 0.67 38.97
C GLN B 408 18.12 2.19 38.98
N LYS B 409 19.35 2.71 38.98
CA LYS B 409 19.55 4.15 39.00
C LYS B 409 19.09 4.80 37.69
N THR B 410 19.38 4.15 36.56
CA THR B 410 18.98 4.72 35.27
C THR B 410 17.47 4.84 35.16
N ILE B 411 16.73 3.81 35.58
CA ILE B 411 15.28 3.86 35.52
C ILE B 411 14.75 4.85 36.54
N ALA B 412 15.33 4.88 37.75
CA ALA B 412 14.90 5.84 38.75
C ALA B 412 15.13 7.27 38.29
N GLY B 413 16.28 7.54 37.67
CA GLY B 413 16.53 8.86 37.13
C GLY B 413 15.56 9.24 36.03
N GLN B 414 15.24 8.29 35.15
CA GLN B 414 14.28 8.55 34.09
C GLN B 414 12.90 8.84 34.65
N SER B 415 12.47 8.08 35.65
CA SER B 415 11.15 8.29 36.23
C SER B 415 11.05 9.62 36.95
N ILE B 416 12.04 9.94 37.80
CA ILE B 416 12.01 11.19 38.55
C ILE B 416 12.12 12.38 37.59
N GLY B 417 13.06 12.29 36.64
CA GLY B 417 13.21 13.37 35.67
C GLY B 417 12.00 13.55 34.78
N GLY B 418 11.43 12.44 34.31
CA GLY B 418 10.23 12.52 33.50
C GLY B 418 9.04 13.07 34.26
N LEU B 419 8.86 12.63 35.50
CA LEU B 419 7.74 13.11 36.31
C LEU B 419 7.86 14.60 36.58
N LEU B 420 9.05 15.07 36.94
CA LEU B 420 9.24 16.49 37.18
C LEU B 420 9.03 17.31 35.91
N TYR B 421 9.58 16.83 34.79
CA TYR B 421 9.44 17.57 33.53
C TYR B 421 7.98 17.61 33.08
N ALA B 422 7.25 16.51 33.26
CA ALA B 422 5.84 16.48 32.87
C ALA B 422 4.99 17.43 33.69
N LEU B 423 5.46 17.85 34.86
CA LEU B 423 4.67 18.70 35.75
C LEU B 423 5.00 20.18 35.58
N PHE B 424 6.28 20.55 35.68
CA PHE B 424 6.68 21.95 35.79
C PHE B 424 7.44 22.45 34.56
N SER B 425 7.03 21.98 33.37
CA SER B 425 7.63 22.43 32.13
C SER B 425 6.55 22.77 31.10
N GLY B 426 6.74 23.86 30.38
CA GLY B 426 5.90 24.15 29.24
C GLY B 426 6.20 23.24 28.07
N GLN B 427 5.21 23.08 27.20
CA GLN B 427 5.28 22.16 26.07
C GLN B 427 5.60 20.76 26.59
N PRO B 428 4.66 20.10 27.27
CA PRO B 428 4.97 18.83 27.94
C PRO B 428 5.15 17.65 26.99
N LEU B 429 4.91 17.83 25.69
CA LEU B 429 5.05 16.74 24.73
C LEU B 429 6.49 16.28 24.57
N VAL B 430 7.46 17.06 25.05
CA VAL B 430 8.86 16.66 24.99
C VAL B 430 9.11 15.56 26.02
N ILE B 431 9.75 14.47 25.58
CA ILE B 431 10.04 13.32 26.42
C ILE B 431 11.54 13.31 26.73
N LEU B 432 11.87 13.22 28.01
CA LEU B 432 13.26 13.16 28.44
C LEU B 432 13.71 11.71 28.52
N LEU B 433 14.89 11.42 27.98
CA LEU B 433 15.44 10.08 28.04
C LEU B 433 16.95 10.17 27.88
N THR B 434 17.65 9.25 28.55
CA THR B 434 19.09 9.15 28.36
C THR B 434 19.41 8.63 26.97
N THR B 435 20.58 9.01 26.47
CA THR B 435 21.00 8.66 25.11
C THR B 435 22.38 8.04 25.14
N ALA B 436 22.72 7.39 24.02
CA ALA B 436 24.04 6.78 23.89
C ALA B 436 25.18 7.79 24.01
N PRO B 437 25.14 8.98 23.40
CA PRO B 437 26.21 9.95 23.64
C PRO B 437 26.40 10.31 25.10
N LEU B 438 25.31 10.41 25.87
CA LEU B 438 25.43 10.65 27.31
C LEU B 438 26.14 9.49 27.99
N ALA B 439 25.84 8.26 27.58
CA ALA B 439 26.54 7.10 28.12
C ALA B 439 28.02 7.15 27.78
N LEU B 440 28.36 7.68 26.60
CA LEU B 440 29.76 7.82 26.22
C LEU B 440 30.49 8.75 27.18
N TYR B 441 29.85 9.87 27.56
CA TYR B 441 30.47 10.78 28.53
C TYR B 441 30.68 10.09 29.87
N ILE B 442 29.70 9.30 30.31
CA ILE B 442 29.84 8.55 31.55
C ILE B 442 31.00 7.57 31.44
N GLN B 443 31.12 6.88 30.30
CA GLN B 443 32.25 5.99 30.09
C GLN B 443 33.58 6.74 30.11
N VAL B 444 33.62 7.92 29.47
CA VAL B 444 34.84 8.71 29.47
C VAL B 444 35.18 9.18 30.88
N ILE B 445 34.17 9.57 31.65
CA ILE B 445 34.39 9.97 33.04
C ILE B 445 35.00 8.84 33.84
N ARG B 446 34.48 7.62 33.65
CA ARG B 446 35.05 6.46 34.34
C ARG B 446 36.49 6.23 33.93
N VAL B 447 36.80 6.38 32.64
CA VAL B 447 38.18 6.21 32.18
C VAL B 447 39.08 7.28 32.80
N ILE B 448 38.61 8.53 32.84
CA ILE B 448 39.39 9.60 33.46
C ILE B 448 39.59 9.31 34.94
N CYS B 449 38.53 8.86 35.63
CA CYS B 449 38.65 8.53 37.04
C CYS B 449 39.53 7.30 37.26
N ASP B 450 39.63 6.42 36.26
CA ASP B 450 40.52 5.27 36.40
C ASP B 450 41.98 5.67 36.21
N ASP B 451 42.25 6.59 35.28
CA ASP B 451 43.63 7.00 35.03
C ASP B 451 44.24 7.69 36.25
N TYR B 452 43.48 8.57 36.89
CA TYR B 452 43.95 9.30 38.07
C TYR B 452 43.33 8.67 39.32
N ASP B 453 43.62 9.30 40.47
CA ASP B 453 43.03 8.88 41.74
C ASP B 453 41.87 9.81 42.04
N LEU B 454 40.77 9.60 41.33
CA LEU B 454 39.58 10.42 41.47
C LEU B 454 38.35 9.52 41.66
N ASP B 455 37.46 9.94 42.55
CA ASP B 455 36.21 9.22 42.76
C ASP B 455 35.27 9.43 41.58
N PHE B 456 34.66 8.36 41.10
CA PHE B 456 33.75 8.46 39.96
C PHE B 456 32.54 9.33 40.29
N ASN B 457 31.93 9.09 41.45
CA ASN B 457 30.74 9.85 41.82
C ASN B 457 31.05 11.33 42.02
N SER B 458 32.18 11.64 42.64
CA SER B 458 32.54 13.04 42.88
C SER B 458 32.78 13.77 41.56
N PHE B 459 33.55 13.16 40.65
CA PHE B 459 33.80 13.79 39.36
C PHE B 459 32.53 13.86 38.51
N TYR B 460 31.71 12.80 38.56
CA TYR B 460 30.46 12.80 37.80
C TYR B 460 29.52 13.90 38.27
N ALA B 461 29.44 14.10 39.59
CA ALA B 461 28.56 15.14 40.12
C ALA B 461 29.05 16.54 39.70
N TRP B 462 30.36 16.78 39.76
CA TRP B 462 30.88 18.11 39.49
C TRP B 462 30.65 18.51 38.04
N THR B 463 30.90 17.62 37.09
CA THR B 463 30.68 17.95 35.68
C THR B 463 29.19 18.15 35.41
N GLY B 464 28.33 17.43 36.14
CA GLY B 464 26.90 17.70 36.05
C GLY B 464 26.53 19.06 36.62
N LEU B 465 27.20 19.47 37.71
CA LEU B 465 26.95 20.79 38.27
C LEU B 465 27.34 21.88 37.29
N TRP B 466 28.50 21.75 36.66
CA TRP B 466 28.92 22.73 35.66
C TRP B 466 28.01 22.68 34.43
N ASN B 467 27.57 21.48 34.04
CA ASN B 467 26.63 21.36 32.93
C ASN B 467 25.33 22.09 33.22
N SER B 468 24.79 21.91 34.43
CA SER B 468 23.58 22.63 34.81
C SER B 468 23.85 24.12 34.94
N PHE B 469 25.01 24.50 35.47
CA PHE B 469 25.34 25.91 35.61
C PHE B 469 25.40 26.62 34.27
N PHE B 470 26.05 25.99 33.28
CA PHE B 470 26.12 26.58 31.95
C PHE B 470 24.75 26.59 31.27
N LEU B 471 23.97 25.52 31.46
CA LEU B 471 22.62 25.49 30.91
C LEU B 471 21.74 26.56 31.54
N ALA B 472 21.92 26.80 32.84
CA ALA B 472 21.18 27.87 33.50
C ALA B 472 21.54 29.23 32.90
N LEU B 473 22.82 29.46 32.63
CA LEU B 473 23.23 30.70 31.99
C LEU B 473 22.64 30.82 30.58
N TYR B 474 22.61 29.72 29.83
CA TYR B 474 22.08 29.75 28.47
C TYR B 474 20.60 30.14 28.49
N ALA B 475 19.83 29.58 29.42
CA ALA B 475 18.44 29.99 29.55
C ALA B 475 18.33 31.42 30.06
N PHE B 476 19.23 31.82 30.96
CA PHE B 476 19.21 33.17 31.53
C PHE B 476 19.71 34.23 30.55
N PHE B 477 20.47 33.85 29.54
CA PHE B 477 20.93 34.78 28.52
C PHE B 477 20.12 34.71 27.24
N ASN B 478 19.01 33.95 27.24
CA ASN B 478 18.10 33.86 26.10
C ASN B 478 18.81 33.36 24.83
N LEU B 479 19.82 32.50 25.00
CA LEU B 479 20.57 32.00 23.87
C LEU B 479 19.78 31.03 23.00
N SER B 480 18.61 30.56 23.47
CA SER B 480 17.80 29.66 22.66
C SER B 480 17.29 30.31 21.38
N LEU B 481 17.32 31.65 21.29
CA LEU B 481 16.82 32.32 20.10
C LEU B 481 17.68 32.01 18.88
N VAL B 482 19.00 31.91 19.06
CA VAL B 482 19.89 31.63 17.93
C VAL B 482 19.64 30.25 17.34
N MET B 483 19.02 29.35 18.10
CA MET B 483 18.69 28.02 17.59
C MET B 483 17.64 28.06 16.50
N SER B 484 16.94 29.18 16.32
CA SER B 484 16.00 29.31 15.22
C SER B 484 16.70 29.25 13.86
N LEU B 485 18.01 29.47 13.82
CA LEU B 485 18.76 29.33 12.57
C LEU B 485 18.77 27.90 12.06
N PHE B 486 18.49 26.93 12.93
CA PHE B 486 18.38 25.53 12.52
C PHE B 486 17.02 25.33 11.85
N LYS B 487 16.99 25.62 10.55
CA LYS B 487 15.78 25.48 9.76
C LYS B 487 15.54 24.01 9.42
N ARG B 488 14.56 23.74 8.55
CA ARG B 488 14.27 22.38 8.15
C ARG B 488 15.45 21.73 7.45
N SER B 489 16.31 22.54 6.80
CA SER B 489 17.45 21.99 6.08
C SER B 489 18.39 21.23 7.01
N THR B 490 18.69 21.80 8.17
CA THR B 490 19.62 21.18 9.11
C THR B 490 18.95 20.23 10.08
N GLU B 491 17.71 20.52 10.50
CA GLU B 491 17.04 19.66 11.48
C GLU B 491 16.82 18.26 10.93
N GLU B 492 16.39 18.15 9.68
CA GLU B 492 16.10 16.84 9.11
C GLU B 492 17.37 15.99 8.99
N ILE B 493 18.49 16.61 8.63
CA ILE B 493 19.76 15.88 8.54
C ILE B 493 20.14 15.32 9.90
N ILE B 494 20.04 16.15 10.95
CA ILE B 494 20.29 15.68 12.30
C ILE B 494 19.22 14.68 12.72
N ALA B 495 17.98 14.91 12.31
CA ALA B 495 16.90 13.97 12.59
C ALA B 495 17.18 12.61 11.96
N LEU B 496 17.62 12.60 10.70
CA LEU B 496 17.92 11.35 10.03
C LEU B 496 19.12 10.65 10.67
N PHE B 497 20.13 11.42 11.07
CA PHE B 497 21.33 10.82 11.66
C PHE B 497 21.02 10.05 12.93
N ILE B 498 20.19 10.61 13.80
CA ILE B 498 19.84 9.94 15.06
C ILE B 498 19.07 8.66 14.78
N SER B 499 18.18 8.69 13.77
CA SER B 499 17.47 7.48 13.37
C SER B 499 18.45 6.41 12.89
N ILE B 500 19.49 6.82 12.16
CA ILE B 500 20.51 5.86 11.70
C ILE B 500 21.26 5.26 12.88
N THR B 501 21.50 6.05 13.93
CA THR B 501 22.20 5.54 15.09
C THR B 501 21.42 4.41 15.76
N PHE B 502 20.09 4.57 15.89
CA PHE B 502 19.27 3.51 16.44
C PHE B 502 19.30 2.27 15.56
N VAL B 503 19.33 2.46 14.23
CA VAL B 503 19.47 1.31 13.34
C VAL B 503 20.83 0.65 13.52
N LEU B 504 21.90 1.44 13.63
CA LEU B 504 23.23 0.87 13.82
C LEU B 504 23.34 0.15 15.16
N ASP B 505 22.71 0.69 16.20
CA ASP B 505 22.75 0.05 17.50
C ASP B 505 22.13 -1.35 17.45
N ALA B 506 20.99 -1.48 16.76
CA ALA B 506 20.39 -2.79 16.58
C ALA B 506 21.30 -3.71 15.77
N VAL B 507 21.92 -3.17 14.71
CA VAL B 507 22.81 -3.98 13.89
C VAL B 507 24.05 -4.39 14.69
N LYS B 508 24.64 -3.44 15.41
CA LYS B 508 25.82 -3.75 16.22
C LYS B 508 25.49 -4.76 17.30
N GLY B 509 24.33 -4.62 17.95
CA GLY B 509 23.92 -5.60 18.93
C GLY B 509 23.74 -6.98 18.36
N THR B 510 23.14 -7.06 17.15
CA THR B 510 22.98 -8.36 16.49
C THR B 510 24.33 -8.99 16.19
N VAL B 511 25.29 -8.20 15.71
CA VAL B 511 26.63 -8.72 15.45
C VAL B 511 27.28 -9.18 16.75
N LYS B 512 27.05 -8.45 17.84
CA LYS B 512 27.61 -8.84 19.13
C LYS B 512 27.06 -10.19 19.58
N ILE B 513 25.76 -10.41 19.39
CA ILE B 513 25.17 -11.70 19.76
C ILE B 513 25.74 -12.81 18.90
N PHE B 514 25.85 -12.57 17.59
CA PHE B 514 26.41 -13.57 16.69
C PHE B 514 27.87 -13.87 17.03
N TRP B 515 28.65 -12.83 17.33
CA TRP B 515 30.05 -13.03 17.68
C TRP B 515 30.18 -13.84 18.96
N LYS B 516 29.36 -13.53 19.97
CA LYS B 516 29.47 -14.23 21.25
C LYS B 516 28.92 -15.64 21.18
N TYR B 517 27.77 -15.82 20.53
CA TYR B 517 27.05 -17.09 20.56
C TYR B 517 27.31 -17.95 19.32
N TYR B 518 27.05 -17.41 18.13
CA TYR B 518 27.16 -18.20 16.91
C TYR B 518 28.59 -18.68 16.69
N TYR B 519 29.56 -17.80 16.90
CA TYR B 519 30.97 -18.14 16.71
C TYR B 519 31.65 -18.58 18.00
N GLY B 520 30.92 -18.62 19.12
CA GLY B 520 31.48 -19.11 20.37
C GLY B 520 32.58 -18.26 20.94
N HIS B 521 32.49 -16.94 20.82
CA HIS B 521 33.47 -16.04 21.43
C HIS B 521 32.89 -15.38 22.68
N GLY B 570 23.96 -21.72 21.70
CA GLY B 570 24.99 -21.13 20.87
C GLY B 570 24.47 -20.60 19.54
N GLN B 571 24.55 -21.44 18.50
CA GLN B 571 24.11 -21.03 17.17
C GLN B 571 22.61 -20.79 17.15
N ALA B 572 21.84 -21.58 17.89
CA ALA B 572 20.39 -21.39 17.94
C ALA B 572 20.04 -20.03 18.53
N THR B 573 20.78 -19.60 19.55
CA THR B 573 20.51 -18.30 20.17
C THR B 573 20.67 -17.17 19.16
N ALA B 574 21.78 -17.18 18.41
CA ALA B 574 22.02 -16.12 17.43
C ALA B 574 20.98 -16.13 16.31
N VAL B 575 20.66 -17.32 15.80
CA VAL B 575 19.67 -17.42 14.73
C VAL B 575 18.30 -16.97 15.22
N LEU B 576 17.91 -17.39 16.43
CA LEU B 576 16.65 -16.94 17.01
C LEU B 576 16.68 -15.44 17.28
N SER B 577 17.83 -14.92 17.69
CA SER B 577 17.96 -13.48 17.93
C SER B 577 17.66 -12.68 16.66
N LEU B 578 18.18 -13.14 15.52
CA LEU B 578 17.86 -12.48 14.25
C LEU B 578 16.39 -12.62 13.91
N LEU B 579 15.82 -13.81 14.13
CA LEU B 579 14.40 -14.02 13.84
C LEU B 579 13.51 -13.15 14.71
N ILE B 580 13.83 -13.05 16.00
CA ILE B 580 13.01 -12.24 16.90
C ILE B 580 13.10 -10.76 16.54
N MET B 581 14.31 -10.28 16.26
CA MET B 581 14.48 -8.88 15.91
C MET B 581 13.73 -8.52 14.63
N LEU B 582 13.90 -9.33 13.59
CA LEU B 582 13.19 -9.08 12.34
C LEU B 582 11.68 -9.25 12.52
N GLY B 583 11.26 -10.26 13.28
CA GLY B 583 9.85 -10.48 13.49
C GLY B 583 9.19 -9.35 14.27
N THR B 584 9.87 -8.83 15.30
CA THR B 584 9.32 -7.73 16.07
C THR B 584 9.16 -6.49 15.21
N LEU B 585 10.14 -6.19 14.36
CA LEU B 585 10.03 -5.06 13.45
C LEU B 585 8.88 -5.25 12.47
N TRP B 586 8.72 -6.47 11.94
CA TRP B 586 7.66 -6.73 10.97
C TRP B 586 6.29 -6.57 11.60
N LEU B 587 6.08 -7.19 12.77
CA LEU B 587 4.77 -7.13 13.41
C LEU B 587 4.41 -5.71 13.83
N GLY B 588 5.37 -4.98 14.39
CA GLY B 588 5.11 -3.61 14.79
C GLY B 588 4.81 -2.71 13.62
N TYR B 589 5.58 -2.83 12.53
CA TYR B 589 5.37 -1.99 11.36
C TYR B 589 4.07 -2.35 10.66
N THR B 590 3.72 -3.63 10.60
CA THR B 590 2.46 -4.04 10.00
C THR B 590 1.28 -3.46 10.75
N LEU B 591 1.32 -3.51 12.08
CA LEU B 591 0.27 -2.91 12.88
C LEU B 591 0.29 -1.38 12.76
N TYR B 592 1.49 -0.80 12.60
CA TYR B 592 1.59 0.65 12.43
C TYR B 592 0.89 1.09 11.15
N GLN B 593 1.07 0.35 10.07
CA GLN B 593 0.42 0.67 8.81
C GLN B 593 -1.03 0.20 8.75
N PHE B 594 -1.49 -0.55 9.76
CA PHE B 594 -2.87 -1.03 9.75
C PHE B 594 -3.88 0.10 9.89
N LYS B 595 -3.45 1.29 10.35
CA LYS B 595 -4.37 2.41 10.52
C LYS B 595 -4.94 2.90 9.20
N LYS B 596 -4.21 2.70 8.10
CA LYS B 596 -4.65 3.20 6.82
C LYS B 596 -5.51 2.17 6.12
N SER B 597 -5.59 0.98 6.71
CA SER B 597 -6.34 -0.10 6.09
C SER B 597 -7.84 0.10 6.13
N PRO B 598 -8.58 -0.43 5.13
CA PRO B 598 -10.02 -0.27 5.27
C PRO B 598 -10.61 -1.27 6.24
N TYR B 599 -9.80 -2.19 6.73
CA TYR B 599 -10.30 -3.24 7.59
C TYR B 599 -10.69 -2.86 9.00
N LEU B 600 -11.77 -3.45 9.53
CA LEU B 600 -12.22 -3.22 10.92
C LEU B 600 -13.00 -1.95 11.19
N HIS B 601 -13.42 -1.77 12.43
CA HIS B 601 -14.15 -0.57 12.80
C HIS B 601 -13.13 0.57 12.93
N PRO B 602 -13.48 1.82 12.49
CA PRO B 602 -12.42 2.81 12.57
C PRO B 602 -11.85 2.97 13.97
N CYS B 603 -12.70 2.95 14.99
CA CYS B 603 -12.23 3.08 16.36
C CYS B 603 -11.37 1.91 16.77
N VAL B 604 -11.85 0.70 16.55
CA VAL B 604 -11.07 -0.49 16.90
C VAL B 604 -9.75 -0.51 16.13
N ARG B 605 -9.78 -0.16 14.84
CA ARG B 605 -8.57 -0.16 14.04
C ARG B 605 -7.55 0.86 14.55
N GLU B 606 -8.02 2.06 14.91
CA GLU B 606 -7.11 3.08 15.40
C GLU B 606 -6.45 2.66 16.70
N ILE B 607 -7.23 2.07 17.61
CA ILE B 607 -6.66 1.59 18.87
C ILE B 607 -5.67 0.46 18.62
N LEU B 608 -6.04 -0.49 17.76
CA LEU B 608 -5.14 -1.61 17.47
C LEU B 608 -3.86 -1.14 16.79
N SER B 609 -3.98 -0.20 15.84
CA SER B 609 -2.80 0.28 15.12
C SER B 609 -1.89 1.12 16.01
N ASP B 610 -2.48 1.99 16.83
CA ASP B 610 -1.68 2.83 17.72
C ASP B 610 -0.99 2.02 18.81
N CYS B 611 -1.44 0.79 19.05
CA CYS B 611 -0.78 -0.13 19.98
C CYS B 611 0.22 -1.03 19.27
N ALA B 612 0.82 -0.56 18.18
CA ALA B 612 1.72 -1.40 17.39
C ALA B 612 2.95 -1.79 18.21
N LEU B 613 3.63 -0.81 18.81
CA LEU B 613 4.82 -1.11 19.59
C LEU B 613 4.53 -1.96 20.82
N PRO B 614 3.54 -1.63 21.68
CA PRO B 614 3.31 -2.49 22.85
C PRO B 614 2.94 -3.92 22.50
N ILE B 615 2.14 -4.11 21.45
CA ILE B 615 1.73 -5.47 21.08
C ILE B 615 2.91 -6.26 20.51
N ALA B 616 3.71 -5.63 19.65
CA ALA B 616 4.84 -6.32 19.05
C ALA B 616 5.85 -6.75 20.10
N VAL B 617 6.13 -5.87 21.08
CA VAL B 617 7.07 -6.22 22.15
C VAL B 617 6.51 -7.37 22.98
N LEU B 618 5.25 -7.26 23.40
CA LEU B 618 4.67 -8.29 24.26
C LEU B 618 4.51 -9.63 23.54
N ALA B 619 4.09 -9.59 22.27
CA ALA B 619 3.85 -10.84 21.54
C ALA B 619 5.13 -11.64 21.36
N PHE B 620 6.20 -10.98 20.91
CA PHE B 620 7.46 -11.68 20.68
C PHE B 620 8.25 -11.94 21.95
N SER B 621 7.95 -11.19 23.03
CA SER B 621 8.51 -11.55 24.33
C SER B 621 7.99 -12.90 24.78
N LEU B 622 6.69 -13.15 24.58
CA LEU B 622 6.13 -14.46 24.89
C LEU B 622 6.71 -15.54 23.98
N ILE B 623 6.91 -15.22 22.70
CA ILE B 623 7.44 -16.19 21.75
C ILE B 623 8.85 -16.61 22.15
N SER B 624 9.70 -15.62 22.45
CA SER B 624 11.09 -15.93 22.78
C SER B 624 11.21 -16.57 24.17
N SER B 625 10.53 -16.01 25.16
CA SER B 625 10.70 -16.50 26.53
C SER B 625 9.95 -17.80 26.78
N HIS B 626 8.74 -17.94 26.22
CA HIS B 626 7.89 -19.08 26.49
C HIS B 626 7.82 -20.08 25.34
N GLY B 627 7.71 -19.59 24.09
CA GLY B 627 7.69 -20.49 22.96
C GLY B 627 9.04 -21.13 22.65
N PHE B 628 10.12 -20.53 23.13
CA PHE B 628 11.48 -21.02 22.89
C PHE B 628 12.24 -21.11 24.22
N ARG B 629 11.62 -21.77 25.20
CA ARG B 629 12.26 -21.94 26.50
C ARG B 629 13.56 -22.71 26.39
N GLU B 630 13.60 -23.72 25.51
CA GLU B 630 14.79 -24.57 25.38
C GLU B 630 15.99 -23.80 24.82
N ILE B 631 15.77 -22.64 24.20
CA ILE B 631 16.85 -21.86 23.60
C ILE B 631 17.10 -20.66 24.51
N GLU B 632 18.27 -20.63 25.14
CA GLU B 632 18.64 -19.50 25.99
C GLU B 632 18.90 -18.27 25.14
N MET B 633 18.46 -17.12 25.63
CA MET B 633 18.55 -15.85 24.90
C MET B 633 19.34 -14.84 25.72
N SER B 634 20.10 -14.00 25.03
CA SER B 634 20.85 -12.95 25.70
C SER B 634 19.90 -11.97 26.38
N LYS B 635 20.18 -11.66 27.64
CA LYS B 635 19.35 -10.77 28.42
C LYS B 635 20.23 -9.79 29.19
N PHE B 636 19.67 -8.62 29.48
CA PHE B 636 20.41 -7.59 30.20
C PHE B 636 20.65 -8.02 31.65
N ARG B 637 21.84 -7.69 32.16
CA ARG B 637 22.22 -8.08 33.50
C ARG B 637 21.37 -7.39 34.55
N TYR B 638 21.05 -8.12 35.62
CA TYR B 638 20.33 -7.58 36.76
C TYR B 638 21.09 -7.92 38.04
N ASN B 639 21.30 -6.92 38.88
CA ASN B 639 21.98 -7.08 40.15
C ASN B 639 21.21 -6.37 41.25
N PRO B 640 21.31 -6.85 42.49
CA PRO B 640 20.65 -6.15 43.61
C PRO B 640 21.23 -4.76 43.81
N SER B 641 20.56 -4.00 44.67
CA SER B 641 20.98 -2.63 44.95
C SER B 641 22.40 -2.61 45.53
N GLU B 642 23.24 -1.72 45.00
CA GLU B 642 24.62 -1.59 45.41
C GLU B 642 24.95 -0.21 45.96
N SER B 643 24.44 0.86 45.33
CA SER B 643 24.69 2.22 45.79
C SER B 643 23.40 2.79 46.37
N PRO B 644 23.36 3.13 47.67
CA PRO B 644 22.13 3.60 48.31
C PRO B 644 21.84 5.09 48.07
N PHE B 645 21.98 5.53 46.83
CA PHE B 645 21.64 6.89 46.41
C PHE B 645 22.37 7.93 47.28
N ALA B 646 23.70 7.91 47.21
CA ALA B 646 24.51 8.83 47.98
C ALA B 646 24.51 10.22 47.33
N MET B 647 25.11 11.17 48.05
CA MET B 647 25.21 12.55 47.57
C MET B 647 26.47 12.80 46.75
N ALA B 648 27.32 11.78 46.59
CA ALA B 648 28.54 11.74 45.78
C ALA B 648 29.68 12.55 46.40
N GLN B 649 29.47 13.25 47.52
CA GLN B 649 30.52 13.99 48.21
C GLN B 649 31.24 14.95 47.27
N ILE B 650 30.50 15.97 46.83
CA ILE B 650 31.04 16.94 45.86
C ILE B 650 32.25 17.67 46.45
N GLN B 651 32.20 17.98 47.75
CA GLN B 651 33.30 18.70 48.37
C GLN B 651 34.56 17.86 48.51
N SER B 652 34.47 16.55 48.34
CA SER B 652 35.66 15.71 48.42
C SER B 652 36.64 16.03 47.30
N LEU B 653 36.14 16.27 46.09
CA LEU B 653 37.02 16.59 44.97
C LEU B 653 37.69 17.94 45.18
N SER B 654 38.97 18.00 44.84
CA SER B 654 39.78 19.20 45.03
C SER B 654 39.99 19.91 43.70
N LEU B 655 40.84 20.93 43.73
CA LEU B 655 41.17 21.69 42.53
C LEU B 655 41.98 20.81 41.57
N ARG B 656 42.13 21.30 40.33
CA ARG B 656 42.76 20.66 39.19
C ARG B 656 41.87 19.55 38.62
N ALA B 657 40.79 19.19 39.29
CA ALA B 657 39.83 18.20 38.79
C ALA B 657 38.47 18.80 38.51
N VAL B 658 38.04 19.78 39.32
CA VAL B 658 36.80 20.49 39.02
C VAL B 658 36.94 21.29 37.73
N SER B 659 38.13 21.83 37.46
CA SER B 659 38.36 22.53 36.21
C SER B 659 38.20 21.58 35.02
N GLY B 660 38.71 20.35 35.14
CA GLY B 660 38.46 19.35 34.12
C GLY B 660 36.99 19.01 33.98
N ALA B 661 36.28 18.93 35.11
CA ALA B 661 34.83 18.73 35.07
C ALA B 661 34.14 19.91 34.41
N MET B 662 34.65 21.13 34.65
CA MET B 662 34.08 22.30 34.00
C MET B 662 34.21 22.21 32.49
N GLY B 663 35.35 21.73 32.00
CA GLY B 663 35.51 21.52 30.57
C GLY B 663 34.51 20.51 30.02
N LEU B 664 34.35 19.39 30.71
CA LEU B 664 33.33 18.42 30.32
C LEU B 664 31.93 19.01 30.49
N GLY B 665 31.70 19.77 31.56
CA GLY B 665 30.41 20.40 31.75
C GLY B 665 30.08 21.39 30.64
N PHE B 666 31.07 22.17 30.21
CA PHE B 666 30.86 23.08 29.08
C PHE B 666 30.56 22.28 27.81
N LEU B 667 31.30 21.20 27.58
CA LEU B 667 31.02 20.36 26.42
C LEU B 667 29.66 19.68 26.54
N LEU B 668 29.30 19.24 27.74
CA LEU B 668 27.98 18.68 27.96
C LEU B 668 26.89 19.73 27.72
N SER B 669 27.13 20.96 28.17
CA SER B 669 26.14 22.02 27.97
C SER B 669 25.89 22.28 26.49
N MET B 670 26.95 22.24 25.68
CA MET B 670 26.78 22.39 24.24
C MET B 670 25.90 21.28 23.67
N LEU B 671 26.15 20.04 24.10
CA LEU B 671 25.31 18.92 23.66
C LEU B 671 23.88 19.08 24.14
N PHE B 672 23.70 19.43 25.41
CA PHE B 672 22.35 19.58 25.96
C PHE B 672 21.61 20.74 25.30
N PHE B 673 22.29 21.87 25.10
CA PHE B 673 21.64 23.05 24.55
C PHE B 673 21.14 22.79 23.13
N ILE B 674 21.97 22.17 22.30
CA ILE B 674 21.59 21.91 20.91
C ILE B 674 20.48 20.87 20.84
N GLU B 675 20.64 19.76 21.56
CA GLU B 675 19.68 18.67 21.47
C GLU B 675 18.31 19.07 22.02
N GLN B 676 18.29 19.80 23.14
CA GLN B 676 17.02 20.19 23.73
C GLN B 676 16.23 21.10 22.80
N ASN B 677 16.91 22.06 22.17
CA ASN B 677 16.22 23.00 21.28
C ASN B 677 15.81 22.32 19.97
N LEU B 678 16.64 21.42 19.45
CA LEU B 678 16.32 20.76 18.19
C LEU B 678 15.05 19.93 18.32
N VAL B 679 14.95 19.13 19.38
CA VAL B 679 13.76 18.29 19.57
C VAL B 679 12.55 19.16 19.87
N ALA B 680 12.72 20.19 20.68
CA ALA B 680 11.62 21.11 20.96
C ALA B 680 11.15 21.82 19.70
N ALA B 681 12.09 22.23 18.84
CA ALA B 681 11.72 22.84 17.57
C ALA B 681 10.96 21.86 16.69
N LEU B 682 11.40 20.59 16.66
CA LEU B 682 10.68 19.58 15.90
C LEU B 682 9.27 19.37 16.45
N VAL B 683 9.13 19.35 17.77
CA VAL B 683 7.81 19.27 18.38
C VAL B 683 6.99 20.51 18.02
N ASN B 684 7.61 21.69 18.10
CA ASN B 684 6.94 22.95 17.83
C ASN B 684 6.98 23.33 16.35
N ALA B 685 7.13 22.36 15.46
CA ALA B 685 7.15 22.65 14.04
C ALA B 685 5.80 23.22 13.58
N PRO B 686 5.80 24.07 12.55
CA PRO B 686 4.53 24.65 12.09
C PRO B 686 3.50 23.63 11.64
N GLU B 687 3.94 22.45 11.19
CA GLU B 687 2.98 21.42 10.79
C GLU B 687 2.10 21.00 11.96
N ASN B 688 2.70 20.81 13.14
CA ASN B 688 1.93 20.60 14.35
C ASN B 688 1.34 21.92 14.82
N ARG B 689 0.03 21.93 15.09
CA ARG B 689 -0.64 23.17 15.45
C ARG B 689 -0.08 23.76 16.74
N LEU B 690 -0.30 23.07 17.86
CA LEU B 690 0.20 23.48 19.17
C LEU B 690 -0.09 24.96 19.45
N VAL B 691 -1.38 25.27 19.51
CA VAL B 691 -1.82 26.66 19.67
C VAL B 691 -1.50 27.23 21.05
N LYS B 692 -1.00 26.41 21.98
CA LYS B 692 -0.76 26.90 23.33
C LYS B 692 0.48 27.80 23.39
N GLY B 693 1.55 27.45 22.69
CA GLY B 693 2.75 28.26 22.63
C GLY B 693 3.98 27.41 22.86
N THR B 694 5.11 28.11 23.04
CA THR B 694 6.40 27.47 23.22
C THR B 694 7.06 28.00 24.49
N ALA B 695 7.88 27.15 25.12
CA ALA B 695 8.54 27.48 26.37
C ALA B 695 10.01 27.08 26.30
N TYR B 696 10.70 27.50 25.24
CA TYR B 696 12.09 27.10 25.03
C TYR B 696 12.97 27.48 26.20
N HIS B 697 12.89 28.74 26.65
CA HIS B 697 13.78 29.22 27.71
C HIS B 697 13.49 28.52 29.03
N TRP B 698 12.21 28.38 29.39
CA TRP B 698 11.86 27.76 30.66
C TRP B 698 12.25 26.29 30.69
N ASP B 699 12.06 25.57 29.58
CA ASP B 699 12.43 24.16 29.53
C ASP B 699 13.92 23.96 29.74
N LEU B 700 14.74 24.83 29.16
CA LEU B 700 16.19 24.72 29.33
C LEU B 700 16.59 24.92 30.78
N LEU B 701 15.99 25.91 31.46
CA LEU B 701 16.30 26.14 32.86
C LEU B 701 15.89 24.96 33.73
N LEU B 702 14.69 24.42 33.49
CA LEU B 702 14.23 23.27 34.27
C LEU B 702 15.10 22.04 33.99
N LEU B 703 15.54 21.87 32.74
CA LEU B 703 16.40 20.75 32.40
C LEU B 703 17.68 20.78 33.21
N ALA B 704 18.26 21.97 33.39
CA ALA B 704 19.42 22.11 34.27
C ALA B 704 19.08 21.76 35.71
N ILE B 705 17.91 22.20 36.18
CA ILE B 705 17.49 21.89 37.55
C ILE B 705 17.29 20.39 37.72
N ILE B 706 16.70 19.73 36.72
CA ILE B 706 16.56 18.28 36.78
C ILE B 706 17.92 17.61 36.73
N ASN B 707 18.80 18.06 35.83
CA ASN B 707 20.09 17.41 35.65
C ASN B 707 20.97 17.51 36.89
N THR B 708 20.98 18.68 37.54
CA THR B 708 21.84 18.85 38.71
C THR B 708 21.41 17.93 39.85
N GLY B 709 20.09 17.70 39.98
CA GLY B 709 19.62 16.73 40.95
C GLY B 709 20.07 15.31 40.64
N LEU B 710 20.01 14.93 39.37
CA LEU B 710 20.48 13.60 38.96
C LEU B 710 21.98 13.45 39.19
N SER B 711 22.75 14.50 38.85
CA SER B 711 24.20 14.42 39.01
C SER B 711 24.61 14.28 40.46
N LEU B 712 23.93 15.01 41.36
CA LEU B 712 24.26 14.93 42.78
C LEU B 712 24.04 13.53 43.34
N PHE B 713 23.00 12.84 42.86
CA PHE B 713 22.70 11.49 43.31
C PHE B 713 23.31 10.42 42.41
N GLY B 714 24.11 10.81 41.43
CA GLY B 714 24.73 9.85 40.55
C GLY B 714 23.82 9.22 39.52
N LEU B 715 22.66 9.84 39.26
CA LEU B 715 21.75 9.29 38.26
C LEU B 715 22.16 9.74 36.87
N PRO B 716 21.89 8.92 35.85
CA PRO B 716 22.25 9.30 34.47
C PRO B 716 21.51 10.55 34.04
N TRP B 717 22.21 11.36 33.23
CA TRP B 717 21.60 12.57 32.69
C TRP B 717 20.55 12.21 31.64
N ILE B 718 19.55 13.08 31.50
CA ILE B 718 18.50 12.90 30.51
C ILE B 718 18.19 14.25 29.87
N HIS B 719 17.94 14.22 28.56
CA HIS B 719 17.55 15.42 27.83
C HIS B 719 16.50 15.01 26.80
N ALA B 720 16.12 15.96 25.94
CA ALA B 720 15.08 15.71 24.95
C ALA B 720 15.55 14.64 23.96
N ALA B 721 14.83 13.53 23.92
CA ALA B 721 15.16 12.42 23.02
C ALA B 721 14.45 12.63 21.69
N TYR B 722 15.21 12.57 20.61
CA TYR B 722 14.65 12.86 19.28
C TYR B 722 13.56 11.90 18.84
N PRO B 723 13.73 10.56 18.91
CA PRO B 723 12.71 9.69 18.31
C PRO B 723 11.37 9.74 19.02
N HIS B 724 11.37 9.78 20.35
CA HIS B 724 10.13 9.57 21.09
C HIS B 724 9.20 10.77 21.02
N SER B 725 9.76 11.99 21.07
CA SER B 725 8.90 13.17 21.30
C SER B 725 7.99 13.46 20.11
N PRO B 726 8.48 13.57 18.86
CA PRO B 726 7.54 13.72 17.74
C PRO B 726 6.58 12.55 17.61
N LEU B 727 7.03 11.32 17.88
CA LEU B 727 6.12 10.19 17.91
C LEU B 727 5.06 10.37 19.00
N HIS B 728 5.45 10.93 20.14
CA HIS B 728 4.47 11.28 21.16
C HIS B 728 3.49 12.32 20.61
N VAL B 729 4.00 13.33 19.91
CA VAL B 729 3.13 14.31 19.26
C VAL B 729 2.31 13.65 18.16
N ARG B 730 2.95 12.78 17.36
CA ARG B 730 2.24 12.12 16.28
C ARG B 730 1.15 11.21 16.81
N ALA B 731 1.40 10.52 17.92
CA ALA B 731 0.38 9.66 18.50
C ALA B 731 -0.83 10.47 18.97
N LEU B 732 -0.59 11.65 19.55
CA LEU B 732 -1.67 12.50 20.04
C LEU B 732 -2.27 13.38 18.96
N ALA B 733 -1.74 13.34 17.74
CA ALA B 733 -2.24 14.18 16.66
C ALA B 733 -3.40 13.49 15.93
N LEU B 734 -4.19 14.30 15.25
CA LEU B 734 -5.31 13.84 14.44
C LEU B 734 -4.99 14.11 12.98
N VAL B 735 -4.98 13.05 12.16
CA VAL B 735 -4.58 13.12 10.77
C VAL B 735 -5.76 12.80 9.88
N GLU B 736 -5.98 13.63 8.86
CA GLU B 736 -7.03 13.42 7.87
C GLU B 736 -6.43 13.33 6.48
N GLU B 737 -6.89 12.35 5.71
CA GLU B 737 -6.42 12.20 4.33
C GLU B 737 -6.94 13.33 3.46
N ARG B 738 -6.08 13.82 2.57
CA ARG B 738 -6.48 14.83 1.59
C ARG B 738 -5.94 14.47 0.21
N TYR B 745 -1.36 15.88 1.30
CA TYR B 745 -1.79 14.53 1.59
C TYR B 745 -2.27 14.43 3.03
N ASP B 746 -1.49 13.78 3.89
CA ASP B 746 -1.82 13.72 5.30
C ASP B 746 -1.66 15.10 5.94
N THR B 747 -2.69 15.52 6.69
CA THR B 747 -2.68 16.82 7.35
C THR B 747 -3.10 16.64 8.80
N ILE B 748 -2.36 17.26 9.71
CA ILE B 748 -2.64 17.17 11.15
C ILE B 748 -3.63 18.29 11.50
N VAL B 749 -4.85 17.91 11.86
CA VAL B 749 -5.86 18.89 12.22
C VAL B 749 -5.52 19.56 13.55
N ASN B 750 -5.20 18.76 14.56
CA ASN B 750 -4.87 19.28 15.88
C ASN B 750 -4.13 18.22 16.67
N VAL B 751 -3.46 18.65 17.73
CA VAL B 751 -2.72 17.78 18.63
C VAL B 751 -3.29 17.95 20.04
N LYS B 752 -3.61 16.83 20.67
CA LYS B 752 -4.15 16.84 22.04
C LYS B 752 -3.00 17.10 23.00
N GLU B 753 -2.77 18.37 23.33
CA GLU B 753 -1.71 18.75 24.24
C GLU B 753 -2.14 18.44 25.68
N THR B 754 -1.42 17.53 26.33
CA THR B 754 -1.77 17.14 27.69
C THR B 754 -0.53 16.63 28.40
N ARG B 755 -0.51 16.78 29.71
CA ARG B 755 0.57 16.26 30.54
C ARG B 755 0.29 14.86 31.06
N LEU B 756 -0.92 14.34 30.84
CA LEU B 756 -1.28 13.03 31.40
C LEU B 756 -0.44 11.92 30.79
N THR B 757 -0.21 11.95 29.48
CA THR B 757 0.56 10.90 28.83
C THR B 757 2.00 10.87 29.33
N SER B 758 2.64 12.04 29.40
CA SER B 758 4.01 12.09 29.90
C SER B 758 4.08 11.74 31.38
N LEU B 759 3.17 12.29 32.19
CA LEU B 759 3.17 11.99 33.61
C LEU B 759 2.81 10.53 33.86
N GLY B 760 1.83 10.00 33.14
CA GLY B 760 1.43 8.62 33.34
C GLY B 760 2.53 7.64 32.97
N ALA B 761 3.24 7.92 31.87
CA ALA B 761 4.35 7.06 31.47
C ALA B 761 5.46 7.06 32.51
N SER B 762 5.76 8.25 33.06
CA SER B 762 6.82 8.34 34.06
C SER B 762 6.48 7.53 35.31
N VAL B 763 5.22 7.59 35.74
CA VAL B 763 4.80 6.82 36.91
C VAL B 763 4.92 5.33 36.64
N LEU B 764 4.49 4.89 35.46
CA LEU B 764 4.57 3.46 35.13
C LEU B 764 6.02 2.99 35.09
N VAL B 765 6.93 3.81 34.55
CA VAL B 765 8.35 3.46 34.55
C VAL B 765 8.86 3.35 35.99
N GLY B 766 8.47 4.30 36.84
CA GLY B 766 8.88 4.23 38.23
C GLY B 766 8.34 3.01 38.95
N LEU B 767 7.08 2.67 38.70
CA LEU B 767 6.51 1.47 39.31
C LEU B 767 7.14 0.19 38.79
N SER B 768 7.74 0.23 37.59
CA SER B 768 8.41 -0.95 37.06
C SER B 768 9.66 -1.31 37.88
N LEU B 769 10.19 -0.36 38.66
CA LEU B 769 11.36 -0.65 39.48
C LEU B 769 11.04 -1.68 40.56
N LEU B 770 9.80 -1.71 41.06
CA LEU B 770 9.41 -2.70 42.05
C LEU B 770 9.50 -4.12 41.47
N LEU B 771 9.01 -4.30 40.24
CA LEU B 771 9.06 -5.59 39.57
C LEU B 771 10.14 -5.60 38.49
N LEU B 772 11.29 -4.99 38.76
CA LEU B 772 12.34 -4.84 37.77
C LEU B 772 12.82 -6.14 37.13
N PRO B 773 13.04 -7.24 37.86
CA PRO B 773 13.55 -8.46 37.20
C PRO B 773 12.65 -8.98 36.09
N VAL B 774 11.34 -8.77 36.18
CA VAL B 774 10.43 -9.35 35.18
C VAL B 774 10.69 -8.82 33.78
N PRO B 775 10.75 -7.49 33.54
CA PRO B 775 11.16 -7.03 32.21
C PRO B 775 12.56 -7.46 31.83
N LEU B 776 13.48 -7.55 32.79
CA LEU B 776 14.86 -7.94 32.50
C LEU B 776 15.00 -9.42 32.20
N GLN B 777 13.95 -10.22 32.39
CA GLN B 777 13.99 -11.64 32.11
C GLN B 777 13.09 -12.02 30.94
N TRP B 778 11.85 -11.56 30.91
CA TRP B 778 10.92 -11.91 29.85
C TRP B 778 11.16 -11.12 28.56
N ILE B 779 11.89 -10.00 28.63
CA ILE B 779 12.16 -9.21 27.45
C ILE B 779 13.65 -9.32 27.10
N PRO B 780 14.00 -10.08 26.07
CA PRO B 780 15.40 -10.20 25.69
C PRO B 780 15.87 -9.02 24.84
N LYS B 781 17.18 -8.99 24.59
CA LYS B 781 17.76 -7.93 23.77
C LYS B 781 17.18 -7.86 22.36
N PRO B 782 16.98 -8.97 21.63
CA PRO B 782 16.44 -8.84 20.26
C PRO B 782 15.10 -8.12 20.18
N VAL B 783 14.24 -8.28 21.19
CA VAL B 783 12.99 -7.52 21.21
C VAL B 783 13.27 -6.03 21.27
N LEU B 784 14.24 -5.63 22.10
CA LEU B 784 14.66 -4.23 22.14
C LEU B 784 15.22 -3.78 20.79
N TYR B 785 16.02 -4.64 20.15
CA TYR B 785 16.60 -4.28 18.86
C TYR B 785 15.52 -4.08 17.81
N GLY B 786 14.48 -4.91 17.84
CA GLY B 786 13.32 -4.66 16.98
C GLY B 786 12.63 -3.36 17.30
N LEU B 787 12.57 -3.01 18.59
CA LEU B 787 12.00 -1.72 18.98
C LEU B 787 12.81 -0.57 18.40
N PHE B 788 14.14 -0.66 18.46
CA PHE B 788 15.00 0.37 17.88
C PHE B 788 14.76 0.53 16.39
N LEU B 789 14.64 -0.60 15.67
CA LEU B 789 14.34 -0.54 14.25
C LEU B 789 12.96 0.07 13.99
N TYR B 790 11.98 -0.28 14.83
CA TYR B 790 10.63 0.23 14.64
C TYR B 790 10.57 1.74 14.82
N ILE B 791 11.17 2.25 15.90
CA ILE B 791 11.09 3.68 16.19
C ILE B 791 11.88 4.48 15.15
N ALA B 792 13.03 3.95 14.71
CA ALA B 792 13.83 4.65 13.72
C ALA B 792 13.10 4.78 12.39
N LEU B 793 12.45 3.70 11.95
CA LEU B 793 11.75 3.75 10.67
C LEU B 793 10.48 4.60 10.76
N THR B 794 9.72 4.46 11.84
CA THR B 794 8.49 5.23 11.99
C THR B 794 8.77 6.71 12.21
N SER B 795 9.96 7.07 12.68
CA SER B 795 10.30 8.48 12.86
C SER B 795 10.66 9.17 11.55
N LEU B 796 10.86 8.42 10.48
CA LEU B 796 11.17 9.00 9.18
C LEU B 796 9.92 9.26 8.34
N ASP B 797 8.74 8.94 8.85
CA ASP B 797 7.49 9.22 8.16
C ASP B 797 7.21 10.71 8.26
N GLY B 798 7.58 11.46 7.22
CA GLY B 798 7.49 12.90 7.21
C GLY B 798 8.82 13.61 7.12
N ASN B 799 9.93 12.89 7.10
CA ASN B 799 11.24 13.51 6.97
C ASN B 799 11.40 14.10 5.57
N GLN B 800 11.79 15.37 5.50
CA GLN B 800 11.96 16.03 4.21
C GLN B 800 13.09 15.40 3.41
N LEU B 801 14.22 15.13 4.06
CA LEU B 801 15.36 14.54 3.35
C LEU B 801 15.04 13.14 2.85
N VAL B 802 14.37 12.33 3.68
CA VAL B 802 14.07 10.96 3.29
C VAL B 802 13.15 10.92 2.08
N GLN B 803 12.13 11.79 2.06
CA GLN B 803 11.23 11.84 0.91
C GLN B 803 11.96 12.23 -0.36
N ARG B 804 12.86 13.21 -0.28
CA ARG B 804 13.62 13.60 -1.47
C ARG B 804 14.61 12.52 -1.89
N VAL B 805 15.17 11.79 -0.92
CA VAL B 805 16.03 10.65 -1.27
C VAL B 805 15.22 9.59 -2.01
N ALA B 806 14.02 9.28 -1.52
CA ALA B 806 13.14 8.36 -2.25
C ALA B 806 12.70 8.95 -3.58
N LEU B 807 12.60 10.28 -3.66
CA LEU B 807 12.24 10.93 -4.92
C LEU B 807 13.29 10.66 -6.01
N LEU B 808 14.56 10.67 -5.62
CA LEU B 808 15.62 10.50 -6.61
C LEU B 808 15.31 9.26 -7.33
N LEU B 809 15.08 8.20 -6.58
CA LEU B 809 14.68 6.95 -7.19
C LEU B 809 13.18 6.99 -7.30
N LYS B 810 12.63 7.72 -8.26
CA LYS B 810 11.19 7.71 -8.52
C LYS B 810 10.98 8.02 -9.99
N GLU B 811 9.98 7.42 -10.61
CA GLU B 811 9.69 7.74 -12.00
C GLU B 811 9.12 9.14 -12.06
N GLN B 812 9.41 9.87 -13.12
CA GLN B 812 8.98 11.25 -13.22
C GLN B 812 7.48 11.40 -13.03
N THR B 813 6.71 10.50 -13.61
CA THR B 813 5.26 10.62 -13.55
C THR B 813 4.72 10.46 -12.13
N ALA B 814 5.50 9.88 -11.22
CA ALA B 814 5.07 9.67 -9.84
C ALA B 814 5.47 10.80 -8.91
N TYR B 815 6.04 11.88 -9.43
CA TYR B 815 6.45 13.00 -8.60
C TYR B 815 5.23 13.70 -8.01
N PRO B 816 5.12 13.81 -6.69
CA PRO B 816 3.97 14.51 -6.09
C PRO B 816 4.05 16.00 -6.34
N PRO B 817 2.91 16.70 -6.36
CA PRO B 817 2.89 18.15 -6.55
C PRO B 817 3.21 18.93 -5.28
N THR B 818 4.34 18.62 -4.66
CA THR B 818 4.77 19.31 -3.45
C THR B 818 5.19 20.74 -3.76
N HIS B 819 5.23 21.56 -2.71
CA HIS B 819 5.54 22.97 -2.89
C HIS B 819 6.97 23.19 -3.39
N TYR B 820 7.93 22.41 -2.88
CA TYR B 820 9.31 22.63 -3.27
C TYR B 820 9.56 22.21 -4.72
N ILE B 821 8.84 21.19 -5.21
CA ILE B 821 8.98 20.80 -6.60
C ILE B 821 8.45 21.90 -7.51
N ARG B 822 7.31 22.51 -7.15
CA ARG B 822 6.73 23.57 -7.98
C ARG B 822 7.64 24.79 -8.05
N ARG B 823 8.24 25.19 -6.92
CA ARG B 823 9.01 26.41 -6.86
C ARG B 823 10.48 26.22 -7.23
N VAL B 824 11.08 25.09 -6.87
CA VAL B 824 12.51 24.87 -7.07
C VAL B 824 12.71 23.88 -8.21
N PRO B 825 13.67 24.13 -9.12
CA PRO B 825 13.93 23.18 -10.19
C PRO B 825 14.36 21.83 -9.65
N GLN B 826 13.99 20.78 -10.38
CA GLN B 826 14.32 19.41 -9.98
C GLN B 826 15.81 19.23 -9.88
N ARG B 827 16.53 19.79 -10.83
CA ARG B 827 17.99 19.68 -10.80
C ARG B 827 18.57 20.29 -9.54
N LYS B 828 18.04 21.44 -9.12
CA LYS B 828 18.51 22.07 -7.90
C LYS B 828 18.07 21.29 -6.66
N ILE B 829 16.87 20.69 -6.71
CA ILE B 829 16.40 19.88 -5.59
C ILE B 829 17.30 18.68 -5.36
N HIS B 830 17.66 17.99 -6.45
CA HIS B 830 18.52 16.82 -6.34
C HIS B 830 19.93 17.22 -5.88
N TYR B 831 20.42 18.36 -6.34
CA TYR B 831 21.69 18.87 -5.83
C TYR B 831 21.60 19.16 -4.34
N PHE B 832 20.50 19.77 -3.90
CA PHE B 832 20.31 20.02 -2.47
C PHE B 832 20.22 18.72 -1.69
N THR B 833 19.53 17.73 -2.24
CA THR B 833 19.46 16.42 -1.58
C THR B 833 20.84 15.79 -1.49
N GLY B 834 21.62 15.86 -2.57
CA GLY B 834 22.97 15.30 -2.54
C GLY B 834 23.87 15.98 -1.53
N LEU B 835 23.79 17.31 -1.44
CA LEU B 835 24.59 18.04 -0.47
C LEU B 835 24.19 17.67 0.96
N GLN B 836 22.89 17.50 1.21
CA GLN B 836 22.44 17.10 2.53
C GLN B 836 22.96 15.71 2.90
N VAL B 837 22.97 14.79 1.94
CA VAL B 837 23.54 13.46 2.18
C VAL B 837 25.03 13.58 2.49
N LEU B 838 25.72 14.49 1.80
CA LEU B 838 27.13 14.73 2.10
C LEU B 838 27.31 15.24 3.52
N GLN B 839 26.44 16.16 3.95
CA GLN B 839 26.45 16.60 5.34
C GLN B 839 26.13 15.46 6.29
N LEU B 840 25.20 14.59 5.90
CA LEU B 840 24.87 13.43 6.73
C LEU B 840 26.07 12.51 6.90
N LEU B 841 26.83 12.29 5.81
CA LEU B 841 28.03 11.46 5.91
C LEU B 841 29.05 12.08 6.86
N LEU B 842 29.14 13.42 6.89
CA LEU B 842 30.01 14.09 7.83
C LEU B 842 29.59 13.80 9.27
N LEU B 843 28.28 13.83 9.53
CA LEU B 843 27.78 13.49 10.86
C LEU B 843 28.08 12.02 11.20
N CYS B 844 27.90 11.12 10.23
CA CYS B 844 28.17 9.71 10.46
C CYS B 844 29.64 9.46 10.78
N ALA B 845 30.53 10.15 10.06
CA ALA B 845 31.96 9.96 10.28
C ALA B 845 32.37 10.39 11.68
N PHE B 846 31.83 11.52 12.15
CA PHE B 846 32.19 12.03 13.47
C PHE B 846 31.33 11.45 14.59
N GLY B 847 30.05 11.21 14.33
CA GLY B 847 29.14 10.80 15.37
C GLY B 847 29.11 9.31 15.64
N MET B 848 29.55 8.50 14.68
CA MET B 848 29.52 7.04 14.80
C MET B 848 30.88 6.46 14.47
N SER B 849 31.93 7.04 15.02
CA SER B 849 33.29 6.56 14.83
C SER B 849 33.75 5.75 16.04
N SER B 850 34.85 5.02 15.84
CA SER B 850 35.40 4.23 16.94
C SER B 850 36.13 5.11 17.96
N LEU B 851 36.67 6.23 17.51
CA LEU B 851 37.39 7.13 18.41
C LEU B 851 36.41 7.88 19.30
N PRO B 852 36.51 7.78 20.63
CA PRO B 852 35.57 8.51 21.49
C PRO B 852 35.67 10.02 21.36
N TYR B 853 36.86 10.55 21.09
CA TYR B 853 37.04 12.00 21.05
C TYR B 853 36.23 12.65 19.94
N MET B 854 36.21 12.04 18.76
CA MET B 854 35.45 12.60 17.64
C MET B 854 33.96 12.56 17.92
N LYS B 855 33.48 11.52 18.60
CA LYS B 855 32.07 11.46 18.98
C LYS B 855 31.74 12.50 20.05
N MET B 856 32.70 12.83 20.91
CA MET B 856 32.45 13.84 21.94
C MET B 856 32.34 15.23 21.34
N ILE B 857 33.10 15.51 20.28
CA ILE B 857 33.11 16.83 19.65
C ILE B 857 32.01 16.90 18.59
N PHE B 858 31.12 15.91 18.58
CA PHE B 858 29.99 15.90 17.64
C PHE B 858 29.14 17.15 17.70
N PRO B 859 28.81 17.74 18.87
CA PRO B 859 28.05 19.00 18.85
C PRO B 859 28.73 20.10 18.06
N LEU B 860 30.07 20.14 18.04
CA LEU B 860 30.76 21.12 17.20
C LEU B 860 30.44 20.92 15.73
N ILE B 861 30.34 19.66 15.30
CA ILE B 861 29.98 19.38 13.91
C ILE B 861 28.57 19.88 13.62
N MET B 862 27.63 19.67 14.55
CA MET B 862 26.28 20.19 14.37
C MET B 862 26.30 21.71 14.32
N ILE B 863 27.11 22.36 15.15
CA ILE B 863 27.27 23.80 15.08
C ILE B 863 27.83 24.22 13.72
N ALA B 864 28.82 23.46 13.22
CA ALA B 864 29.45 23.79 11.95
C ALA B 864 28.49 23.68 10.77
N MET B 865 27.34 23.00 10.95
CA MET B 865 26.37 22.89 9.88
C MET B 865 25.71 24.21 9.54
N ILE B 866 25.59 25.11 10.50
CA ILE B 866 24.94 26.42 10.28
C ILE B 866 25.78 27.26 9.31
N PRO B 867 27.09 27.40 9.49
CA PRO B 867 27.87 28.13 8.46
C PRO B 867 27.78 27.50 7.08
N ILE B 868 27.73 26.16 7.00
CA ILE B 868 27.60 25.50 5.71
C ILE B 868 26.27 25.87 5.05
N ARG B 869 25.19 25.87 5.85
CA ARG B 869 23.87 26.17 5.31
C ARG B 869 23.77 27.60 4.80
N TYR B 870 24.34 28.56 5.53
CA TYR B 870 24.11 29.97 5.26
C TYR B 870 25.26 30.64 4.51
N ILE B 871 26.40 29.97 4.32
CA ILE B 871 27.54 30.54 3.63
C ILE B 871 27.97 29.68 2.45
N LEU B 872 28.10 28.36 2.66
CA LEU B 872 28.59 27.47 1.61
C LEU B 872 27.49 27.07 0.64
N LEU B 873 26.33 26.66 1.16
CA LEU B 873 25.22 26.27 0.28
C LEU B 873 24.77 27.39 -0.66
N PRO B 874 24.63 28.65 -0.25
CA PRO B 874 24.28 29.69 -1.22
C PRO B 874 25.25 29.81 -2.38
N ARG B 875 26.54 29.52 -2.15
CA ARG B 875 27.52 29.59 -3.23
C ARG B 875 27.26 28.57 -4.33
N ILE B 876 26.61 27.45 -4.01
CA ILE B 876 26.33 26.40 -4.98
C ILE B 876 24.92 26.50 -5.54
N ILE B 877 23.93 26.63 -4.66
CA ILE B 877 22.52 26.73 -5.06
C ILE B 877 22.01 28.11 -4.67
N GLU B 878 21.17 28.68 -5.53
CA GLU B 878 20.64 30.02 -5.29
C GLU B 878 19.92 30.10 -3.95
N ALA B 879 20.12 31.21 -3.25
CA ALA B 879 19.56 31.37 -1.91
C ALA B 879 18.04 31.33 -1.93
N LYS B 880 17.42 31.81 -3.01
CA LYS B 880 15.96 31.77 -3.11
C LYS B 880 15.44 30.34 -3.08
N TYR B 881 16.11 29.43 -3.80
CA TYR B 881 15.72 28.03 -3.78
C TYR B 881 15.89 27.42 -2.40
N LEU B 882 16.98 27.76 -1.71
CA LEU B 882 17.22 27.21 -0.38
C LEU B 882 16.15 27.65 0.61
N ASP B 883 15.71 28.91 0.53
CA ASP B 883 14.67 29.39 1.42
C ASP B 883 13.36 28.64 1.23
N VAL B 884 13.04 28.27 -0.02
CA VAL B 884 11.82 27.50 -0.28
C VAL B 884 11.89 26.15 0.40
N MET B 885 13.06 25.51 0.36
CA MET B 885 13.22 24.20 1.00
C MET B 885 12.96 24.29 2.50
N ASP B 886 13.49 25.33 3.16
CA ASP B 886 13.23 25.51 4.58
C ASP B 886 11.75 25.75 4.85
N ALA B 887 11.10 26.55 4.03
CA ALA B 887 9.68 26.85 4.19
C ALA B 887 8.83 25.63 3.85
O12 PT5 C . -29.93 -5.21 7.85
P1 PT5 C . -29.09 -4.93 6.66
O13 PT5 C . -27.60 -4.57 7.09
O11 PT5 C . -29.02 -6.05 5.63
O6 PT5 C . -27.95 -3.30 3.61
O1 PT5 C . -29.56 -3.64 5.90
C1 PT5 C . -28.98 -2.36 5.58
C6 PT5 C . -28.78 -2.26 4.08
C2 PT5 C . -29.89 -1.27 6.10
O2 PT5 C . -30.12 -1.42 7.49
C3 PT5 C . -29.25 0.09 5.83
O3 PT5 C . -30.10 1.13 6.29
C4 PT5 C . -28.97 0.24 4.33
O4 PT5 C . -28.25 1.48 4.13
P4 PT5 C . -28.85 2.96 4.01
O41 PT5 C . -29.36 3.40 5.33
O42 PT5 C . -29.95 2.87 2.94
O43 PT5 C . -27.72 3.82 3.48
C5 PT5 C . -28.14 -0.90 3.80
O5 PT5 C . -28.00 -0.75 2.37
P5 PT5 C . -26.60 -0.58 1.59
O52 PT5 C . -25.58 -0.03 2.51
O51 PT5 C . -26.25 -1.95 1.03
O53 PT5 C . -26.89 0.34 0.41
C7 PT5 C . -26.64 -5.50 7.64
C8 PT5 C . -25.94 -6.20 6.51
C9 PT5 C . -24.46 -5.91 6.47
O16 PT5 C . -26.21 -7.64 6.58
C10 PT5 C . -25.61 -8.39 7.52
O17 PT5 C . -25.77 -8.22 8.70
O18 PT5 C . -23.83 -6.21 7.73
C11 PT5 C . -22.54 -5.90 7.83
O19 PT5 C . -21.96 -5.16 7.09
C12 PT5 C . -24.75 -9.45 6.91
C13 PT5 C . -25.21 -10.86 7.25
C14 PT5 C . -24.80 -11.31 8.64
C15 PT5 C . -24.12 -12.66 8.67
C16 PT5 C . -22.78 -12.71 7.96
C17 PT5 C . -22.15 -14.09 7.91
C18 PT5 C . -20.72 -14.10 7.38
C19 PT5 C . -20.19 -15.49 7.19
C20 PT5 C . -19.35 -16.12 7.99
C21 PT5 C . -17.93 -15.73 8.25
C22 PT5 C . -16.93 -16.60 7.48
C23 PT5 C . -15.48 -16.31 7.82
C24 PT5 C . -14.49 -17.20 7.07
C31 PT5 C . -21.90 -6.64 8.97
C32 PT5 C . -21.01 -7.78 8.51
C33 PT5 C . -20.54 -8.65 9.66
C34 PT5 C . -19.64 -9.80 9.23
C35 PT5 C . -19.17 -10.68 10.38
C36 PT5 C . -18.08 -11.66 10.01
C37 PT5 C . -17.60 -12.52 11.16
C38 PT5 C . -16.42 -13.37 10.80
C25 PT5 C . -13.04 -17.00 7.50
O12 PT5 D . 18.34 18.45 -17.54
P1 PT5 D . 17.19 18.54 -16.63
O13 PT5 D . 16.65 17.08 -16.25
O11 PT5 D . 17.43 19.28 -15.33
O6 PT5 D . 13.86 19.40 -15.39
O1 PT5 D . 15.93 19.21 -17.30
C1 PT5 D . 14.59 18.80 -17.63
C6 PT5 D . 13.60 19.58 -16.78
C2 PT5 D . 14.34 19.02 -19.10
O2 PT5 D . 15.32 18.33 -19.88
C3 PT5 D . 12.95 18.52 -19.46
O3 PT5 D . 12.70 18.75 -20.84
C4 PT5 D . 11.91 19.24 -18.61
O4 PT5 D . 10.62 18.66 -18.88
P4 PT5 D . 9.63 19.00 -20.10
O41 PT5 D . 10.18 18.48 -21.36
O42 PT5 D . 9.45 20.52 -20.08
O43 PT5 D . 8.29 18.36 -19.72
C5 PT5 D . 12.20 19.10 -17.13
O5 PT5 D . 11.25 19.89 -16.39
P5 PT5 D . 10.21 19.29 -15.30
O52 PT5 D . 9.96 17.86 -15.56
O51 PT5 D . 10.82 19.55 -13.93
O53 PT5 D . 8.96 20.14 -15.41
C7 PT5 D . 17.33 16.12 -15.43
C8 PT5 D . 17.01 16.41 -13.99
C9 PT5 D . 16.26 15.27 -13.32
O16 PT5 D . 18.23 16.75 -13.25
C10 PT5 D . 19.12 15.79 -12.95
O17 PT5 D . 19.70 15.14 -13.77
O18 PT5 D . 16.99 14.03 -13.45
C11 PT5 D . 16.38 12.94 -12.99
O19 PT5 D . 15.21 12.88 -12.73
C12 PT5 D . 19.31 15.68 -11.47
C13 PT5 D . 20.72 16.00 -11.00
C14 PT5 D . 21.69 14.86 -11.23
C15 PT5 D . 22.51 14.50 -10.01
C16 PT5 D . 21.71 13.94 -8.86
C17 PT5 D . 22.52 13.68 -7.60
C18 PT5 D . 21.76 12.93 -6.51
C19 PT5 D . 22.53 12.82 -5.24
C20 PT5 D . 23.17 11.76 -4.79
C21 PT5 D . 22.54 10.47 -4.38
C22 PT5 D . 22.45 10.31 -2.87
C23 PT5 D . 21.93 8.95 -2.42
C24 PT5 D . 21.86 8.79 -0.91
C31 PT5 D . 17.36 11.81 -12.77
C32 PT5 D . 17.68 11.60 -11.30
C33 PT5 D . 18.82 10.62 -11.10
C34 PT5 D . 19.15 10.35 -9.64
C35 PT5 D . 20.31 9.39 -9.44
C36 PT5 D . 20.48 8.92 -8.00
C37 PT5 D . 21.62 7.94 -7.80
C38 PT5 D . 21.68 7.39 -6.41
C25 PT5 D . 21.46 7.40 -0.45
#